data_1ZYK
#
_entry.id   1ZYK
#
_cell.length_a   92.556
_cell.length_b   66.099
_cell.length_c   117.069
_cell.angle_alpha   90.00
_cell.angle_beta   107.76
_cell.angle_gamma   90.00
#
_symmetry.space_group_name_H-M   'P 1 2 1'
#
loop_
_entity.id
_entity.type
_entity.pdbx_description
1 polymer 'Anthranilate phosphoribosyltransferase'
2 non-polymer 'MAGNESIUM ION'
3 non-polymer 1-O-pyrophosphono-5-O-phosphono-alpha-D-ribofuranose
4 non-polymer '2-AMINOBENZOIC ACID'
5 water water
#
_entity_poly.entity_id   1
_entity_poly.type   'polypeptide(L)'
_entity_poly.pdbx_seq_one_letter_code
;MNINEILKKLINKSDLEINEAEELAKAIIRGEVPEILVSAILVALRMKGESKNEIVGFARAMRELAIKIDVPNAIDTAGT
GGDGLGTVNVSTASAILLSLVNPVAKHGNRAVSGKSGSADVLEALGYNIIVPPERAKELVNKTNFVFLFAQYYHPAMKNV
ANVRKTLGIRTIFNILGPLTNPANAKYQLMGVFSKDHLDLLSKSAYELDFNKIILVYGEPGIDEVSPIGNTFMKIVSKRG
IEEVKLNVTDFGISPIPIEKLIVNSAEDSAIKIVRAFLGKDEHVAEFIKINTAVALFALDRVGDFREGYEYADHLIEKSL
DKLNEIISMNGDVTKLKTIVVKSSG
;
_entity_poly.pdbx_strand_id   A,B,C,D
#
loop_
_chem_comp.id
_chem_comp.type
_chem_comp.name
_chem_comp.formula
MG non-polymer 'MAGNESIUM ION' 'Mg 2'
PRP D-saccharide 1-O-pyrophosphono-5-O-phosphono-alpha-D-ribofuranose 'C5 H13 O14 P3'
#
# COMPACT_ATOMS: atom_id res chain seq x y z
N MET A 1 -21.54 -1.50 -10.38
CA MET A 1 -22.27 -0.20 -10.48
C MET A 1 -23.46 -0.21 -9.53
N ASN A 2 -23.30 0.41 -8.37
CA ASN A 2 -24.38 0.47 -7.39
C ASN A 2 -24.95 1.88 -7.37
N ILE A 3 -26.26 1.96 -7.57
CA ILE A 3 -26.94 3.25 -7.62
C ILE A 3 -26.90 4.00 -6.28
N ASN A 4 -27.05 3.28 -5.17
CA ASN A 4 -27.06 3.91 -3.84
C ASN A 4 -25.82 4.69 -3.44
N GLU A 5 -24.64 4.08 -3.54
CA GLU A 5 -23.41 4.78 -3.16
C GLU A 5 -23.27 5.97 -4.08
N ILE A 6 -23.51 5.75 -5.38
CA ILE A 6 -23.41 6.83 -6.34
C ILE A 6 -24.19 8.04 -5.82
N LEU A 7 -25.47 7.83 -5.52
CA LEU A 7 -26.31 8.90 -5.01
C LEU A 7 -25.73 9.53 -3.75
N LYS A 8 -25.40 8.70 -2.76
CA LYS A 8 -24.83 9.21 -1.52
C LYS A 8 -23.58 10.03 -1.79
N LYS A 9 -22.77 9.54 -2.73
CA LYS A 9 -21.55 10.24 -3.08
C LYS A 9 -21.84 11.62 -3.70
N LEU A 10 -22.91 11.71 -4.48
CA LEU A 10 -23.29 12.96 -5.11
C LEU A 10 -23.90 13.87 -4.05
N ILE A 11 -24.67 13.29 -3.12
CA ILE A 11 -25.29 14.07 -2.06
C ILE A 11 -24.19 14.70 -1.21
N ASN A 12 -23.05 14.01 -1.10
CA ASN A 12 -21.92 14.53 -0.33
C ASN A 12 -21.09 15.50 -1.15
N LYS A 13 -21.55 15.77 -2.38
CA LYS A 13 -20.89 16.70 -3.27
C LYS A 13 -19.49 16.28 -3.70
N SER A 14 -19.35 14.99 -4.00
CA SER A 14 -18.09 14.40 -4.46
C SER A 14 -18.24 14.10 -5.95
N ASP A 15 -17.29 14.59 -6.74
CA ASP A 15 -17.31 14.36 -8.19
C ASP A 15 -17.11 12.87 -8.46
N LEU A 16 -17.77 12.36 -9.49
CA LEU A 16 -17.62 10.96 -9.84
C LEU A 16 -16.42 10.78 -10.74
N GLU A 17 -15.98 9.54 -10.93
CA GLU A 17 -14.87 9.25 -11.84
C GLU A 17 -15.53 9.07 -13.20
N ILE A 18 -14.77 9.24 -14.27
CA ILE A 18 -15.32 9.09 -15.62
C ILE A 18 -16.09 7.79 -15.82
N ASN A 19 -15.48 6.66 -15.43
CA ASN A 19 -16.14 5.37 -15.61
C ASN A 19 -17.37 5.20 -14.73
N GLU A 20 -17.37 5.82 -13.56
CA GLU A 20 -18.52 5.76 -12.66
C GLU A 20 -19.68 6.43 -13.39
N ALA A 21 -19.46 7.68 -13.75
CA ALA A 21 -20.45 8.49 -14.44
C ALA A 21 -20.98 7.80 -15.70
N GLU A 22 -20.09 7.20 -16.48
CA GLU A 22 -20.51 6.52 -17.71
C GLU A 22 -21.40 5.32 -17.41
N GLU A 23 -21.01 4.54 -16.41
CA GLU A 23 -21.81 3.37 -16.05
C GLU A 23 -23.18 3.84 -15.54
N LEU A 24 -23.18 4.91 -14.75
CA LEU A 24 -24.41 5.48 -14.24
C LEU A 24 -25.29 5.92 -15.43
N ALA A 25 -24.72 6.74 -16.31
CA ALA A 25 -25.45 7.22 -17.48
C ALA A 25 -26.00 6.07 -18.31
N LYS A 26 -25.18 5.04 -18.53
CA LYS A 26 -25.62 3.89 -19.31
C LYS A 26 -26.84 3.23 -18.69
N ALA A 27 -26.81 3.06 -17.37
CA ALA A 27 -27.93 2.43 -16.68
C ALA A 27 -29.18 3.31 -16.78
N ILE A 28 -29.01 4.60 -16.60
CA ILE A 28 -30.15 5.51 -16.67
C ILE A 28 -30.79 5.53 -18.05
N ILE A 29 -29.97 5.74 -19.07
CA ILE A 29 -30.45 5.78 -20.45
C ILE A 29 -31.03 4.45 -20.93
N ARG A 30 -30.59 3.35 -20.33
CA ARG A 30 -31.13 2.05 -20.72
C ARG A 30 -32.49 1.82 -20.04
N GLY A 31 -32.82 2.69 -19.09
CA GLY A 31 -34.09 2.59 -18.40
C GLY A 31 -34.10 1.57 -17.27
N GLU A 32 -32.91 1.28 -16.74
CA GLU A 32 -32.74 0.31 -15.66
C GLU A 32 -32.71 0.92 -14.26
N VAL A 33 -33.04 2.20 -14.17
CA VAL A 33 -33.04 2.89 -12.88
C VAL A 33 -34.41 3.49 -12.64
N PRO A 34 -34.99 3.27 -11.46
CA PRO A 34 -36.31 3.80 -11.14
C PRO A 34 -36.37 5.31 -11.27
N GLU A 35 -37.48 5.83 -11.78
CA GLU A 35 -37.66 7.27 -11.97
C GLU A 35 -37.33 8.09 -10.73
N ILE A 36 -37.70 7.57 -9.56
CA ILE A 36 -37.42 8.27 -8.31
C ILE A 36 -35.92 8.50 -8.12
N LEU A 37 -35.12 7.50 -8.49
CA LEU A 37 -33.67 7.60 -8.36
C LEU A 37 -33.06 8.43 -9.49
N VAL A 38 -33.61 8.30 -10.69
CA VAL A 38 -33.09 9.08 -11.80
C VAL A 38 -33.29 10.55 -11.47
N SER A 39 -34.46 10.86 -10.92
CA SER A 39 -34.79 12.22 -10.53
C SER A 39 -33.82 12.73 -9.46
N ALA A 40 -33.54 11.91 -8.44
CA ALA A 40 -32.61 12.32 -7.38
C ALA A 40 -31.21 12.54 -7.95
N ILE A 41 -30.76 11.60 -8.79
CA ILE A 41 -29.45 11.71 -9.41
C ILE A 41 -29.27 13.02 -10.18
N LEU A 42 -30.21 13.33 -11.05
CA LEU A 42 -30.11 14.54 -11.85
C LEU A 42 -30.12 15.81 -10.99
N VAL A 43 -30.96 15.83 -9.96
CA VAL A 43 -31.03 16.99 -9.07
C VAL A 43 -29.73 17.15 -8.26
N ALA A 44 -29.20 16.06 -7.74
CA ALA A 44 -27.96 16.15 -6.95
C ALA A 44 -26.83 16.64 -7.84
N LEU A 45 -26.78 16.07 -9.05
CA LEU A 45 -25.77 16.43 -10.03
C LEU A 45 -25.81 17.92 -10.30
N ARG A 46 -27.01 18.49 -10.43
CA ARG A 46 -27.10 19.91 -10.69
C ARG A 46 -26.76 20.80 -9.50
N MET A 47 -27.17 20.37 -8.31
CA MET A 47 -26.88 21.16 -7.10
C MET A 47 -25.43 21.03 -6.67
N LYS A 48 -24.81 19.91 -7.00
CA LYS A 48 -23.41 19.74 -6.67
C LYS A 48 -22.65 20.60 -7.68
N GLY A 49 -23.09 20.51 -8.94
CA GLY A 49 -22.46 21.22 -10.03
C GLY A 49 -21.68 20.16 -10.78
N GLU A 50 -22.11 19.84 -11.99
CA GLU A 50 -21.44 18.80 -12.76
C GLU A 50 -19.98 19.10 -13.05
N SER A 51 -19.14 18.10 -12.85
CA SER A 51 -17.70 18.22 -13.09
C SER A 51 -17.38 17.61 -14.45
N LYS A 52 -16.16 17.88 -14.92
CA LYS A 52 -15.68 17.39 -16.20
C LYS A 52 -15.81 15.88 -16.39
N ASN A 53 -15.37 15.10 -15.42
CA ASN A 53 -15.46 13.64 -15.56
C ASN A 53 -16.87 13.16 -15.82
N GLU A 54 -17.83 13.72 -15.10
CA GLU A 54 -19.22 13.36 -15.23
C GLU A 54 -19.77 13.74 -16.60
N ILE A 55 -19.32 14.87 -17.13
CA ILE A 55 -19.76 15.32 -18.46
C ILE A 55 -19.16 14.37 -19.51
N VAL A 56 -17.91 13.98 -19.30
CA VAL A 56 -17.21 13.07 -20.21
C VAL A 56 -17.85 11.71 -20.14
N GLY A 57 -18.13 11.26 -18.92
CA GLY A 57 -18.73 9.96 -18.74
C GLY A 57 -20.11 9.83 -19.34
N PHE A 58 -20.92 10.89 -19.19
CA PHE A 58 -22.27 10.87 -19.73
C PHE A 58 -22.23 10.93 -21.25
N ALA A 59 -21.34 11.77 -21.78
CA ALA A 59 -21.20 11.92 -23.22
C ALA A 59 -20.86 10.58 -23.87
N ARG A 60 -19.84 9.91 -23.35
CA ARG A 60 -19.43 8.63 -23.90
C ARG A 60 -20.57 7.62 -23.83
N ALA A 61 -21.35 7.65 -22.76
CA ALA A 61 -22.47 6.73 -22.61
C ALA A 61 -23.49 6.94 -23.73
N MET A 62 -23.88 8.18 -23.96
CA MET A 62 -24.85 8.47 -25.02
C MET A 62 -24.32 8.13 -26.42
N ARG A 63 -23.04 8.41 -26.65
CA ARG A 63 -22.46 8.11 -27.96
C ARG A 63 -22.56 6.63 -28.22
N GLU A 64 -22.24 5.84 -27.20
CA GLU A 64 -22.25 4.39 -27.32
C GLU A 64 -23.64 3.80 -27.50
N LEU A 65 -24.67 4.44 -26.97
CA LEU A 65 -26.02 3.92 -27.10
C LEU A 65 -26.81 4.51 -28.26
N ALA A 66 -26.21 5.45 -28.97
CA ALA A 66 -26.90 6.08 -30.08
C ALA A 66 -26.74 5.34 -31.41
N ILE A 67 -27.64 5.63 -32.33
CA ILE A 67 -27.60 5.04 -33.67
C ILE A 67 -26.47 5.82 -34.34
N LYS A 68 -25.47 5.12 -34.88
CA LYS A 68 -24.35 5.81 -35.48
C LYS A 68 -24.18 5.66 -37.00
N ILE A 69 -23.26 6.45 -37.53
CA ILE A 69 -22.87 6.44 -38.94
C ILE A 69 -21.43 6.93 -38.87
N ASP A 70 -20.62 6.53 -39.83
CA ASP A 70 -19.22 6.90 -39.82
C ASP A 70 -18.84 8.01 -40.80
N VAL A 71 -18.49 9.18 -40.26
CA VAL A 71 -18.08 10.32 -41.07
C VAL A 71 -17.26 11.25 -40.18
N PRO A 72 -16.20 10.73 -39.55
CA PRO A 72 -15.33 11.51 -38.66
C PRO A 72 -14.75 12.77 -39.29
N ASN A 73 -14.62 12.76 -40.61
CA ASN A 73 -14.06 13.90 -41.34
C ASN A 73 -15.04 15.08 -41.38
N ALA A 74 -16.29 14.84 -41.03
CA ALA A 74 -17.30 15.89 -41.08
C ALA A 74 -17.15 16.93 -39.98
N ILE A 75 -17.85 18.04 -40.16
CA ILE A 75 -17.84 19.12 -39.18
C ILE A 75 -19.30 19.35 -38.76
N ASP A 76 -19.51 19.75 -37.51
CA ASP A 76 -20.86 20.03 -36.99
C ASP A 76 -20.81 21.44 -36.44
N THR A 77 -21.96 22.11 -36.39
CA THR A 77 -22.01 23.48 -35.86
C THR A 77 -23.01 23.65 -34.72
N ALA A 78 -23.61 22.54 -34.28
CA ALA A 78 -24.60 22.59 -33.21
C ALA A 78 -24.07 23.18 -31.91
N GLY A 79 -24.92 23.95 -31.23
CA GLY A 79 -24.56 24.54 -29.95
C GLY A 79 -25.54 24.02 -28.90
N THR A 80 -25.29 24.34 -27.63
CA THR A 80 -26.15 23.87 -26.53
C THR A 80 -27.54 24.50 -26.51
N GLY A 81 -27.68 25.69 -27.09
CA GLY A 81 -28.96 26.36 -27.06
C GLY A 81 -29.24 26.73 -25.62
N GLY A 82 -30.43 27.29 -25.36
CA GLY A 82 -30.77 27.66 -24.00
C GLY A 82 -30.65 29.15 -23.69
N ASP A 83 -30.09 29.94 -24.60
CA ASP A 83 -29.96 31.38 -24.36
C ASP A 83 -31.35 32.01 -24.35
N GLY A 84 -32.25 31.46 -25.16
CA GLY A 84 -33.62 31.95 -25.19
C GLY A 84 -33.97 33.22 -25.95
N LEU A 85 -33.01 33.89 -26.58
CA LEU A 85 -33.33 35.13 -27.30
C LEU A 85 -34.10 34.91 -28.61
N GLY A 86 -34.12 33.67 -29.09
CA GLY A 86 -34.82 33.39 -30.34
C GLY A 86 -34.23 34.02 -31.60
N THR A 87 -32.91 33.95 -31.75
CA THR A 87 -32.25 34.51 -32.92
C THR A 87 -32.46 33.58 -34.11
N VAL A 88 -32.13 34.08 -35.29
CA VAL A 88 -32.22 33.32 -36.52
C VAL A 88 -31.29 32.09 -36.36
N ASN A 89 -31.71 30.95 -36.91
CA ASN A 89 -30.91 29.72 -36.80
C ASN A 89 -29.60 29.87 -37.59
N VAL A 90 -28.61 30.49 -36.96
CA VAL A 90 -27.34 30.77 -37.60
C VAL A 90 -26.40 29.58 -37.82
N SER A 91 -26.40 28.60 -36.91
CA SER A 91 -25.53 27.45 -37.12
C SER A 91 -26.02 26.55 -38.23
N THR A 92 -27.33 26.43 -38.41
CA THR A 92 -27.87 25.61 -39.49
C THR A 92 -27.50 26.30 -40.80
N ALA A 93 -27.71 27.61 -40.83
CA ALA A 93 -27.40 28.40 -42.01
C ALA A 93 -25.93 28.19 -42.32
N SER A 94 -25.12 28.36 -41.29
CA SER A 94 -23.69 28.22 -41.41
C SER A 94 -23.27 26.83 -41.87
N ALA A 95 -24.06 25.82 -41.50
CA ALA A 95 -23.77 24.43 -41.87
C ALA A 95 -23.91 24.25 -43.38
N ILE A 96 -24.73 25.08 -44.00
CA ILE A 96 -24.92 25.01 -45.42
C ILE A 96 -23.68 25.57 -46.15
N LEU A 97 -23.16 26.70 -45.69
CA LEU A 97 -21.98 27.26 -46.35
C LEU A 97 -20.83 26.28 -46.31
N LEU A 98 -20.65 25.65 -45.15
CA LEU A 98 -19.55 24.71 -44.97
C LEU A 98 -19.64 23.47 -45.85
N SER A 99 -20.85 23.04 -46.20
CA SER A 99 -20.97 21.86 -47.03
C SER A 99 -20.38 22.04 -48.42
N LEU A 100 -20.06 23.29 -48.76
CA LEU A 100 -19.45 23.60 -50.06
C LEU A 100 -17.98 23.17 -50.07
N VAL A 101 -17.33 23.13 -48.90
CA VAL A 101 -15.92 22.77 -48.85
C VAL A 101 -15.54 21.71 -47.85
N ASN A 102 -16.52 21.02 -47.26
CA ASN A 102 -16.24 19.95 -46.30
C ASN A 102 -17.52 19.22 -45.95
N PRO A 103 -17.43 17.89 -45.76
CA PRO A 103 -18.68 17.19 -45.41
C PRO A 103 -19.22 17.73 -44.08
N VAL A 104 -20.54 17.91 -44.03
CA VAL A 104 -21.20 18.44 -42.85
C VAL A 104 -22.22 17.46 -42.25
N ALA A 105 -22.09 17.19 -40.95
CA ALA A 105 -23.03 16.31 -40.26
C ALA A 105 -23.64 17.16 -39.15
N LYS A 106 -24.72 17.87 -39.47
CA LYS A 106 -25.37 18.75 -38.50
C LYS A 106 -26.34 18.03 -37.58
N HIS A 107 -25.96 17.96 -36.31
CA HIS A 107 -26.76 17.33 -35.25
C HIS A 107 -27.69 18.42 -34.73
N GLY A 108 -28.98 18.12 -34.60
CA GLY A 108 -29.90 19.12 -34.11
C GLY A 108 -31.27 18.59 -33.70
N ASN A 109 -32.06 19.46 -33.08
CA ASN A 109 -33.41 19.09 -32.64
C ASN A 109 -34.39 20.22 -32.95
N ARG A 110 -35.65 19.99 -32.62
CA ARG A 110 -36.65 21.04 -32.81
C ARG A 110 -36.55 21.90 -31.56
N ALA A 111 -37.36 22.95 -31.49
CA ALA A 111 -37.33 23.82 -30.33
C ALA A 111 -38.67 23.85 -29.61
N VAL A 112 -38.73 24.66 -28.56
CA VAL A 112 -39.92 24.88 -27.74
C VAL A 112 -39.70 26.23 -27.08
N SER A 113 -38.43 26.54 -26.82
CA SER A 113 -38.05 27.81 -26.21
C SER A 113 -37.80 28.85 -27.29
N GLY A 114 -38.69 28.89 -28.28
CA GLY A 114 -38.59 29.85 -29.35
C GLY A 114 -39.25 29.38 -30.63
N LYS A 115 -39.92 28.24 -30.54
CA LYS A 115 -40.59 27.65 -31.69
C LYS A 115 -39.83 27.79 -33.01
N SER A 116 -38.49 27.60 -32.95
CA SER A 116 -37.66 27.64 -34.16
C SER A 116 -36.25 27.11 -33.93
N GLY A 117 -36.12 25.79 -33.84
CA GLY A 117 -34.83 25.18 -33.63
C GLY A 117 -34.27 24.75 -34.97
N SER A 118 -33.05 24.21 -34.96
CA SER A 118 -32.42 23.76 -36.19
C SER A 118 -33.33 22.88 -37.03
N ALA A 119 -33.98 21.90 -36.40
CA ALA A 119 -34.85 20.99 -37.13
C ALA A 119 -36.05 21.71 -37.72
N ASP A 120 -36.58 22.69 -37.00
CA ASP A 120 -37.75 23.42 -37.50
C ASP A 120 -37.47 24.24 -38.75
N VAL A 121 -36.34 24.93 -38.77
CA VAL A 121 -36.07 25.74 -39.95
C VAL A 121 -35.78 24.86 -41.17
N LEU A 122 -35.12 23.72 -40.95
CA LEU A 122 -34.84 22.84 -42.08
C LEU A 122 -36.14 22.35 -42.68
N GLU A 123 -37.06 21.93 -41.81
CA GLU A 123 -38.35 21.43 -42.26
C GLU A 123 -39.07 22.52 -43.04
N ALA A 124 -39.02 23.75 -42.53
CA ALA A 124 -39.67 24.86 -43.19
C ALA A 124 -39.04 25.17 -44.55
N LEU A 125 -37.79 24.78 -44.75
CA LEU A 125 -37.14 25.02 -46.04
C LEU A 125 -37.53 23.92 -47.03
N GLY A 126 -38.12 22.84 -46.52
CA GLY A 126 -38.54 21.74 -47.41
C GLY A 126 -37.69 20.48 -47.25
N TYR A 127 -36.74 20.51 -46.32
CA TYR A 127 -35.87 19.36 -46.09
C TYR A 127 -36.62 18.30 -45.29
N ASN A 128 -36.28 17.04 -45.47
CA ASN A 128 -36.92 15.97 -44.72
C ASN A 128 -35.98 15.66 -43.55
N ILE A 129 -36.24 16.28 -42.42
CA ILE A 129 -35.41 16.14 -41.25
C ILE A 129 -35.30 14.73 -40.64
N ILE A 130 -36.14 13.81 -41.09
CA ILE A 130 -36.10 12.43 -40.59
C ILE A 130 -35.35 11.55 -41.59
N VAL A 131 -34.05 11.37 -41.36
CA VAL A 131 -33.19 10.59 -42.24
C VAL A 131 -32.66 9.32 -41.60
N PRO A 132 -32.93 8.15 -42.24
CA PRO A 132 -32.45 6.86 -41.74
C PRO A 132 -30.94 6.87 -41.90
N PRO A 133 -30.22 6.13 -41.03
CA PRO A 133 -28.76 6.07 -41.10
C PRO A 133 -28.15 5.65 -42.43
N GLU A 134 -28.69 4.60 -43.05
CA GLU A 134 -28.17 4.13 -44.33
C GLU A 134 -28.30 5.22 -45.40
N ARG A 135 -29.44 5.90 -45.42
CA ARG A 135 -29.71 6.97 -46.37
C ARG A 135 -28.88 8.21 -46.02
N ALA A 136 -28.59 8.40 -44.74
CA ALA A 136 -27.83 9.55 -44.29
C ALA A 136 -26.41 9.55 -44.84
N LYS A 137 -25.80 8.37 -44.86
CA LYS A 137 -24.45 8.21 -45.37
C LYS A 137 -24.42 8.53 -46.86
N GLU A 138 -25.46 8.08 -47.58
CA GLU A 138 -25.55 8.31 -49.01
C GLU A 138 -25.69 9.81 -49.32
N LEU A 139 -26.54 10.52 -48.57
CA LEU A 139 -26.75 11.95 -48.79
C LEU A 139 -25.48 12.79 -48.59
N VAL A 140 -24.64 12.41 -47.63
CA VAL A 140 -23.41 13.16 -47.37
C VAL A 140 -22.39 12.97 -48.49
N ASN A 141 -22.38 11.79 -49.11
CA ASN A 141 -21.46 11.51 -50.19
C ASN A 141 -21.88 12.23 -51.46
N LYS A 142 -23.20 12.36 -51.64
CA LYS A 142 -23.74 13.00 -52.83
C LYS A 142 -23.84 14.53 -52.74
N THR A 143 -24.22 15.04 -51.58
CA THR A 143 -24.42 16.47 -51.38
C THR A 143 -23.52 17.09 -50.33
N ASN A 144 -22.70 16.27 -49.67
CA ASN A 144 -21.77 16.73 -48.63
C ASN A 144 -22.47 17.27 -47.39
N PHE A 145 -23.74 16.92 -47.22
CA PHE A 145 -24.50 17.42 -46.10
C PHE A 145 -25.59 16.48 -45.66
N VAL A 146 -25.84 16.46 -44.36
CA VAL A 146 -26.93 15.68 -43.82
C VAL A 146 -27.28 16.20 -42.44
N PHE A 147 -28.56 16.17 -42.12
CA PHE A 147 -29.02 16.62 -40.82
C PHE A 147 -29.35 15.38 -40.01
N LEU A 148 -28.76 15.27 -38.82
CA LEU A 148 -29.00 14.13 -37.96
C LEU A 148 -29.97 14.56 -36.84
N PHE A 149 -31.25 14.23 -37.01
CA PHE A 149 -32.30 14.60 -36.05
C PHE A 149 -32.13 13.86 -34.71
N ALA A 150 -31.74 14.58 -33.66
CA ALA A 150 -31.49 14.00 -32.35
C ALA A 150 -32.53 13.04 -31.78
N GLN A 151 -33.81 13.40 -31.87
CA GLN A 151 -34.86 12.52 -31.35
C GLN A 151 -34.74 11.13 -31.93
N TYR A 152 -34.47 11.05 -33.22
CA TYR A 152 -34.39 9.77 -33.90
C TYR A 152 -33.03 9.08 -33.86
N TYR A 153 -31.95 9.82 -33.66
CA TYR A 153 -30.63 9.19 -33.58
C TYR A 153 -30.23 8.79 -32.15
N HIS A 154 -31.02 9.22 -31.16
CA HIS A 154 -30.78 8.89 -29.74
C HIS A 154 -32.07 8.37 -29.11
N PRO A 155 -32.60 7.27 -29.63
CA PRO A 155 -33.84 6.68 -29.12
C PRO A 155 -33.90 6.36 -27.62
N ALA A 156 -32.82 5.77 -27.08
CA ALA A 156 -32.77 5.40 -25.67
C ALA A 156 -33.13 6.57 -24.75
N MET A 157 -32.96 7.80 -25.23
CA MET A 157 -33.25 8.98 -24.43
C MET A 157 -34.72 9.08 -24.01
N LYS A 158 -35.56 8.22 -24.59
CA LYS A 158 -36.98 8.19 -24.26
C LYS A 158 -37.15 7.64 -22.83
N ASN A 159 -36.12 6.94 -22.35
CA ASN A 159 -36.18 6.35 -21.02
C ASN A 159 -36.00 7.39 -19.92
N VAL A 160 -35.69 8.63 -20.31
CA VAL A 160 -35.52 9.67 -19.32
C VAL A 160 -36.45 10.84 -19.60
N ALA A 161 -37.25 10.71 -20.66
CA ALA A 161 -38.17 11.77 -21.06
C ALA A 161 -39.16 12.18 -19.96
N ASN A 162 -39.75 11.21 -19.28
CA ASN A 162 -40.72 11.54 -18.24
C ASN A 162 -40.09 12.27 -17.07
N VAL A 163 -38.95 11.79 -16.59
CA VAL A 163 -38.29 12.45 -15.48
C VAL A 163 -37.93 13.88 -15.87
N ARG A 164 -37.30 14.05 -17.01
CA ARG A 164 -36.92 15.37 -17.46
C ARG A 164 -38.12 16.32 -17.60
N LYS A 165 -39.19 15.84 -18.21
CA LYS A 165 -40.35 16.69 -18.35
C LYS A 165 -40.97 17.02 -17.00
N THR A 166 -41.17 15.99 -16.18
CA THR A 166 -41.77 16.21 -14.88
C THR A 166 -40.94 17.18 -14.05
N LEU A 167 -39.62 17.00 -14.06
CA LEU A 167 -38.75 17.89 -13.30
C LEU A 167 -38.91 19.31 -13.79
N GLY A 168 -38.93 19.48 -15.11
CA GLY A 168 -39.08 20.80 -15.68
C GLY A 168 -37.95 21.78 -15.48
N ILE A 169 -36.77 21.29 -15.07
CA ILE A 169 -35.62 22.15 -14.85
C ILE A 169 -34.45 21.68 -15.70
N ARG A 170 -33.41 22.49 -15.77
CA ARG A 170 -32.24 22.13 -16.54
C ARG A 170 -31.41 21.05 -15.82
N THR A 171 -30.94 20.07 -16.58
CA THR A 171 -30.12 19.02 -16.01
C THR A 171 -28.91 18.85 -16.89
N ILE A 172 -28.04 17.92 -16.52
CA ILE A 172 -26.83 17.65 -17.27
C ILE A 172 -27.15 17.31 -18.73
N PHE A 173 -28.32 16.74 -18.97
CA PHE A 173 -28.73 16.38 -20.33
C PHE A 173 -28.94 17.57 -21.26
N ASN A 174 -29.15 18.75 -20.69
CA ASN A 174 -29.37 19.93 -21.52
C ASN A 174 -28.13 20.52 -22.19
N ILE A 175 -26.93 20.04 -21.83
CA ILE A 175 -25.73 20.57 -22.46
C ILE A 175 -24.89 19.52 -23.20
N LEU A 176 -25.41 18.30 -23.30
CA LEU A 176 -24.69 17.21 -23.97
C LEU A 176 -25.00 17.00 -25.45
N GLY A 177 -26.11 17.55 -25.96
CA GLY A 177 -26.44 17.37 -27.36
C GLY A 177 -25.28 17.56 -28.34
N PRO A 178 -24.61 18.74 -28.30
CA PRO A 178 -23.50 18.99 -29.22
C PRO A 178 -22.28 18.06 -29.06
N LEU A 179 -22.16 17.42 -27.90
CA LEU A 179 -21.02 16.50 -27.71
C LEU A 179 -21.35 15.07 -28.12
N THR A 180 -22.55 14.85 -28.64
CA THR A 180 -22.95 13.51 -29.04
C THR A 180 -23.31 13.34 -30.52
N ASN A 181 -22.55 14.00 -31.40
CA ASN A 181 -22.79 13.90 -32.83
C ASN A 181 -22.88 12.42 -33.25
N PRO A 182 -24.03 12.01 -33.82
CA PRO A 182 -24.26 10.62 -34.27
C PRO A 182 -23.30 10.14 -35.35
N ALA A 183 -22.59 11.06 -35.98
CA ALA A 183 -21.64 10.71 -37.03
C ALA A 183 -20.22 10.81 -36.51
N ASN A 184 -20.08 11.05 -35.21
CA ASN A 184 -18.75 11.13 -34.63
C ASN A 184 -17.86 12.13 -35.38
N ALA A 185 -18.38 13.33 -35.59
CA ALA A 185 -17.62 14.36 -36.29
C ALA A 185 -16.46 14.81 -35.42
N LYS A 186 -15.28 14.88 -36.01
CA LYS A 186 -14.07 15.29 -35.27
C LYS A 186 -13.83 16.80 -35.27
N TYR A 187 -14.48 17.52 -36.17
CA TYR A 187 -14.31 18.98 -36.20
C TYR A 187 -15.64 19.62 -35.87
N GLN A 188 -15.62 20.62 -35.01
CA GLN A 188 -16.88 21.25 -34.63
C GLN A 188 -16.77 22.62 -34.00
N LEU A 189 -17.86 23.38 -34.16
CA LEU A 189 -18.03 24.70 -33.59
C LEU A 189 -19.18 24.51 -32.61
N MET A 190 -18.90 24.65 -31.33
CA MET A 190 -19.93 24.45 -30.33
C MET A 190 -20.22 25.65 -29.45
N GLY A 191 -21.40 26.24 -29.62
CA GLY A 191 -21.75 27.38 -28.78
C GLY A 191 -22.28 26.94 -27.44
N VAL A 192 -21.93 27.69 -26.39
CA VAL A 192 -22.40 27.40 -25.05
C VAL A 192 -23.14 28.66 -24.61
N PHE A 193 -24.20 28.49 -23.81
CA PHE A 193 -25.01 29.61 -23.36
C PHE A 193 -24.53 30.40 -22.14
N SER A 194 -23.42 29.99 -21.55
CA SER A 194 -22.89 30.69 -20.38
C SER A 194 -21.38 30.61 -20.27
N LYS A 195 -20.77 31.72 -19.83
CA LYS A 195 -19.33 31.79 -19.64
C LYS A 195 -18.86 30.64 -18.75
N ASP A 196 -19.60 30.41 -17.67
CA ASP A 196 -19.26 29.35 -16.72
C ASP A 196 -19.11 28.00 -17.42
N HIS A 197 -20.06 27.68 -18.29
CA HIS A 197 -20.04 26.42 -19.01
C HIS A 197 -18.90 26.32 -20.01
N LEU A 198 -18.34 27.46 -20.40
CA LEU A 198 -17.24 27.50 -21.35
C LEU A 198 -16.04 26.73 -20.82
N ASP A 199 -15.75 26.94 -19.54
CA ASP A 199 -14.62 26.29 -18.91
C ASP A 199 -14.89 24.80 -18.68
N LEU A 200 -16.09 24.47 -18.21
CA LEU A 200 -16.45 23.08 -17.96
C LEU A 200 -16.58 22.25 -19.23
N LEU A 201 -17.32 22.75 -20.21
CA LEU A 201 -17.52 22.00 -21.44
C LEU A 201 -16.26 21.90 -22.28
N SER A 202 -15.36 22.85 -22.17
CA SER A 202 -14.14 22.75 -22.97
C SER A 202 -13.17 21.71 -22.38
N LYS A 203 -13.14 21.59 -21.06
CA LYS A 203 -12.27 20.60 -20.45
C LYS A 203 -12.84 19.22 -20.75
N SER A 204 -14.17 19.10 -20.68
CA SER A 204 -14.84 17.83 -20.98
C SER A 204 -14.50 17.44 -22.42
N ALA A 205 -14.74 18.37 -23.35
CA ALA A 205 -14.48 18.16 -24.76
C ALA A 205 -13.05 17.66 -24.98
N TYR A 206 -12.12 18.21 -24.22
CA TYR A 206 -10.72 17.83 -24.33
C TYR A 206 -10.51 16.34 -24.15
N GLU A 207 -11.45 15.68 -23.46
CA GLU A 207 -11.33 14.25 -23.24
C GLU A 207 -12.32 13.43 -24.04
N LEU A 208 -13.07 14.09 -24.93
CA LEU A 208 -14.05 13.40 -25.74
C LEU A 208 -13.52 13.04 -27.14
N ASP A 209 -12.21 13.13 -27.28
CA ASP A 209 -11.50 12.78 -28.51
C ASP A 209 -11.87 13.47 -29.84
N PHE A 210 -11.81 14.80 -29.86
CA PHE A 210 -12.08 15.55 -31.09
C PHE A 210 -10.72 15.85 -31.72
N ASN A 211 -10.71 16.24 -32.99
CA ASN A 211 -9.47 16.62 -33.64
C ASN A 211 -9.36 18.12 -33.36
N LYS A 212 -10.49 18.80 -33.45
CA LYS A 212 -10.53 20.22 -33.17
C LYS A 212 -11.94 20.78 -32.97
N ILE A 213 -12.24 21.12 -31.73
CA ILE A 213 -13.55 21.67 -31.41
C ILE A 213 -13.36 23.06 -30.82
N ILE A 214 -14.12 24.01 -31.32
CA ILE A 214 -14.01 25.37 -30.82
C ILE A 214 -15.30 25.70 -30.10
N LEU A 215 -15.21 25.99 -28.81
CA LEU A 215 -16.39 26.34 -28.05
C LEU A 215 -16.43 27.86 -27.92
N VAL A 216 -17.62 28.44 -28.08
CA VAL A 216 -17.77 29.87 -28.01
C VAL A 216 -18.98 30.31 -27.20
N TYR A 217 -18.87 31.52 -26.64
CA TYR A 217 -19.94 32.15 -25.87
C TYR A 217 -19.86 33.62 -26.26
N GLY A 218 -20.94 34.15 -26.82
CA GLY A 218 -20.92 35.54 -27.23
C GLY A 218 -21.90 36.44 -26.52
N GLU A 219 -21.55 37.71 -26.41
CA GLU A 219 -22.43 38.66 -25.75
C GLU A 219 -23.61 38.89 -26.68
N PRO A 220 -24.76 39.29 -26.15
CA PRO A 220 -25.07 39.58 -24.74
C PRO A 220 -25.43 38.33 -23.94
N GLY A 221 -25.10 37.16 -24.48
CA GLY A 221 -25.43 35.93 -23.81
C GLY A 221 -26.04 34.93 -24.76
N ILE A 222 -25.29 34.56 -25.79
CA ILE A 222 -25.78 33.56 -26.72
C ILE A 222 -24.68 32.57 -27.03
N ASP A 223 -25.07 31.38 -27.47
CA ASP A 223 -24.09 30.36 -27.79
C ASP A 223 -23.74 30.45 -29.29
N GLU A 224 -23.16 31.59 -29.67
CA GLU A 224 -22.76 31.87 -31.05
C GLU A 224 -21.64 32.87 -30.95
N VAL A 225 -21.00 33.15 -32.09
CA VAL A 225 -19.97 34.16 -32.09
C VAL A 225 -20.85 35.40 -31.93
N SER A 226 -20.45 36.30 -31.03
CA SER A 226 -21.24 37.51 -30.78
C SER A 226 -21.33 38.48 -31.95
N PRO A 227 -22.56 38.87 -32.32
CA PRO A 227 -22.80 39.81 -33.41
C PRO A 227 -22.81 41.26 -32.94
N ILE A 228 -22.69 41.48 -31.62
CA ILE A 228 -22.70 42.84 -31.08
C ILE A 228 -21.40 43.22 -30.35
N GLY A 229 -20.59 42.25 -29.96
CA GLY A 229 -19.38 42.58 -29.25
C GLY A 229 -18.36 41.46 -29.10
N ASN A 230 -17.98 41.17 -27.86
CA ASN A 230 -17.00 40.14 -27.59
C ASN A 230 -17.50 38.72 -27.65
N THR A 231 -16.57 37.82 -27.96
CA THR A 231 -16.81 36.39 -28.00
C THR A 231 -15.68 35.71 -27.25
N PHE A 232 -16.03 34.81 -26.34
CA PHE A 232 -15.03 34.09 -25.56
C PHE A 232 -14.97 32.66 -26.07
N MET A 233 -13.82 32.22 -26.56
CA MET A 233 -13.72 30.87 -27.07
C MET A 233 -12.59 30.05 -26.51
N LYS A 234 -12.73 28.75 -26.68
CA LYS A 234 -11.74 27.79 -26.25
C LYS A 234 -11.48 26.95 -27.48
N ILE A 235 -10.21 26.78 -27.84
CA ILE A 235 -9.88 25.97 -28.98
C ILE A 235 -9.27 24.71 -28.41
N VAL A 236 -10.02 23.62 -28.48
CA VAL A 236 -9.57 22.34 -27.95
C VAL A 236 -9.00 21.45 -29.03
N SER A 237 -7.92 20.75 -28.70
CA SER A 237 -7.26 19.83 -29.63
C SER A 237 -6.36 18.90 -28.83
N LYS A 238 -5.81 17.89 -29.52
CA LYS A 238 -4.93 16.89 -28.89
C LYS A 238 -3.82 17.55 -28.07
N ARG A 239 -3.40 18.73 -28.53
CA ARG A 239 -2.33 19.48 -27.88
C ARG A 239 -2.74 20.12 -26.57
N GLY A 240 -3.98 20.59 -26.49
CA GLY A 240 -4.46 21.24 -25.29
C GLY A 240 -5.60 22.20 -25.56
N ILE A 241 -5.87 23.08 -24.61
CA ILE A 241 -6.95 24.04 -24.73
C ILE A 241 -6.39 25.45 -24.86
N GLU A 242 -6.64 26.09 -26.00
CA GLU A 242 -6.17 27.45 -26.20
C GLU A 242 -7.30 28.43 -25.96
N GLU A 243 -7.00 29.49 -25.23
CA GLU A 243 -7.98 30.51 -24.92
C GLU A 243 -7.89 31.65 -25.95
N VAL A 244 -9.03 32.20 -26.35
CA VAL A 244 -9.03 33.28 -27.32
C VAL A 244 -10.20 34.23 -27.07
N LYS A 245 -9.90 35.52 -27.05
CA LYS A 245 -10.95 36.52 -26.87
C LYS A 245 -11.01 37.33 -28.15
N LEU A 246 -12.23 37.58 -28.62
CA LEU A 246 -12.39 38.27 -29.88
C LEU A 246 -13.55 39.25 -29.82
N ASN A 247 -13.49 40.29 -30.65
CA ASN A 247 -14.57 41.26 -30.73
C ASN A 247 -15.08 41.19 -32.17
N VAL A 248 -16.34 41.53 -32.37
CA VAL A 248 -16.93 41.46 -33.70
C VAL A 248 -16.24 42.37 -34.72
N THR A 249 -15.58 43.43 -34.25
CA THR A 249 -14.89 44.31 -35.19
C THR A 249 -13.64 43.65 -35.77
N ASP A 250 -13.15 42.60 -35.11
CA ASP A 250 -11.98 41.89 -35.60
C ASP A 250 -12.28 41.22 -36.96
N PHE A 251 -13.57 41.06 -37.26
CA PHE A 251 -13.98 40.45 -38.52
C PHE A 251 -13.98 41.51 -39.60
N GLY A 252 -13.63 42.74 -39.21
CA GLY A 252 -13.61 43.84 -40.17
C GLY A 252 -15.02 44.28 -40.51
N ILE A 253 -15.89 44.23 -39.50
CA ILE A 253 -17.30 44.59 -39.66
C ILE A 253 -17.72 45.43 -38.46
N SER A 254 -18.84 46.15 -38.59
CA SER A 254 -19.36 46.96 -37.47
C SER A 254 -20.39 46.13 -36.71
N PRO A 255 -20.48 46.32 -35.39
CA PRO A 255 -21.45 45.57 -34.57
C PRO A 255 -22.84 45.55 -35.21
N ILE A 256 -23.48 44.38 -35.18
CA ILE A 256 -24.80 44.24 -35.76
C ILE A 256 -25.88 44.43 -34.72
N PRO A 257 -26.94 45.17 -35.06
CA PRO A 257 -28.02 45.39 -34.09
C PRO A 257 -28.83 44.10 -33.89
N ILE A 258 -28.68 43.51 -32.71
CA ILE A 258 -29.35 42.26 -32.38
C ILE A 258 -30.84 42.17 -32.70
N GLU A 259 -31.52 43.33 -32.84
CA GLU A 259 -32.95 43.32 -33.15
C GLU A 259 -33.20 42.76 -34.54
N LYS A 260 -32.22 42.88 -35.43
CA LYS A 260 -32.36 42.40 -36.80
C LYS A 260 -32.12 40.89 -36.93
N LEU A 261 -31.56 40.27 -35.89
CA LEU A 261 -31.27 38.84 -35.93
C LEU A 261 -32.29 37.97 -35.20
N ILE A 262 -33.35 38.57 -34.69
CA ILE A 262 -34.35 37.80 -33.95
C ILE A 262 -35.53 37.41 -34.82
N VAL A 263 -35.97 36.16 -34.65
CA VAL A 263 -37.06 35.60 -35.43
C VAL A 263 -38.27 35.32 -34.55
N ASN A 264 -39.43 35.11 -35.18
CA ASN A 264 -40.66 34.81 -34.44
C ASN A 264 -41.37 33.55 -34.93
N SER A 265 -40.66 32.72 -35.69
CA SER A 265 -41.22 31.48 -36.24
C SER A 265 -40.23 30.77 -37.16
N ALA A 266 -40.48 29.51 -37.44
CA ALA A 266 -39.60 28.73 -38.30
C ALA A 266 -39.55 29.36 -39.68
N GLU A 267 -40.72 29.63 -40.25
CA GLU A 267 -40.76 30.23 -41.58
C GLU A 267 -40.06 31.59 -41.64
N ASP A 268 -40.25 32.42 -40.62
CA ASP A 268 -39.61 33.73 -40.61
C ASP A 268 -38.09 33.53 -40.65
N SER A 269 -37.58 32.61 -39.85
CA SER A 269 -36.14 32.32 -39.84
C SER A 269 -35.71 31.79 -41.21
N ALA A 270 -36.53 30.93 -41.82
CA ALA A 270 -36.23 30.39 -43.14
C ALA A 270 -36.09 31.54 -44.14
N ILE A 271 -36.97 32.53 -44.02
CA ILE A 271 -36.94 33.67 -44.94
C ILE A 271 -35.73 34.55 -44.67
N LYS A 272 -35.39 34.76 -43.40
CA LYS A 272 -34.23 35.58 -43.07
C LYS A 272 -32.98 34.95 -43.68
N ILE A 273 -32.88 33.63 -43.61
CA ILE A 273 -31.71 32.96 -44.15
C ILE A 273 -31.67 33.03 -45.67
N VAL A 274 -32.78 32.74 -46.33
CA VAL A 274 -32.79 32.82 -47.79
C VAL A 274 -32.53 34.25 -48.29
N ARG A 275 -33.05 35.25 -47.59
CA ARG A 275 -32.80 36.63 -47.98
C ARG A 275 -31.31 36.89 -47.83
N ALA A 276 -30.72 36.34 -46.76
CA ALA A 276 -29.30 36.51 -46.52
C ALA A 276 -28.52 35.89 -47.69
N PHE A 277 -28.98 34.73 -48.15
CA PHE A 277 -28.35 34.04 -49.27
C PHE A 277 -28.54 34.84 -50.56
N LEU A 278 -29.67 35.53 -50.69
CA LEU A 278 -29.97 36.32 -51.88
C LEU A 278 -29.26 37.67 -51.90
N GLY A 279 -28.65 38.03 -50.78
CA GLY A 279 -27.97 39.31 -50.71
C GLY A 279 -28.94 40.41 -50.28
N LYS A 280 -30.14 40.01 -49.91
CA LYS A 280 -31.18 40.94 -49.49
C LYS A 280 -31.32 41.10 -47.97
N ASP A 281 -30.25 40.85 -47.22
CA ASP A 281 -30.29 41.00 -45.76
C ASP A 281 -28.88 40.85 -45.25
N GLU A 282 -28.12 41.95 -45.34
CA GLU A 282 -26.72 41.94 -44.94
C GLU A 282 -26.45 41.70 -43.46
N HIS A 283 -27.39 42.01 -42.59
CA HIS A 283 -27.17 41.80 -41.16
C HIS A 283 -27.19 40.32 -40.82
N VAL A 284 -28.16 39.61 -41.38
CA VAL A 284 -28.27 38.18 -41.15
C VAL A 284 -27.07 37.47 -41.80
N ALA A 285 -26.67 37.94 -42.97
CA ALA A 285 -25.54 37.36 -43.70
C ALA A 285 -24.26 37.51 -42.90
N GLU A 286 -24.07 38.69 -42.32
CA GLU A 286 -22.88 38.96 -41.53
C GLU A 286 -22.81 38.03 -40.34
N PHE A 287 -23.95 37.85 -39.68
CA PHE A 287 -24.05 36.99 -38.51
C PHE A 287 -23.65 35.57 -38.91
N ILE A 288 -24.14 35.14 -40.06
CA ILE A 288 -23.83 33.83 -40.61
C ILE A 288 -22.34 33.73 -40.94
N LYS A 289 -21.80 34.77 -41.57
CA LYS A 289 -20.40 34.76 -41.95
C LYS A 289 -19.41 34.77 -40.78
N ILE A 290 -19.68 35.56 -39.74
CA ILE A 290 -18.74 35.57 -38.61
C ILE A 290 -18.68 34.20 -37.93
N ASN A 291 -19.81 33.49 -37.96
CA ASN A 291 -19.88 32.15 -37.36
C ASN A 291 -19.19 31.15 -38.25
N THR A 292 -19.44 31.23 -39.55
CA THR A 292 -18.80 30.32 -40.48
C THR A 292 -17.29 30.53 -40.48
N ALA A 293 -16.87 31.77 -40.24
CA ALA A 293 -15.45 32.10 -40.22
C ALA A 293 -14.72 31.31 -39.14
N VAL A 294 -15.29 31.24 -37.95
CA VAL A 294 -14.65 30.49 -36.87
C VAL A 294 -14.64 28.99 -37.20
N ALA A 295 -15.71 28.50 -37.82
CA ALA A 295 -15.77 27.09 -38.22
C ALA A 295 -14.65 26.81 -39.24
N LEU A 296 -14.51 27.71 -40.22
CA LEU A 296 -13.47 27.55 -41.24
C LEU A 296 -12.12 27.46 -40.52
N PHE A 297 -11.95 28.28 -39.49
CA PHE A 297 -10.69 28.26 -38.76
C PHE A 297 -10.52 26.90 -38.09
N ALA A 298 -11.61 26.33 -37.60
CA ALA A 298 -11.53 25.02 -36.94
C ALA A 298 -11.07 23.95 -37.93
N LEU A 299 -11.50 24.05 -39.18
CA LEU A 299 -11.10 23.11 -40.21
C LEU A 299 -9.68 23.47 -40.69
N ASP A 300 -9.16 24.59 -40.20
CA ASP A 300 -7.83 25.08 -40.59
C ASP A 300 -7.77 25.44 -42.07
N ARG A 301 -8.88 25.98 -42.59
CA ARG A 301 -8.94 26.38 -44.00
C ARG A 301 -8.42 27.80 -44.17
N VAL A 302 -8.35 28.55 -43.07
CA VAL A 302 -7.86 29.93 -43.12
C VAL A 302 -6.88 30.15 -41.96
N GLY A 303 -6.02 31.14 -42.11
CA GLY A 303 -5.02 31.42 -41.08
C GLY A 303 -5.52 32.26 -39.91
N ASP A 304 -6.58 33.03 -40.13
CA ASP A 304 -7.15 33.88 -39.09
C ASP A 304 -8.63 34.13 -39.34
N PHE A 305 -9.29 34.76 -38.37
CA PHE A 305 -10.72 35.03 -38.48
C PHE A 305 -11.11 36.04 -39.54
N ARG A 306 -10.25 37.03 -39.80
CA ARG A 306 -10.54 38.02 -40.82
C ARG A 306 -10.60 37.26 -42.15
N GLU A 307 -9.59 36.43 -42.38
CA GLU A 307 -9.52 35.62 -43.59
C GLU A 307 -10.74 34.72 -43.66
N GLY A 308 -11.13 34.18 -42.50
CA GLY A 308 -12.29 33.30 -42.45
C GLY A 308 -13.56 34.03 -42.87
N TYR A 309 -13.70 35.28 -42.42
CA TYR A 309 -14.88 36.06 -42.76
C TYR A 309 -14.93 36.34 -44.26
N GLU A 310 -13.78 36.70 -44.82
CA GLU A 310 -13.70 36.99 -46.25
C GLU A 310 -14.01 35.73 -47.08
N TYR A 311 -13.45 34.61 -46.66
CA TYR A 311 -13.68 33.34 -47.36
C TYR A 311 -15.18 33.02 -47.31
N ALA A 312 -15.80 33.23 -46.15
CA ALA A 312 -17.21 32.94 -45.98
C ALA A 312 -18.09 33.75 -46.92
N ASP A 313 -17.57 34.88 -47.39
CA ASP A 313 -18.34 35.72 -48.30
C ASP A 313 -18.52 35.02 -49.64
N HIS A 314 -17.47 34.33 -50.09
CA HIS A 314 -17.53 33.59 -51.34
C HIS A 314 -18.53 32.44 -51.21
N LEU A 315 -18.57 31.82 -50.05
CA LEU A 315 -19.46 30.69 -49.82
C LEU A 315 -20.94 31.05 -49.82
N ILE A 316 -21.28 32.13 -49.12
CA ILE A 316 -22.67 32.53 -49.01
C ILE A 316 -23.31 32.82 -50.37
N GLU A 317 -22.50 33.20 -51.36
CA GLU A 317 -23.01 33.50 -52.70
C GLU A 317 -23.41 32.25 -53.48
N LYS A 318 -22.95 31.10 -53.03
CA LYS A 318 -23.26 29.84 -53.71
C LYS A 318 -24.13 28.96 -52.83
N SER A 319 -24.53 29.49 -51.69
CA SER A 319 -25.32 28.73 -50.74
C SER A 319 -26.76 28.44 -51.13
N LEU A 320 -27.42 29.38 -51.79
CA LEU A 320 -28.80 29.14 -52.21
C LEU A 320 -28.83 27.96 -53.19
N ASP A 321 -27.88 27.90 -54.12
CA ASP A 321 -27.86 26.79 -55.07
C ASP A 321 -27.56 25.49 -54.33
N LYS A 322 -26.62 25.55 -53.40
CA LYS A 322 -26.25 24.39 -52.60
C LYS A 322 -27.46 23.92 -51.79
N LEU A 323 -28.22 24.86 -51.26
CA LEU A 323 -29.41 24.54 -50.48
C LEU A 323 -30.40 23.82 -51.39
N ASN A 324 -30.55 24.32 -52.61
CA ASN A 324 -31.47 23.71 -53.55
C ASN A 324 -31.08 22.28 -53.91
N GLU A 325 -29.79 22.03 -54.11
CA GLU A 325 -29.38 20.68 -54.45
C GLU A 325 -29.52 19.74 -53.25
N ILE A 326 -29.29 20.26 -52.05
CA ILE A 326 -29.43 19.44 -50.85
C ILE A 326 -30.88 19.01 -50.64
N ILE A 327 -31.79 19.97 -50.72
CA ILE A 327 -33.20 19.68 -50.53
C ILE A 327 -33.78 18.79 -51.62
N SER A 328 -33.42 19.08 -52.86
CA SER A 328 -33.90 18.32 -54.00
C SER A 328 -33.61 16.84 -53.82
N MET A 329 -32.52 16.53 -53.13
CA MET A 329 -32.15 15.14 -52.93
C MET A 329 -32.76 14.54 -51.66
N ASN A 330 -33.40 15.36 -50.85
CA ASN A 330 -34.01 14.90 -49.60
C ASN A 330 -35.03 15.92 -49.11
N GLY A 331 -36.17 15.97 -49.78
CA GLY A 331 -37.19 16.92 -49.40
C GLY A 331 -37.96 17.45 -50.59
N ASP A 332 -38.62 18.59 -50.42
CA ASP A 332 -39.42 19.17 -51.48
C ASP A 332 -38.92 20.55 -51.87
N VAL A 333 -38.31 20.65 -53.05
CA VAL A 333 -37.77 21.93 -53.52
C VAL A 333 -38.84 22.98 -53.84
N THR A 334 -40.08 22.56 -54.04
CA THR A 334 -41.13 23.51 -54.32
C THR A 334 -41.30 24.42 -53.10
N LYS A 335 -41.09 23.85 -51.92
CA LYS A 335 -41.22 24.63 -50.70
C LYS A 335 -40.06 25.60 -50.62
N LEU A 336 -38.88 25.16 -51.05
CA LEU A 336 -37.72 26.04 -51.04
C LEU A 336 -37.98 27.21 -51.97
N LYS A 337 -38.63 26.91 -53.10
CA LYS A 337 -38.95 27.93 -54.10
C LYS A 337 -39.95 28.92 -53.54
N THR A 338 -40.96 28.39 -52.85
CA THR A 338 -41.99 29.20 -52.21
C THR A 338 -41.33 30.21 -51.28
N ILE A 339 -40.46 29.70 -50.42
CA ILE A 339 -39.73 30.53 -49.48
C ILE A 339 -38.90 31.53 -50.28
N VAL A 340 -38.44 31.10 -51.46
CA VAL A 340 -37.66 32.00 -52.30
C VAL A 340 -38.49 33.21 -52.74
N VAL A 341 -39.69 32.98 -53.27
CA VAL A 341 -40.54 34.10 -53.68
C VAL A 341 -40.80 34.93 -52.43
N LYS A 342 -41.35 34.29 -51.40
CA LYS A 342 -41.65 34.87 -50.10
C LYS A 342 -40.48 35.67 -49.47
N SER A 343 -39.48 36.03 -50.28
CA SER A 343 -38.27 36.70 -49.81
C SER A 343 -37.54 37.45 -50.94
N SER A 344 -38.26 37.68 -52.03
CA SER A 344 -37.64 38.18 -53.21
C SER A 344 -37.88 39.60 -53.77
N MET B 1 40.00 -32.08 1.79
CA MET B 1 39.02 -30.98 1.57
C MET B 1 37.73 -31.16 2.39
N ASN B 2 37.73 -30.58 3.59
CA ASN B 2 36.57 -30.65 4.46
C ASN B 2 36.01 -29.26 4.69
N ILE B 3 34.80 -29.05 4.21
CA ILE B 3 34.12 -27.77 4.29
C ILE B 3 34.17 -27.11 5.66
N ASN B 4 34.01 -27.87 6.73
CA ASN B 4 34.02 -27.31 8.07
C ASN B 4 35.37 -26.81 8.58
N GLU B 5 36.43 -27.56 8.33
CA GLU B 5 37.75 -27.14 8.77
C GLU B 5 38.01 -25.77 8.17
N ILE B 6 37.74 -25.68 6.87
CA ILE B 6 37.93 -24.46 6.10
C ILE B 6 37.09 -23.30 6.63
N LEU B 7 35.78 -23.49 6.72
CA LEU B 7 34.93 -22.42 7.22
C LEU B 7 35.46 -21.92 8.57
N LYS B 8 35.77 -22.84 9.49
CA LYS B 8 36.28 -22.47 10.81
C LYS B 8 37.59 -21.71 10.64
N LYS B 9 38.39 -22.16 9.69
CA LYS B 9 39.69 -21.54 9.45
C LYS B 9 39.49 -20.10 8.97
N LEU B 10 38.57 -19.91 8.04
CA LEU B 10 38.29 -18.57 7.53
C LEU B 10 37.71 -17.70 8.65
N ILE B 11 36.81 -18.29 9.46
CA ILE B 11 36.21 -17.57 10.58
C ILE B 11 37.31 -17.02 11.47
N ASN B 12 38.34 -17.84 11.68
CA ASN B 12 39.47 -17.44 12.50
C ASN B 12 40.40 -16.47 11.80
N LYS B 13 40.03 -16.12 10.57
CA LYS B 13 40.82 -15.18 9.78
C LYS B 13 42.21 -15.68 9.42
N SER B 14 42.31 -16.94 9.00
CA SER B 14 43.58 -17.52 8.58
C SER B 14 43.51 -17.79 7.08
N ASP B 15 44.47 -17.26 6.33
CA ASP B 15 44.48 -17.46 4.88
C ASP B 15 44.62 -18.94 4.54
N LEU B 16 44.00 -19.36 3.45
CA LEU B 16 44.06 -20.75 3.01
C LEU B 16 45.28 -20.94 2.10
N GLU B 17 45.68 -22.20 1.92
CA GLU B 17 46.80 -22.51 1.04
C GLU B 17 46.20 -22.57 -0.36
N ILE B 18 47.03 -22.42 -1.39
CA ILE B 18 46.53 -22.44 -2.77
C ILE B 18 45.70 -23.68 -3.08
N ASN B 19 46.20 -24.85 -2.71
CA ASN B 19 45.47 -26.09 -2.97
C ASN B 19 44.17 -26.16 -2.19
N GLU B 20 44.20 -25.70 -0.95
CA GLU B 20 43.00 -25.69 -0.13
C GLU B 20 41.92 -24.89 -0.86
N ALA B 21 42.29 -23.66 -1.22
CA ALA B 21 41.38 -22.75 -1.90
C ALA B 21 40.85 -23.29 -3.21
N GLU B 22 41.73 -23.93 -3.98
CA GLU B 22 41.30 -24.48 -5.27
C GLU B 22 40.33 -25.63 -5.11
N GLU B 23 40.57 -26.49 -4.14
CA GLU B 23 39.66 -27.61 -3.92
C GLU B 23 38.34 -27.03 -3.44
N LEU B 24 38.42 -26.03 -2.57
CA LEU B 24 37.22 -25.38 -2.07
C LEU B 24 36.42 -24.80 -3.24
N ALA B 25 37.09 -24.04 -4.10
CA ALA B 25 36.41 -23.43 -5.24
C ALA B 25 35.82 -24.50 -6.16
N LYS B 26 36.59 -25.53 -6.44
CA LYS B 26 36.11 -26.59 -7.31
C LYS B 26 34.80 -27.15 -6.77
N ALA B 27 34.79 -27.51 -5.49
CA ALA B 27 33.60 -28.07 -4.85
C ALA B 27 32.41 -27.12 -5.01
N ILE B 28 32.63 -25.85 -4.70
CA ILE B 28 31.58 -24.85 -4.80
C ILE B 28 31.04 -24.74 -6.24
N ILE B 29 31.94 -24.53 -7.21
CA ILE B 29 31.55 -24.40 -8.61
C ILE B 29 30.83 -25.64 -9.12
N ARG B 30 31.24 -26.80 -8.63
CA ARG B 30 30.62 -28.06 -9.05
C ARG B 30 29.21 -28.18 -8.48
N GLY B 31 28.89 -27.31 -7.54
CA GLY B 31 27.56 -27.34 -6.94
C GLY B 31 27.42 -28.39 -5.86
N GLU B 32 28.54 -28.87 -5.32
CA GLU B 32 28.50 -29.91 -4.29
C GLU B 32 28.71 -29.37 -2.88
N VAL B 33 28.26 -28.15 -2.64
CA VAL B 33 28.35 -27.51 -1.34
C VAL B 33 27.03 -26.78 -1.15
N PRO B 34 26.32 -27.06 -0.04
CA PRO B 34 25.03 -26.41 0.24
C PRO B 34 25.12 -24.89 0.14
N GLU B 35 24.05 -24.27 -0.35
CA GLU B 35 23.99 -22.82 -0.47
C GLU B 35 24.30 -22.12 0.85
N ILE B 36 23.78 -22.66 1.94
CA ILE B 36 24.02 -22.08 3.26
C ILE B 36 25.51 -22.01 3.59
N LEU B 37 26.27 -22.99 3.13
CA LEU B 37 27.72 -23.02 3.36
C LEU B 37 28.50 -22.23 2.31
N VAL B 38 27.98 -22.18 1.09
CA VAL B 38 28.63 -21.41 0.03
C VAL B 38 28.52 -19.94 0.46
N SER B 39 27.34 -19.57 0.94
CA SER B 39 27.07 -18.22 1.42
C SER B 39 27.98 -17.82 2.57
N ALA B 40 28.17 -18.73 3.52
CA ALA B 40 29.02 -18.46 4.67
C ALA B 40 30.47 -18.27 4.23
N ILE B 41 30.95 -19.16 3.37
CA ILE B 41 32.34 -19.10 2.89
C ILE B 41 32.64 -17.77 2.21
N LEU B 42 31.81 -17.36 1.26
CA LEU B 42 32.02 -16.11 0.55
C LEU B 42 32.05 -14.93 1.53
N VAL B 43 31.14 -14.93 2.50
CA VAL B 43 31.09 -13.85 3.48
C VAL B 43 32.33 -13.81 4.37
N ALA B 44 32.77 -14.98 4.82
CA ALA B 44 33.94 -15.04 5.70
C ALA B 44 35.21 -14.67 4.93
N LEU B 45 35.20 -15.00 3.65
CA LEU B 45 36.32 -14.69 2.77
C LEU B 45 36.41 -13.17 2.63
N ARG B 46 35.28 -12.52 2.35
CA ARG B 46 35.32 -11.09 2.19
C ARG B 46 35.61 -10.33 3.48
N MET B 47 35.12 -10.81 4.61
CA MET B 47 35.37 -10.11 5.87
C MET B 47 36.79 -10.33 6.37
N LYS B 48 37.41 -11.45 6.02
CA LYS B 48 38.78 -11.69 6.43
C LYS B 48 39.68 -10.89 5.50
N GLY B 49 39.28 -10.86 4.23
CA GLY B 49 40.04 -10.17 3.21
C GLY B 49 40.72 -11.28 2.43
N GLU B 50 40.34 -11.48 1.17
CA GLU B 50 40.95 -12.55 0.37
C GLU B 50 42.42 -12.30 0.11
N SER B 51 43.21 -13.35 0.32
CA SER B 51 44.65 -13.29 0.13
C SER B 51 45.00 -13.71 -1.29
N LYS B 52 46.27 -13.53 -1.63
CA LYS B 52 46.78 -13.87 -2.94
C LYS B 52 46.59 -15.36 -3.21
N ASN B 53 46.94 -16.20 -2.25
CA ASN B 53 46.79 -17.65 -2.43
C ASN B 53 45.35 -18.05 -2.73
N GLU B 54 44.40 -17.45 -2.01
CA GLU B 54 43.00 -17.77 -2.24
C GLU B 54 42.59 -17.35 -3.64
N ILE B 55 43.09 -16.21 -4.09
CA ILE B 55 42.75 -15.72 -5.43
C ILE B 55 43.33 -16.65 -6.48
N VAL B 56 44.57 -17.09 -6.25
CA VAL B 56 45.22 -17.99 -7.19
C VAL B 56 44.43 -19.30 -7.26
N GLY B 57 44.18 -19.88 -6.09
CA GLY B 57 43.46 -21.15 -6.04
C GLY B 57 42.14 -21.10 -6.78
N PHE B 58 41.33 -20.10 -6.46
CA PHE B 58 40.04 -19.95 -7.11
C PHE B 58 40.21 -19.83 -8.62
N ALA B 59 41.13 -18.96 -9.04
CA ALA B 59 41.39 -18.73 -10.45
C ALA B 59 41.66 -20.05 -11.16
N ARG B 60 42.63 -20.81 -10.66
CA ARG B 60 42.96 -22.11 -11.25
C ARG B 60 41.76 -23.04 -11.30
N ALA B 61 40.93 -23.02 -10.26
CA ALA B 61 39.77 -23.89 -10.25
C ALA B 61 38.82 -23.54 -11.39
N MET B 62 38.54 -22.26 -11.58
CA MET B 62 37.64 -21.85 -12.65
C MET B 62 38.21 -22.14 -14.04
N ARG B 63 39.51 -21.98 -14.20
CA ARG B 63 40.14 -22.24 -15.49
C ARG B 63 39.94 -23.69 -15.89
N GLU B 64 40.28 -24.58 -14.95
CA GLU B 64 40.17 -26.01 -15.14
C GLU B 64 38.73 -26.48 -15.41
N LEU B 65 37.77 -26.01 -14.62
CA LEU B 65 36.38 -26.41 -14.80
C LEU B 65 35.71 -25.69 -15.96
N ALA B 66 36.47 -24.87 -16.66
CA ALA B 66 35.92 -24.13 -17.77
C ALA B 66 36.10 -24.81 -19.12
N ILE B 67 35.19 -24.50 -20.03
CA ILE B 67 35.26 -25.02 -21.38
C ILE B 67 36.48 -24.30 -21.95
N LYS B 68 37.43 -25.05 -22.48
CA LYS B 68 38.64 -24.42 -23.00
C LYS B 68 38.81 -24.48 -24.51
N ILE B 69 39.76 -23.68 -24.99
CA ILE B 69 40.15 -23.61 -26.39
C ILE B 69 41.59 -23.13 -26.30
N ASP B 70 42.45 -23.59 -27.19
CA ASP B 70 43.85 -23.20 -27.12
C ASP B 70 44.30 -22.12 -28.09
N VAL B 71 44.74 -21.00 -27.52
CA VAL B 71 45.24 -19.86 -28.27
C VAL B 71 46.04 -19.02 -27.27
N PRO B 72 47.12 -19.58 -26.69
CA PRO B 72 47.95 -18.85 -25.72
C PRO B 72 48.67 -17.63 -26.30
N ASN B 73 48.72 -17.56 -27.63
CA ASN B 73 49.35 -16.47 -28.37
C ASN B 73 48.47 -15.22 -28.39
N ALA B 74 47.20 -15.39 -28.03
CA ALA B 74 46.24 -14.31 -28.04
C ALA B 74 46.44 -13.33 -26.89
N ILE B 75 45.75 -12.20 -27.00
CA ILE B 75 45.76 -11.16 -25.98
C ILE B 75 44.31 -10.89 -25.59
N ASP B 76 44.09 -10.52 -24.34
CA ASP B 76 42.75 -10.21 -23.85
C ASP B 76 42.84 -8.80 -23.26
N THR B 77 41.71 -8.11 -23.18
CA THR B 77 41.71 -6.76 -22.62
C THR B 77 40.72 -6.58 -21.48
N ALA B 78 40.03 -7.66 -21.13
CA ALA B 78 39.03 -7.62 -20.06
C ALA B 78 39.53 -7.16 -18.69
N GLY B 79 38.71 -6.36 -18.03
CA GLY B 79 39.06 -5.87 -16.70
C GLY B 79 38.03 -6.34 -15.69
N THR B 80 38.26 -6.09 -14.41
CA THR B 80 37.33 -6.54 -13.38
C THR B 80 35.99 -5.82 -13.39
N GLY B 81 35.97 -4.59 -13.89
CA GLY B 81 34.73 -3.83 -13.90
C GLY B 81 34.43 -3.46 -12.46
N GLY B 82 33.21 -2.99 -12.19
CA GLY B 82 32.86 -2.62 -10.83
C GLY B 82 33.08 -1.18 -10.43
N ASP B 83 33.69 -0.37 -11.30
CA ASP B 83 33.90 1.04 -10.97
C ASP B 83 32.57 1.80 -11.01
N GLY B 84 31.61 1.27 -11.77
CA GLY B 84 30.28 1.87 -11.85
C GLY B 84 30.00 3.17 -12.56
N LEU B 85 30.99 3.80 -13.18
CA LEU B 85 30.77 5.07 -13.89
C LEU B 85 29.97 4.93 -15.17
N GLY B 86 29.98 3.73 -15.76
CA GLY B 86 29.25 3.52 -17.00
C GLY B 86 29.90 4.22 -18.18
N THR B 87 31.19 3.98 -18.36
CA THR B 87 31.92 4.58 -19.47
C THR B 87 31.75 3.70 -20.72
N VAL B 88 32.08 4.27 -21.86
CA VAL B 88 32.01 3.56 -23.14
C VAL B 88 32.87 2.30 -23.01
N ASN B 89 32.40 1.17 -23.56
CA ASN B 89 33.14 -0.08 -23.49
C ASN B 89 34.46 0.05 -24.27
N VAL B 90 35.48 0.57 -23.59
CA VAL B 90 36.76 0.82 -24.24
C VAL B 90 37.67 -0.40 -24.43
N SER B 91 37.55 -1.44 -23.61
CA SER B 91 38.41 -2.59 -23.87
C SER B 91 37.91 -3.41 -25.03
N THR B 92 36.59 -3.45 -25.20
CA THR B 92 36.02 -4.21 -26.30
C THR B 92 36.37 -3.49 -27.59
N ALA B 93 36.31 -2.16 -27.56
CA ALA B 93 36.67 -1.37 -28.73
C ALA B 93 38.16 -1.58 -28.97
N SER B 94 38.93 -1.59 -27.88
CA SER B 94 40.36 -1.77 -27.97
C SER B 94 40.71 -3.13 -28.51
N ALA B 95 39.88 -4.13 -28.22
CA ALA B 95 40.13 -5.49 -28.67
C ALA B 95 40.05 -5.57 -30.18
N ILE B 96 39.19 -4.75 -30.78
CA ILE B 96 39.06 -4.76 -32.23
C ILE B 96 40.36 -4.27 -32.86
N LEU B 97 40.85 -3.12 -32.42
CA LEU B 97 42.09 -2.56 -32.98
C LEU B 97 43.20 -3.60 -32.96
N LEU B 98 43.36 -4.26 -31.81
CA LEU B 98 44.42 -5.25 -31.62
C LEU B 98 44.33 -6.45 -32.55
N SER B 99 43.11 -6.85 -32.91
CA SER B 99 42.96 -8.00 -33.79
C SER B 99 43.59 -7.76 -35.17
N LEU B 100 43.97 -6.51 -35.46
CA LEU B 100 44.61 -6.19 -36.74
C LEU B 100 46.06 -6.70 -36.75
N VAL B 101 46.70 -6.75 -35.58
CA VAL B 101 48.09 -7.20 -35.51
C VAL B 101 48.42 -8.32 -34.54
N ASN B 102 47.40 -9.01 -34.03
CA ASN B 102 47.61 -10.12 -33.10
C ASN B 102 46.27 -10.81 -32.82
N PRO B 103 46.28 -12.15 -32.63
CA PRO B 103 45.00 -12.81 -32.36
C PRO B 103 44.41 -12.29 -31.05
N VAL B 104 43.11 -12.09 -31.03
CA VAL B 104 42.44 -11.57 -29.86
C VAL B 104 41.36 -12.50 -29.33
N ALA B 105 41.46 -12.82 -28.04
CA ALA B 105 40.48 -13.67 -27.35
C ALA B 105 39.91 -12.83 -26.21
N LYS B 106 38.83 -12.09 -26.50
CA LYS B 106 38.19 -11.24 -25.51
C LYS B 106 37.23 -11.99 -24.60
N HIS B 107 37.58 -12.09 -23.34
CA HIS B 107 36.71 -12.74 -22.36
C HIS B 107 35.80 -11.62 -21.85
N GLY B 108 34.48 -11.84 -21.83
CA GLY B 108 33.58 -10.80 -21.37
C GLY B 108 32.23 -11.28 -20.88
N ASN B 109 31.45 -10.35 -20.30
CA ASN B 109 30.14 -10.71 -19.78
C ASN B 109 29.17 -9.56 -20.00
N ARG B 110 27.89 -9.82 -19.74
CA ARG B 110 26.89 -8.77 -19.88
C ARG B 110 27.05 -7.85 -18.66
N ALA B 111 26.20 -6.85 -18.55
CA ALA B 111 26.27 -5.94 -17.40
C ALA B 111 24.88 -5.77 -16.80
N VAL B 112 24.86 -5.13 -15.63
CA VAL B 112 23.64 -4.83 -14.89
C VAL B 112 23.96 -3.57 -14.09
N SER B 113 25.26 -3.32 -13.96
CA SER B 113 25.82 -2.18 -13.22
C SER B 113 25.90 -0.95 -14.13
N GLY B 114 25.21 -1.00 -15.27
CA GLY B 114 25.24 0.10 -16.22
C GLY B 114 24.61 -0.29 -17.54
N LYS B 115 23.91 -1.42 -17.52
CA LYS B 115 23.21 -1.96 -18.68
C LYS B 115 24.02 -1.97 -19.97
N SER B 116 25.36 -1.93 -19.87
CA SER B 116 26.21 -1.97 -21.05
C SER B 116 27.59 -2.54 -20.79
N GLY B 117 27.69 -3.86 -20.82
CA GLY B 117 28.96 -4.53 -20.60
C GLY B 117 29.52 -4.97 -21.94
N SER B 118 30.71 -5.55 -21.94
CA SER B 118 31.31 -6.00 -23.19
C SER B 118 30.36 -6.82 -24.08
N ALA B 119 29.72 -7.82 -23.49
CA ALA B 119 28.81 -8.67 -24.26
C ALA B 119 27.63 -7.90 -24.84
N ASP B 120 27.17 -6.90 -24.10
CA ASP B 120 26.04 -6.10 -24.53
C ASP B 120 26.36 -5.23 -25.74
N VAL B 121 27.53 -4.60 -25.75
CA VAL B 121 27.90 -3.76 -26.87
C VAL B 121 28.09 -4.61 -28.12
N LEU B 122 28.76 -5.76 -27.96
CA LEU B 122 29.00 -6.65 -29.09
C LEU B 122 27.69 -7.06 -29.73
N GLU B 123 26.73 -7.46 -28.92
CA GLU B 123 25.43 -7.88 -29.44
C GLU B 123 24.74 -6.72 -30.16
N ALA B 124 24.92 -5.52 -29.63
CA ALA B 124 24.32 -4.36 -30.24
C ALA B 124 24.94 -4.09 -31.61
N LEU B 125 26.22 -4.44 -31.77
CA LEU B 125 26.88 -4.22 -33.06
C LEU B 125 26.41 -5.25 -34.09
N GLY B 126 25.80 -6.33 -33.62
CA GLY B 126 25.32 -7.36 -34.52
C GLY B 126 26.08 -8.66 -34.38
N TYR B 127 27.04 -8.68 -33.45
CA TYR B 127 27.87 -9.86 -33.21
C TYR B 127 27.03 -10.95 -32.54
N ASN B 128 27.43 -12.21 -32.71
CA ASN B 128 26.74 -13.33 -32.08
C ASN B 128 27.60 -13.72 -30.88
N ILE B 129 27.34 -13.11 -29.72
CA ILE B 129 28.14 -13.39 -28.52
C ILE B 129 28.25 -14.85 -28.10
N ILE B 130 27.28 -15.67 -28.50
CA ILE B 130 27.35 -17.08 -28.14
C ILE B 130 28.12 -17.85 -29.23
N VAL B 131 29.37 -18.18 -28.93
CA VAL B 131 30.24 -18.89 -29.85
C VAL B 131 30.82 -20.19 -29.30
N PRO B 132 30.38 -21.34 -29.84
CA PRO B 132 30.86 -22.66 -29.40
C PRO B 132 32.36 -22.80 -29.61
N PRO B 133 33.04 -23.47 -28.67
CA PRO B 133 34.49 -23.65 -28.77
C PRO B 133 35.04 -24.05 -30.13
N GLU B 134 34.45 -25.05 -30.78
CA GLU B 134 34.94 -25.46 -32.09
C GLU B 134 34.84 -24.33 -33.12
N ARG B 135 33.75 -23.57 -33.07
CA ARG B 135 33.54 -22.47 -34.01
C ARG B 135 34.38 -21.25 -33.62
N ALA B 136 34.73 -21.16 -32.33
CA ALA B 136 35.54 -20.05 -31.84
C ALA B 136 36.91 -20.14 -32.50
N LYS B 137 37.58 -21.27 -32.31
CA LYS B 137 38.90 -21.45 -32.90
C LYS B 137 38.91 -21.15 -34.39
N GLU B 138 37.81 -21.47 -35.08
CA GLU B 138 37.72 -21.21 -36.51
C GLU B 138 37.65 -19.71 -36.80
N LEU B 139 36.93 -18.96 -35.95
CA LEU B 139 36.78 -17.51 -36.13
C LEU B 139 38.08 -16.76 -35.88
N VAL B 140 38.88 -17.23 -34.93
CA VAL B 140 40.15 -16.58 -34.61
C VAL B 140 41.15 -16.71 -35.74
N ASN B 141 41.18 -17.87 -36.40
CA ASN B 141 42.11 -18.10 -37.49
C ASN B 141 41.69 -17.34 -38.75
N LYS B 142 40.40 -17.11 -38.90
CA LYS B 142 39.89 -16.40 -40.07
C LYS B 142 39.84 -14.87 -39.90
N THR B 143 39.43 -14.39 -38.73
CA THR B 143 39.36 -12.95 -38.50
C THR B 143 40.26 -12.46 -37.36
N ASN B 144 41.02 -13.36 -36.77
CA ASN B 144 41.94 -12.99 -35.70
C ASN B 144 41.25 -12.45 -34.45
N PHE B 145 39.96 -12.74 -34.31
CA PHE B 145 39.20 -12.25 -33.17
C PHE B 145 38.02 -13.14 -32.78
N VAL B 146 37.81 -13.27 -31.48
CA VAL B 146 36.70 -14.06 -30.97
C VAL B 146 36.30 -13.59 -29.58
N PHE B 147 34.99 -13.50 -29.34
CA PHE B 147 34.52 -13.08 -28.03
C PHE B 147 34.11 -14.31 -27.24
N LEU B 148 34.72 -14.53 -26.09
CA LEU B 148 34.38 -15.68 -25.26
C LEU B 148 33.42 -15.22 -24.15
N PHE B 149 32.14 -15.55 -24.31
CA PHE B 149 31.10 -15.18 -23.34
C PHE B 149 31.22 -15.97 -22.05
N ALA B 150 31.56 -15.27 -20.96
CA ALA B 150 31.74 -15.89 -19.65
C ALA B 150 30.62 -16.81 -19.16
N GLN B 151 29.37 -16.42 -19.41
CA GLN B 151 28.22 -17.21 -18.97
C GLN B 151 28.03 -18.49 -19.77
N TYR B 152 28.81 -18.63 -20.84
CA TYR B 152 28.77 -19.79 -21.73
C TYR B 152 30.02 -20.65 -21.59
N TYR B 153 31.16 -20.02 -21.32
CA TYR B 153 32.42 -20.76 -21.17
C TYR B 153 32.70 -21.22 -19.75
N HIS B 154 31.98 -20.62 -18.80
CA HIS B 154 32.08 -20.96 -17.39
C HIS B 154 30.66 -21.31 -16.96
N PRO B 155 30.07 -22.35 -17.58
CA PRO B 155 28.71 -22.81 -17.28
C PRO B 155 28.53 -23.26 -15.83
N ALA B 156 29.57 -23.84 -15.26
CA ALA B 156 29.54 -24.31 -13.89
C ALA B 156 29.22 -23.16 -12.93
N MET B 157 29.52 -21.94 -13.36
CA MET B 157 29.28 -20.77 -12.53
C MET B 157 27.82 -20.52 -12.23
N LYS B 158 26.92 -21.27 -12.87
CA LYS B 158 25.51 -21.08 -12.58
C LYS B 158 25.18 -21.75 -11.25
N ASN B 159 26.05 -22.63 -10.76
CA ASN B 159 25.81 -23.31 -9.49
C ASN B 159 26.00 -22.37 -8.30
N VAL B 160 26.46 -21.15 -8.56
CA VAL B 160 26.68 -20.19 -7.49
C VAL B 160 25.90 -18.90 -7.77
N ALA B 161 25.18 -18.89 -8.88
CA ALA B 161 24.39 -17.73 -9.26
C ALA B 161 23.39 -17.32 -8.19
N ASN B 162 22.65 -18.29 -7.66
CA ASN B 162 21.65 -18.01 -6.63
C ASN B 162 22.26 -17.33 -5.41
N VAL B 163 23.26 -17.98 -4.82
CA VAL B 163 23.92 -17.44 -3.65
C VAL B 163 24.43 -16.01 -3.90
N ARG B 164 25.14 -15.82 -5.01
CA ARG B 164 25.66 -14.50 -5.33
C ARG B 164 24.57 -13.45 -5.45
N LYS B 165 23.51 -13.75 -6.21
CA LYS B 165 22.45 -12.79 -6.36
C LYS B 165 21.74 -12.54 -5.03
N THR B 166 21.38 -13.62 -4.33
CA THR B 166 20.70 -13.45 -3.06
C THR B 166 21.52 -12.58 -2.11
N LEU B 167 22.83 -12.86 -2.03
CA LEU B 167 23.70 -12.07 -1.15
C LEU B 167 23.64 -10.61 -1.56
N GLY B 168 23.79 -10.35 -2.85
CA GLY B 168 23.75 -8.99 -3.35
C GLY B 168 24.92 -8.12 -2.91
N ILE B 169 26.07 -8.75 -2.69
CA ILE B 169 27.24 -8.01 -2.27
C ILE B 169 28.43 -8.50 -3.06
N ARG B 170 29.52 -7.74 -3.02
CA ARG B 170 30.74 -8.11 -3.73
C ARG B 170 31.39 -9.30 -3.03
N THR B 171 31.86 -10.25 -3.82
CA THR B 171 32.54 -11.42 -3.27
C THR B 171 33.79 -11.64 -4.12
N ILE B 172 34.58 -12.62 -3.74
CA ILE B 172 35.81 -12.94 -4.45
C ILE B 172 35.58 -13.15 -5.95
N PHE B 173 34.41 -13.67 -6.31
CA PHE B 173 34.12 -13.91 -7.72
C PHE B 173 34.01 -12.65 -8.59
N ASN B 174 33.87 -11.49 -7.95
CA ASN B 174 33.75 -10.24 -8.70
C ASN B 174 35.06 -9.72 -9.29
N ILE B 175 36.18 -10.29 -8.87
CA ILE B 175 37.45 -9.84 -9.40
C ILE B 175 38.21 -10.97 -10.11
N LEU B 176 37.52 -12.07 -10.40
CA LEU B 176 38.18 -13.21 -11.04
C LEU B 176 38.01 -13.40 -12.55
N GLY B 177 36.99 -12.75 -13.13
CA GLY B 177 36.75 -12.89 -14.56
C GLY B 177 37.94 -12.68 -15.49
N PRO B 178 38.72 -11.60 -15.30
CA PRO B 178 39.87 -11.38 -16.19
C PRO B 178 41.05 -12.36 -16.00
N LEU B 179 41.08 -13.08 -14.88
CA LEU B 179 42.17 -14.03 -14.66
C LEU B 179 41.76 -15.44 -15.11
N THR B 180 40.59 -15.54 -15.73
CA THR B 180 40.09 -16.84 -16.18
C THR B 180 39.71 -16.93 -17.67
N ASN B 181 40.54 -16.32 -18.52
CA ASN B 181 40.33 -16.35 -19.96
C ASN B 181 40.24 -17.81 -20.41
N PRO B 182 39.13 -18.19 -21.05
CA PRO B 182 38.90 -19.56 -21.53
C PRO B 182 39.88 -20.04 -22.61
N ALA B 183 40.61 -19.11 -23.21
CA ALA B 183 41.58 -19.47 -24.24
C ALA B 183 42.98 -19.48 -23.65
N ASN B 184 43.06 -19.27 -22.35
CA ASN B 184 44.35 -19.25 -21.69
C ASN B 184 45.34 -18.28 -22.36
N ALA B 185 44.87 -17.07 -22.66
CA ALA B 185 45.69 -16.05 -23.30
C ALA B 185 46.85 -15.66 -22.38
N LYS B 186 48.05 -15.66 -22.93
CA LYS B 186 49.26 -15.34 -22.17
C LYS B 186 49.59 -13.84 -22.08
N TYR B 187 48.98 -13.04 -22.93
CA TYR B 187 49.22 -11.60 -22.93
C TYR B 187 47.92 -10.90 -22.61
N GLN B 188 47.96 -9.92 -21.71
CA GLN B 188 46.74 -9.23 -21.36
C GLN B 188 46.89 -7.88 -20.68
N LEU B 189 45.84 -7.08 -20.84
CA LEU B 189 45.74 -5.78 -20.22
C LEU B 189 44.54 -5.93 -19.29
N MET B 190 44.78 -5.84 -17.99
CA MET B 190 43.73 -6.04 -17.00
C MET B 190 43.44 -4.82 -16.13
N GLY B 191 42.27 -4.24 -16.28
CA GLY B 191 41.94 -3.09 -15.44
C GLY B 191 41.37 -3.55 -14.11
N VAL B 192 41.76 -2.88 -13.02
CA VAL B 192 41.25 -3.19 -11.69
C VAL B 192 40.58 -1.91 -11.16
N PHE B 193 39.43 -2.05 -10.52
CA PHE B 193 38.68 -0.89 -10.04
C PHE B 193 39.23 -0.14 -8.83
N SER B 194 40.23 -0.68 -8.15
CA SER B 194 40.79 0.02 -6.99
C SER B 194 42.29 -0.18 -6.82
N LYS B 195 42.95 0.84 -6.29
CA LYS B 195 44.38 0.81 -6.04
C LYS B 195 44.77 -0.36 -5.15
N ASP B 196 43.94 -0.62 -4.14
CA ASP B 196 44.19 -1.70 -3.17
C ASP B 196 44.30 -3.06 -3.86
N HIS B 197 43.45 -3.27 -4.86
CA HIS B 197 43.45 -4.53 -5.59
C HIS B 197 44.58 -4.64 -6.60
N LEU B 198 45.19 -3.50 -6.93
CA LEU B 198 46.29 -3.49 -7.89
C LEU B 198 47.41 -4.37 -7.35
N ASP B 199 47.75 -4.17 -6.09
CA ASP B 199 48.82 -4.95 -5.49
C ASP B 199 48.43 -6.43 -5.34
N LEU B 200 47.25 -6.67 -4.79
CA LEU B 200 46.79 -8.04 -4.59
C LEU B 200 46.63 -8.83 -5.87
N LEU B 201 45.96 -8.25 -6.85
CA LEU B 201 45.74 -8.93 -8.11
C LEU B 201 47.00 -9.09 -8.97
N SER B 202 47.96 -8.19 -8.84
CA SER B 202 49.19 -8.32 -9.62
C SER B 202 50.00 -9.47 -9.06
N LYS B 203 50.14 -9.53 -7.74
CA LYS B 203 50.87 -10.62 -7.11
C LYS B 203 50.21 -11.96 -7.46
N SER B 204 48.89 -11.98 -7.49
CA SER B 204 48.16 -13.19 -7.83
C SER B 204 48.49 -13.58 -9.27
N ALA B 205 48.43 -12.60 -10.16
CA ALA B 205 48.70 -12.83 -11.57
C ALA B 205 50.11 -13.36 -11.78
N TYR B 206 51.04 -12.90 -10.95
CA TYR B 206 52.42 -13.34 -11.06
C TYR B 206 52.53 -14.86 -11.01
N GLU B 207 51.61 -15.49 -10.29
CA GLU B 207 51.61 -16.93 -10.14
C GLU B 207 50.58 -17.65 -11.00
N LEU B 208 49.93 -16.91 -11.89
CA LEU B 208 48.92 -17.52 -12.74
C LEU B 208 49.46 -17.88 -14.12
N ASP B 209 50.79 -17.85 -14.24
CA ASP B 209 51.47 -18.22 -15.48
C ASP B 209 51.15 -17.40 -16.74
N PHE B 210 51.43 -16.09 -16.72
CA PHE B 210 51.22 -15.25 -17.90
C PHE B 210 52.58 -14.93 -18.50
N ASN B 211 52.62 -14.61 -19.79
CA ASN B 211 53.89 -14.23 -20.41
C ASN B 211 54.07 -12.76 -20.02
N LYS B 212 52.98 -12.01 -20.18
CA LYS B 212 52.95 -10.60 -19.80
C LYS B 212 51.55 -10.07 -19.59
N ILE B 213 51.29 -9.62 -18.37
CA ILE B 213 49.99 -9.06 -18.05
C ILE B 213 50.24 -7.70 -17.41
N ILE B 214 49.56 -6.70 -17.91
CA ILE B 214 49.71 -5.36 -17.36
C ILE B 214 48.43 -4.96 -16.67
N LEU B 215 48.48 -4.77 -15.36
CA LEU B 215 47.29 -4.37 -14.63
C LEU B 215 47.30 -2.85 -14.46
N VAL B 216 46.13 -2.23 -14.64
CA VAL B 216 46.04 -0.79 -14.50
C VAL B 216 44.84 -0.32 -13.68
N TYR B 217 45.02 0.81 -13.00
CA TYR B 217 43.98 1.49 -12.22
C TYR B 217 44.09 2.96 -12.63
N GLY B 218 43.01 3.54 -13.13
CA GLY B 218 43.07 4.92 -13.57
C GLY B 218 42.13 5.88 -12.85
N GLU B 219 42.61 7.10 -12.62
CA GLU B 219 41.79 8.11 -11.96
C GLU B 219 40.65 8.43 -12.90
N PRO B 220 39.50 8.85 -12.35
CA PRO B 220 39.16 9.05 -10.95
C PRO B 220 38.66 7.79 -10.23
N GLY B 221 39.00 6.63 -10.77
CA GLY B 221 38.56 5.39 -10.16
C GLY B 221 37.94 4.45 -11.18
N ILE B 222 38.69 4.11 -12.21
CA ILE B 222 38.17 3.20 -13.21
C ILE B 222 39.25 2.18 -13.54
N ASP B 223 38.81 1.00 -13.95
CA ASP B 223 39.76 -0.06 -14.29
C ASP B 223 40.13 0.06 -15.77
N GLU B 224 40.75 1.19 -16.11
CA GLU B 224 41.19 1.50 -17.46
C GLU B 224 42.36 2.43 -17.36
N VAL B 225 43.02 2.70 -18.47
CA VAL B 225 44.10 3.66 -18.45
C VAL B 225 43.29 4.95 -18.23
N SER B 226 43.73 5.79 -17.30
CA SER B 226 43.03 7.05 -16.98
C SER B 226 42.97 8.06 -18.11
N PRO B 227 41.76 8.49 -18.47
CA PRO B 227 41.58 9.49 -19.54
C PRO B 227 41.73 10.92 -19.02
N ILE B 228 41.68 11.10 -17.70
CA ILE B 228 41.76 12.43 -17.10
C ILE B 228 43.02 12.74 -16.32
N GLY B 229 43.78 11.71 -15.96
CA GLY B 229 44.99 11.96 -15.19
C GLY B 229 45.96 10.81 -15.08
N ASN B 230 46.30 10.45 -13.85
CA ASN B 230 47.24 9.38 -13.58
C ASN B 230 46.70 7.95 -13.63
N THR B 231 47.56 7.06 -14.10
CA THR B 231 47.26 5.65 -14.18
C THR B 231 48.35 4.92 -13.41
N PHE B 232 47.95 3.96 -12.58
CA PHE B 232 48.91 3.18 -11.82
C PHE B 232 48.89 1.77 -12.41
N MET B 233 50.05 1.26 -12.82
CA MET B 233 50.10 -0.06 -13.41
C MET B 233 51.18 -0.98 -12.87
N LYS B 234 50.94 -2.27 -13.04
CA LYS B 234 51.86 -3.30 -12.61
C LYS B 234 52.15 -4.12 -13.86
N ILE B 235 53.43 -4.23 -14.21
CA ILE B 235 53.81 -5.01 -15.36
C ILE B 235 54.33 -6.31 -14.80
N VAL B 236 53.55 -7.37 -15.01
CA VAL B 236 53.86 -8.70 -14.52
C VAL B 236 54.39 -9.61 -15.60
N SER B 237 55.50 -10.29 -15.29
CA SER B 237 56.13 -11.23 -16.21
C SER B 237 56.90 -12.26 -15.42
N LYS B 238 57.43 -13.27 -16.10
CA LYS B 238 58.19 -14.34 -15.46
C LYS B 238 59.30 -13.76 -14.59
N ARG B 239 59.90 -12.66 -15.03
CA ARG B 239 60.99 -12.06 -14.27
C ARG B 239 60.60 -11.22 -13.04
N GLY B 240 59.32 -10.92 -12.89
CA GLY B 240 58.92 -10.14 -11.73
C GLY B 240 57.80 -9.17 -12.02
N ILE B 241 57.57 -8.25 -11.08
CA ILE B 241 56.53 -7.25 -11.21
C ILE B 241 57.14 -5.85 -11.23
N GLU B 242 56.89 -5.15 -12.32
CA GLU B 242 57.41 -3.79 -12.48
C GLU B 242 56.34 -2.75 -12.22
N GLU B 243 56.67 -1.76 -11.43
CA GLU B 243 55.74 -0.68 -11.09
C GLU B 243 55.93 0.48 -12.05
N VAL B 244 54.82 1.02 -12.56
CA VAL B 244 54.88 2.16 -13.47
C VAL B 244 53.76 3.15 -13.23
N LYS B 245 54.11 4.42 -13.12
CA LYS B 245 53.10 5.45 -12.92
C LYS B 245 53.11 6.34 -14.17
N LEU B 246 51.91 6.62 -14.67
CA LEU B 246 51.77 7.37 -15.90
C LEU B 246 50.67 8.42 -15.82
N ASN B 247 50.82 9.50 -16.59
CA ASN B 247 49.79 10.53 -16.64
C ASN B 247 49.34 10.53 -18.09
N VAL B 248 48.09 10.93 -18.31
CA VAL B 248 47.54 10.94 -19.65
C VAL B 248 48.35 11.81 -20.62
N THR B 249 48.97 12.86 -20.10
CA THR B 249 49.77 13.74 -20.97
C THR B 249 50.97 13.00 -21.55
N ASP B 250 51.40 11.93 -20.89
CA ASP B 250 52.53 11.15 -21.38
C ASP B 250 52.22 10.46 -22.72
N PHE B 251 50.95 10.51 -23.13
CA PHE B 251 50.54 9.90 -24.39
C PHE B 251 50.57 10.97 -25.47
N GLY B 252 50.96 12.18 -25.08
CA GLY B 252 51.02 13.27 -26.04
C GLY B 252 49.69 13.94 -26.33
N ILE B 253 48.75 13.81 -25.41
CA ILE B 253 47.44 14.45 -25.60
C ILE B 253 47.06 15.17 -24.33
N SER B 254 45.92 15.86 -24.40
CA SER B 254 45.41 16.61 -23.26
C SER B 254 44.32 15.81 -22.58
N PRO B 255 44.15 16.01 -21.27
CA PRO B 255 43.13 15.29 -20.51
C PRO B 255 41.81 15.23 -21.26
N ILE B 256 41.12 14.11 -21.18
CA ILE B 256 39.84 13.95 -21.86
C ILE B 256 38.72 14.19 -20.85
N PRO B 257 37.73 15.02 -21.21
CA PRO B 257 36.63 15.29 -20.28
C PRO B 257 35.82 14.01 -20.13
N ILE B 258 35.79 13.49 -18.90
CA ILE B 258 35.08 12.25 -18.64
C ILE B 258 33.62 12.25 -19.10
N GLU B 259 32.98 13.42 -19.11
CA GLU B 259 31.57 13.53 -19.53
C GLU B 259 31.39 12.88 -20.90
N LYS B 260 32.34 13.14 -21.80
CA LYS B 260 32.29 12.60 -23.16
C LYS B 260 32.44 11.08 -23.27
N LEU B 261 32.88 10.43 -22.20
CA LEU B 261 33.10 9.00 -22.26
C LEU B 261 32.02 8.16 -21.55
N ILE B 262 30.98 8.81 -21.07
CA ILE B 262 29.91 8.11 -20.35
C ILE B 262 28.75 7.77 -21.28
N VAL B 263 28.26 6.54 -21.19
CA VAL B 263 27.15 6.07 -22.03
C VAL B 263 25.95 5.75 -21.16
N ASN B 264 24.79 5.58 -21.78
CA ASN B 264 23.58 5.23 -21.04
C ASN B 264 22.81 4.04 -21.61
N SER B 265 23.49 3.24 -22.42
CA SER B 265 22.88 2.05 -23.03
C SER B 265 23.89 1.37 -23.94
N ALA B 266 23.60 0.12 -24.31
CA ALA B 266 24.49 -0.63 -25.19
C ALA B 266 24.57 0.03 -26.56
N GLU B 267 23.42 0.41 -27.10
CA GLU B 267 23.38 1.06 -28.42
C GLU B 267 24.16 2.36 -28.44
N ASP B 268 23.98 3.17 -27.40
CA ASP B 268 24.66 4.46 -27.30
C ASP B 268 26.18 4.22 -27.28
N SER B 269 26.58 3.15 -26.60
CA SER B 269 27.99 2.79 -26.51
C SER B 269 28.49 2.36 -27.89
N ALA B 270 27.69 1.56 -28.57
CA ALA B 270 28.03 1.07 -29.90
C ALA B 270 28.23 2.26 -30.84
N ILE B 271 27.33 3.24 -30.75
CA ILE B 271 27.39 4.43 -31.58
C ILE B 271 28.67 5.21 -31.29
N LYS B 272 28.98 5.41 -30.02
CA LYS B 272 30.19 6.15 -29.67
C LYS B 272 31.42 5.48 -30.29
N ILE B 273 31.48 4.16 -30.18
CA ILE B 273 32.62 3.46 -30.72
C ILE B 273 32.69 3.62 -32.25
N VAL B 274 31.58 3.38 -32.91
CA VAL B 274 31.53 3.51 -34.36
C VAL B 274 31.90 4.93 -34.80
N ARG B 275 31.40 5.93 -34.10
CA ARG B 275 31.75 7.30 -34.45
C ARG B 275 33.25 7.46 -34.28
N ALA B 276 33.79 6.92 -33.19
CA ALA B 276 35.21 7.01 -32.93
C ALA B 276 35.96 6.41 -34.12
N PHE B 277 35.51 5.25 -34.58
CA PHE B 277 36.13 4.57 -35.72
C PHE B 277 35.98 5.40 -37.01
N LEU B 278 34.90 6.17 -37.10
CA LEU B 278 34.64 6.99 -38.29
C LEU B 278 35.39 8.32 -38.28
N GLY B 279 36.00 8.64 -37.14
CA GLY B 279 36.73 9.89 -37.03
C GLY B 279 35.78 11.01 -36.66
N LYS B 280 34.61 10.63 -36.16
CA LYS B 280 33.60 11.59 -35.77
C LYS B 280 33.43 11.74 -34.26
N ASP B 281 34.43 11.29 -33.48
CA ASP B 281 34.39 11.41 -32.02
C ASP B 281 35.80 11.21 -31.48
N GLU B 282 36.60 12.27 -31.60
CA GLU B 282 37.98 12.27 -31.16
C GLU B 282 38.22 11.88 -29.71
N HIS B 283 37.34 12.29 -28.81
CA HIS B 283 37.53 11.97 -27.39
C HIS B 283 37.41 10.49 -27.08
N VAL B 284 36.42 9.84 -27.66
CA VAL B 284 36.25 8.41 -27.46
C VAL B 284 37.40 7.68 -28.16
N ALA B 285 37.87 8.22 -29.28
CA ALA B 285 38.94 7.61 -30.04
C ALA B 285 40.23 7.66 -29.25
N GLU B 286 40.44 8.77 -28.54
CA GLU B 286 41.63 8.98 -27.73
C GLU B 286 41.64 8.02 -26.55
N PHE B 287 40.47 7.82 -25.94
CA PHE B 287 40.31 6.93 -24.80
C PHE B 287 40.67 5.51 -25.24
N ILE B 288 40.19 5.13 -26.43
CA ILE B 288 40.46 3.83 -26.99
C ILE B 288 41.94 3.69 -27.30
N LYS B 289 42.52 4.71 -27.92
CA LYS B 289 43.94 4.66 -28.26
C LYS B 289 44.91 4.65 -27.08
N ILE B 290 44.60 5.34 -25.98
CA ILE B 290 45.54 5.30 -24.86
C ILE B 290 45.51 3.91 -24.21
N ASN B 291 44.37 3.23 -24.28
CA ASN B 291 44.27 1.88 -23.72
C ASN B 291 44.98 0.90 -24.66
N THR B 292 44.67 1.00 -25.96
CA THR B 292 45.31 0.12 -26.93
C THR B 292 46.83 0.27 -26.84
N ALA B 293 47.29 1.50 -26.60
CA ALA B 293 48.73 1.77 -26.50
C ALA B 293 49.40 0.90 -25.44
N VAL B 294 48.79 0.80 -24.27
CA VAL B 294 49.37 -0.01 -23.21
C VAL B 294 49.33 -1.49 -23.59
N ALA B 295 48.28 -1.91 -24.30
CA ALA B 295 48.18 -3.31 -24.71
C ALA B 295 49.30 -3.60 -25.70
N LEU B 296 49.49 -2.67 -26.62
CA LEU B 296 50.54 -2.78 -27.64
C LEU B 296 51.87 -2.92 -26.92
N PHE B 297 52.03 -2.20 -25.81
CA PHE B 297 53.27 -2.29 -25.06
C PHE B 297 53.38 -3.69 -24.45
N ALA B 298 52.24 -4.25 -24.05
CA ALA B 298 52.23 -5.59 -23.45
C ALA B 298 52.70 -6.63 -24.46
N LEU B 299 52.29 -6.47 -25.71
CA LEU B 299 52.69 -7.39 -26.78
C LEU B 299 54.10 -7.05 -27.25
N ASP B 300 54.70 -6.04 -26.63
CA ASP B 300 56.04 -5.63 -26.99
C ASP B 300 56.18 -5.11 -28.43
N ARG B 301 55.08 -4.63 -29.01
CA ARG B 301 55.14 -4.12 -30.37
C ARG B 301 55.72 -2.71 -30.43
N VAL B 302 55.76 -2.01 -29.30
CA VAL B 302 56.29 -0.65 -29.26
C VAL B 302 57.27 -0.50 -28.10
N GLY B 303 58.16 0.48 -28.21
CA GLY B 303 59.15 0.69 -27.16
C GLY B 303 58.67 1.51 -25.97
N ASP B 304 57.64 2.31 -26.19
CA ASP B 304 57.07 3.13 -25.12
C ASP B 304 55.62 3.51 -25.41
N PHE B 305 54.95 4.06 -24.41
CA PHE B 305 53.54 4.43 -24.52
C PHE B 305 53.22 5.47 -25.58
N ARG B 306 54.09 6.46 -25.77
CA ARG B 306 53.82 7.47 -26.78
C ARG B 306 53.83 6.78 -28.15
N GLU B 307 54.78 5.89 -28.35
CA GLU B 307 54.88 5.15 -29.61
C GLU B 307 53.65 4.26 -29.75
N GLY B 308 53.17 3.74 -28.62
CA GLY B 308 51.99 2.89 -28.65
C GLY B 308 50.76 3.68 -29.07
N TYR B 309 50.65 4.90 -28.55
CA TYR B 309 49.51 5.75 -28.89
C TYR B 309 49.53 6.08 -30.38
N GLU B 310 50.71 6.44 -30.89
CA GLU B 310 50.86 6.79 -32.30
C GLU B 310 50.54 5.59 -33.18
N TYR B 311 51.02 4.43 -32.78
CA TYR B 311 50.77 3.23 -33.56
C TYR B 311 49.26 2.92 -33.56
N ALA B 312 48.61 3.10 -32.41
CA ALA B 312 47.17 2.84 -32.29
C ALA B 312 46.36 3.70 -33.26
N ASP B 313 46.87 4.89 -33.60
CA ASP B 313 46.15 5.74 -34.54
C ASP B 313 45.99 5.06 -35.89
N HIS B 314 47.04 4.37 -36.34
CA HIS B 314 46.98 3.67 -37.63
C HIS B 314 45.96 2.54 -37.58
N LEU B 315 45.81 1.92 -36.42
CA LEU B 315 44.88 0.81 -36.27
C LEU B 315 43.41 1.24 -36.21
N ILE B 316 43.12 2.36 -35.56
CA ILE B 316 41.72 2.79 -35.49
C ILE B 316 41.15 3.11 -36.88
N GLU B 317 42.01 3.58 -37.79
CA GLU B 317 41.55 3.91 -39.14
C GLU B 317 41.06 2.70 -39.94
N LYS B 318 41.48 1.50 -39.56
CA LYS B 318 41.07 0.29 -40.29
C LYS B 318 40.14 -0.55 -39.44
N SER B 319 39.80 -0.06 -38.25
CA SER B 319 38.96 -0.84 -37.36
C SER B 319 37.50 -1.00 -37.76
N LEU B 320 36.91 0.00 -38.41
CA LEU B 320 35.52 -0.16 -38.82
C LEU B 320 35.45 -1.30 -39.85
N ASP B 321 36.41 -1.36 -40.77
CA ASP B 321 36.43 -2.43 -41.76
C ASP B 321 36.61 -3.78 -41.07
N LYS B 322 37.55 -3.82 -40.12
CA LYS B 322 37.81 -5.05 -39.38
C LYS B 322 36.56 -5.45 -38.61
N LEU B 323 35.86 -4.47 -38.04
CA LEU B 323 34.66 -4.78 -37.29
C LEU B 323 33.66 -5.43 -38.25
N ASN B 324 33.58 -4.87 -39.45
CA ASN B 324 32.68 -5.38 -40.46
C ASN B 324 33.00 -6.84 -40.83
N GLU B 325 34.28 -7.13 -41.08
CA GLU B 325 34.65 -8.50 -41.42
C GLU B 325 34.38 -9.45 -40.26
N ILE B 326 34.65 -9.01 -39.03
CA ILE B 326 34.43 -9.86 -37.86
C ILE B 326 32.96 -10.23 -37.68
N ILE B 327 32.07 -9.24 -37.80
CA ILE B 327 30.64 -9.46 -37.64
C ILE B 327 29.96 -10.16 -38.81
N SER B 328 30.48 -10.00 -40.01
CA SER B 328 29.86 -10.67 -41.16
C SER B 328 30.15 -12.15 -41.06
N MET B 329 31.24 -12.50 -40.37
CA MET B 329 31.65 -13.89 -40.21
C MET B 329 30.95 -14.53 -39.01
N ASN B 330 30.29 -13.71 -38.20
CA ASN B 330 29.59 -14.21 -37.02
C ASN B 330 28.60 -13.19 -36.47
N GLY B 331 27.39 -13.15 -37.03
CA GLY B 331 26.42 -12.19 -36.56
C GLY B 331 25.59 -11.60 -37.69
N ASP B 332 25.16 -10.34 -37.52
CA ASP B 332 24.34 -9.67 -38.52
C ASP B 332 24.85 -8.24 -38.79
N VAL B 333 25.29 -8.02 -40.03
CA VAL B 333 25.83 -6.72 -40.45
C VAL B 333 24.78 -5.63 -40.60
N THR B 334 23.54 -6.02 -40.91
CA THR B 334 22.47 -5.04 -41.07
C THR B 334 22.28 -4.21 -39.81
N LYS B 335 22.62 -4.78 -38.66
CA LYS B 335 22.51 -4.07 -37.39
C LYS B 335 23.61 -3.03 -37.32
N LEU B 336 24.79 -3.43 -37.77
CA LEU B 336 25.95 -2.57 -37.78
C LEU B 336 25.71 -1.36 -38.68
N LYS B 337 25.21 -1.62 -39.89
CA LYS B 337 24.93 -0.55 -40.84
C LYS B 337 23.97 0.47 -40.24
N THR B 338 23.05 -0.01 -39.41
CA THR B 338 22.09 0.87 -38.76
C THR B 338 22.85 1.78 -37.79
N ILE B 339 23.80 1.19 -37.08
CA ILE B 339 24.62 1.92 -36.12
C ILE B 339 25.45 2.94 -36.89
N VAL B 340 25.93 2.53 -38.06
CA VAL B 340 26.73 3.37 -38.91
C VAL B 340 25.95 4.59 -39.36
N VAL B 341 24.70 4.38 -39.73
CA VAL B 341 23.83 5.46 -40.17
C VAL B 341 23.53 6.40 -39.01
N LYS B 342 23.19 5.83 -37.86
CA LYS B 342 22.87 6.61 -36.68
C LYS B 342 24.05 7.42 -36.15
N SER B 343 25.16 7.41 -36.87
CA SER B 343 26.34 8.14 -36.44
C SER B 343 27.09 8.84 -37.56
N SER B 344 26.37 9.30 -38.58
CA SER B 344 27.00 9.98 -39.70
C SER B 344 26.27 11.28 -40.05
N MET C 1 14.62 -1.13 8.75
CA MET C 1 14.77 -2.61 8.71
C MET C 1 15.61 -3.03 7.50
N ASN C 2 15.01 -3.80 6.59
CA ASN C 2 15.70 -4.29 5.40
C ASN C 2 16.99 -5.03 5.71
N ILE C 3 16.98 -6.33 5.43
CA ILE C 3 18.11 -7.21 5.68
C ILE C 3 19.44 -6.79 5.08
N ASN C 4 19.41 -6.33 3.83
CA ASN C 4 20.64 -5.92 3.16
C ASN C 4 21.35 -4.77 3.85
N GLU C 5 20.60 -3.75 4.25
CA GLU C 5 21.20 -2.62 4.95
C GLU C 5 21.92 -3.18 6.17
N ILE C 6 21.27 -4.14 6.83
CA ILE C 6 21.84 -4.77 8.00
C ILE C 6 23.10 -5.56 7.66
N LEU C 7 22.98 -6.43 6.68
CA LEU C 7 24.13 -7.25 6.30
C LEU C 7 25.34 -6.38 5.92
N LYS C 8 25.10 -5.35 5.10
CA LYS C 8 26.19 -4.47 4.69
C LYS C 8 26.82 -3.79 5.90
N LYS C 9 25.98 -3.44 6.86
CA LYS C 9 26.43 -2.80 8.08
C LYS C 9 27.37 -3.73 8.85
N LEU C 10 26.96 -5.00 8.95
CA LEU C 10 27.75 -6.01 9.66
C LEU C 10 29.03 -6.34 8.90
N ILE C 11 28.95 -6.39 7.56
CA ILE C 11 30.14 -6.68 6.77
C ILE C 11 31.16 -5.56 7.03
N ASN C 12 30.66 -4.34 7.26
CA ASN C 12 31.54 -3.21 7.54
C ASN C 12 32.01 -3.20 8.97
N LYS C 13 31.63 -4.22 9.73
CA LYS C 13 32.02 -4.35 11.12
C LYS C 13 31.47 -3.24 12.03
N SER C 14 30.21 -2.87 11.81
CA SER C 14 29.57 -1.85 12.63
C SER C 14 28.55 -2.52 13.55
N ASP C 15 28.65 -2.27 14.85
CA ASP C 15 27.70 -2.87 15.78
C ASP C 15 26.31 -2.38 15.44
N LEU C 16 25.31 -3.17 15.79
CA LEU C 16 23.93 -2.80 15.54
C LEU C 16 23.34 -2.21 16.83
N GLU C 17 22.28 -1.40 16.71
CA GLU C 17 21.64 -0.85 17.89
C GLU C 17 20.75 -1.96 18.44
N ILE C 18 20.43 -1.89 19.73
CA ILE C 18 19.60 -2.91 20.35
C ILE C 18 18.33 -3.23 19.57
N ASN C 19 17.56 -2.22 19.19
CA ASN C 19 16.34 -2.52 18.45
C ASN C 19 16.58 -3.03 17.04
N GLU C 20 17.67 -2.62 16.41
CA GLU C 20 18.00 -3.13 15.08
C GLU C 20 18.16 -4.64 15.23
N ALA C 21 19.05 -5.03 16.14
CA ALA C 21 19.34 -6.44 16.40
C ALA C 21 18.09 -7.24 16.80
N GLU C 22 17.23 -6.65 17.63
CA GLU C 22 16.02 -7.34 18.04
C GLU C 22 15.09 -7.58 16.86
N GLU C 23 14.90 -6.54 16.03
CA GLU C 23 14.04 -6.67 14.86
C GLU C 23 14.64 -7.73 13.94
N LEU C 24 15.95 -7.69 13.77
CA LEU C 24 16.65 -8.67 12.93
C LEU C 24 16.41 -10.08 13.47
N ALA C 25 16.56 -10.24 14.78
CA ALA C 25 16.38 -11.53 15.44
C ALA C 25 14.96 -12.02 15.26
N LYS C 26 13.99 -11.13 15.44
CA LYS C 26 12.60 -11.51 15.29
C LYS C 26 12.27 -11.98 13.89
N ALA C 27 12.84 -11.30 12.89
CA ALA C 27 12.59 -11.65 11.50
C ALA C 27 13.18 -13.02 11.20
N ILE C 28 14.38 -13.26 11.70
CA ILE C 28 15.05 -14.53 11.49
C ILE C 28 14.30 -15.69 12.16
N ILE C 29 13.99 -15.52 13.44
CA ILE C 29 13.30 -16.55 14.20
C ILE C 29 11.91 -16.84 13.66
N ARG C 30 11.26 -15.83 13.09
CA ARG C 30 9.93 -16.04 12.52
C ARG C 30 10.04 -16.76 11.19
N GLY C 31 11.27 -16.95 10.73
CA GLY C 31 11.49 -17.64 9.47
C GLY C 31 11.18 -16.82 8.22
N GLU C 32 11.19 -15.50 8.35
CA GLU C 32 10.89 -14.63 7.21
C GLU C 32 12.12 -14.02 6.57
N VAL C 33 13.23 -14.76 6.63
CA VAL C 33 14.49 -14.34 6.03
C VAL C 33 15.11 -15.55 5.35
N PRO C 34 15.44 -15.43 4.06
CA PRO C 34 16.05 -16.53 3.29
C PRO C 34 17.24 -17.15 4.01
N GLU C 35 17.35 -18.47 3.93
CA GLU C 35 18.44 -19.21 4.56
C GLU C 35 19.80 -18.64 4.18
N ILE C 36 19.95 -18.29 2.91
CA ILE C 36 21.20 -17.72 2.41
C ILE C 36 21.60 -16.47 3.19
N LEU C 37 20.62 -15.60 3.47
CA LEU C 37 20.89 -14.37 4.19
C LEU C 37 21.02 -14.61 5.69
N VAL C 38 20.25 -15.57 6.21
CA VAL C 38 20.34 -15.90 7.63
C VAL C 38 21.76 -16.40 7.88
N SER C 39 22.23 -17.23 6.96
CA SER C 39 23.58 -17.80 7.05
C SER C 39 24.66 -16.72 7.02
N ALA C 40 24.52 -15.76 6.10
CA ALA C 40 25.49 -14.68 5.98
C ALA C 40 25.50 -13.76 7.21
N ILE C 41 24.32 -13.47 7.75
CA ILE C 41 24.25 -12.61 8.92
C ILE C 41 24.92 -13.23 10.13
N LEU C 42 24.67 -14.52 10.38
CA LEU C 42 25.30 -15.19 11.51
C LEU C 42 26.81 -15.22 11.36
N VAL C 43 27.30 -15.47 10.16
CA VAL C 43 28.73 -15.50 9.93
C VAL C 43 29.37 -14.12 10.11
N ALA C 44 28.77 -13.11 9.50
CA ALA C 44 29.29 -11.76 9.62
C ALA C 44 29.29 -11.34 11.08
N LEU C 45 28.22 -11.71 11.77
CA LEU C 45 28.07 -11.38 13.18
C LEU C 45 29.20 -12.00 14.00
N ARG C 46 29.55 -13.24 13.71
CA ARG C 46 30.63 -13.87 14.46
C ARG C 46 31.99 -13.28 14.09
N MET C 47 32.24 -13.08 12.80
CA MET C 47 33.53 -12.51 12.38
C MET C 47 33.71 -11.09 12.87
N LYS C 48 32.62 -10.35 12.98
CA LYS C 48 32.70 -8.97 13.48
C LYS C 48 32.94 -9.06 14.99
N GLY C 49 32.25 -10.00 15.61
CA GLY C 49 32.35 -10.18 17.04
C GLY C 49 31.11 -9.53 17.61
N GLU C 50 30.15 -10.33 18.05
CA GLU C 50 28.92 -9.76 18.59
C GLU C 50 29.16 -8.84 19.79
N SER C 51 28.44 -7.72 19.82
CA SER C 51 28.55 -6.73 20.87
C SER C 51 27.44 -6.90 21.90
N LYS C 52 27.55 -6.19 23.01
CA LYS C 52 26.56 -6.27 24.05
C LYS C 52 25.14 -6.02 23.55
N ASN C 53 24.94 -4.90 22.87
CA ASN C 53 23.62 -4.54 22.37
C ASN C 53 23.05 -5.64 21.49
N GLU C 54 23.87 -6.22 20.61
CA GLU C 54 23.38 -7.27 19.75
C GLU C 54 22.92 -8.47 20.55
N ILE C 55 23.61 -8.76 21.64
CA ILE C 55 23.22 -9.90 22.46
C ILE C 55 21.91 -9.59 23.16
N VAL C 56 21.80 -8.38 23.69
CA VAL C 56 20.59 -7.96 24.37
C VAL C 56 19.38 -8.02 23.42
N GLY C 57 19.57 -7.49 22.21
CA GLY C 57 18.51 -7.45 21.21
C GLY C 57 18.02 -8.85 20.89
N PHE C 58 18.96 -9.73 20.54
CA PHE C 58 18.59 -11.09 20.21
C PHE C 58 17.91 -11.80 21.37
N ALA C 59 18.39 -11.54 22.58
CA ALA C 59 17.83 -12.17 23.77
C ALA C 59 16.37 -11.78 23.93
N ARG C 60 16.12 -10.47 23.90
CA ARG C 60 14.76 -9.98 24.03
C ARG C 60 13.84 -10.51 22.92
N ALA C 61 14.40 -10.72 21.74
CA ALA C 61 13.62 -11.23 20.62
C ALA C 61 13.14 -12.63 20.94
N MET C 62 14.06 -13.47 21.43
CA MET C 62 13.75 -14.85 21.79
C MET C 62 12.79 -14.99 22.96
N ARG C 63 13.05 -14.24 24.03
CA ARG C 63 12.18 -14.28 25.20
C ARG C 63 10.75 -13.97 24.81
N GLU C 64 10.59 -13.04 23.87
CA GLU C 64 9.29 -12.62 23.43
C GLU C 64 8.53 -13.61 22.57
N LEU C 65 9.23 -14.53 21.92
CA LEU C 65 8.56 -15.52 21.09
C LEU C 65 8.55 -16.89 21.76
N ALA C 66 8.95 -16.93 23.03
CA ALA C 66 9.00 -18.19 23.75
C ALA C 66 7.73 -18.57 24.51
N ILE C 67 7.54 -19.87 24.72
CA ILE C 67 6.41 -20.35 25.48
C ILE C 67 6.84 -20.04 26.91
N LYS C 68 5.98 -19.44 27.72
CA LYS C 68 6.39 -19.12 29.08
C LYS C 68 5.59 -19.80 30.18
N ILE C 69 6.18 -19.77 31.38
CA ILE C 69 5.58 -20.29 32.60
C ILE C 69 6.08 -19.34 33.68
N ASP C 70 5.30 -19.17 34.74
CA ASP C 70 5.70 -18.25 35.79
C ASP C 70 6.30 -18.93 37.02
N VAL C 71 7.56 -18.63 37.28
CA VAL C 71 8.28 -19.17 38.44
C VAL C 71 9.56 -18.36 38.65
N PRO C 72 9.46 -17.00 38.67
CA PRO C 72 10.65 -16.17 38.87
C PRO C 72 11.50 -16.50 40.10
N ASN C 73 10.85 -17.15 41.07
CA ASN C 73 11.46 -17.57 42.33
C ASN C 73 12.48 -18.70 42.13
N ALA C 74 12.39 -19.35 40.98
CA ALA C 74 13.26 -20.46 40.65
C ALA C 74 14.68 -20.05 40.31
N ILE C 75 15.57 -21.02 40.31
CA ILE C 75 16.95 -20.80 39.94
C ILE C 75 17.23 -21.77 38.79
N ASP C 76 18.21 -21.45 37.95
CA ASP C 76 18.60 -22.26 36.82
C ASP C 76 20.12 -22.35 36.88
N THR C 77 20.70 -23.40 36.33
CA THR C 77 22.15 -23.57 36.35
C THR C 77 22.74 -23.79 34.96
N ALA C 78 21.95 -23.58 33.93
CA ALA C 78 22.42 -23.78 32.56
C ALA C 78 23.53 -22.82 32.12
N GLY C 79 24.46 -23.34 31.33
CA GLY C 79 25.56 -22.52 30.84
C GLY C 79 25.66 -22.59 29.32
N THR C 80 26.40 -21.67 28.72
CA THR C 80 26.54 -21.61 27.27
C THR C 80 27.04 -22.87 26.58
N GLY C 81 27.85 -23.65 27.29
CA GLY C 81 28.42 -24.83 26.69
C GLY C 81 29.47 -24.37 25.68
N GLY C 82 29.86 -25.23 24.77
CA GLY C 82 30.84 -24.84 23.76
C GLY C 82 32.30 -25.06 24.10
N ASP C 83 32.60 -25.44 25.34
CA ASP C 83 33.98 -25.69 25.74
C ASP C 83 34.54 -26.98 25.12
N GLY C 84 33.64 -27.83 24.63
CA GLY C 84 34.04 -29.08 23.99
C GLY C 84 34.98 -30.04 24.71
N LEU C 85 34.90 -30.12 26.03
CA LEU C 85 35.74 -31.04 26.80
C LEU C 85 34.96 -32.32 27.10
N GLY C 86 33.64 -32.27 26.92
CA GLY C 86 32.81 -33.43 27.18
C GLY C 86 32.88 -33.89 28.64
N THR C 87 32.70 -32.96 29.57
CA THR C 87 32.73 -33.29 30.99
C THR C 87 31.35 -33.76 31.37
N VAL C 88 31.26 -34.44 32.51
CA VAL C 88 30.00 -34.93 33.03
C VAL C 88 29.05 -33.72 33.10
N ASN C 89 27.74 -33.95 32.96
CA ASN C 89 26.77 -32.86 33.01
C ASN C 89 26.60 -32.37 34.46
N VAL C 90 27.54 -31.55 34.91
CA VAL C 90 27.51 -31.09 36.29
C VAL C 90 26.43 -30.06 36.68
N SER C 91 25.91 -29.28 35.73
CA SER C 91 24.86 -28.35 36.14
C SER C 91 23.52 -29.04 36.30
N THR C 92 23.27 -30.08 35.51
CA THR C 92 22.04 -30.82 35.63
C THR C 92 22.09 -31.54 36.98
N ALA C 93 23.25 -32.12 37.26
CA ALA C 93 23.45 -32.85 38.51
C ALA C 93 23.28 -31.88 39.66
N SER C 94 23.86 -30.69 39.50
CA SER C 94 23.77 -29.65 40.51
C SER C 94 22.35 -29.13 40.64
N ALA C 95 21.58 -29.16 39.56
CA ALA C 95 20.21 -28.67 39.60
C ALA C 95 19.36 -29.54 40.51
N ILE C 96 19.71 -30.81 40.59
CA ILE C 96 18.98 -31.74 41.44
C ILE C 96 19.23 -31.49 42.93
N LEU C 97 20.47 -31.17 43.31
CA LEU C 97 20.76 -30.89 44.71
C LEU C 97 19.99 -29.64 45.15
N LEU C 98 19.95 -28.65 44.26
CA LEU C 98 19.29 -27.39 44.54
C LEU C 98 17.79 -27.51 44.75
N SER C 99 17.16 -28.47 44.09
CA SER C 99 15.72 -28.62 44.19
C SER C 99 15.30 -28.98 45.62
N LEU C 100 16.28 -29.40 46.41
CA LEU C 100 16.06 -29.78 47.81
C LEU C 100 15.87 -28.53 48.69
N VAL C 101 16.30 -27.37 48.21
CA VAL C 101 16.17 -26.14 48.98
C VAL C 101 15.58 -24.95 48.23
N ASN C 102 15.19 -25.14 46.98
CA ASN C 102 14.64 -24.04 46.20
C ASN C 102 14.06 -24.54 44.89
N PRO C 103 12.98 -23.90 44.41
CA PRO C 103 12.39 -24.34 43.15
C PRO C 103 13.46 -24.25 42.06
N VAL C 104 13.55 -25.28 41.23
CA VAL C 104 14.52 -25.30 40.15
C VAL C 104 13.88 -25.44 38.78
N ALA C 105 14.19 -24.50 37.89
CA ALA C 105 13.68 -24.49 36.52
C ALA C 105 14.90 -24.57 35.61
N LYS C 106 15.31 -25.79 35.29
CA LYS C 106 16.48 -26.04 34.46
C LYS C 106 16.17 -25.92 32.98
N HIS C 107 16.81 -24.95 32.32
CA HIS C 107 16.63 -24.75 30.88
C HIS C 107 17.78 -25.55 30.27
N GLY C 108 17.49 -26.38 29.27
CA GLY C 108 18.55 -27.16 28.66
C GLY C 108 18.22 -27.69 27.28
N ASN C 109 19.20 -28.30 26.63
CA ASN C 109 19.02 -28.83 25.28
C ASN C 109 19.86 -30.10 25.12
N ARG C 110 19.69 -30.77 23.98
CA ARG C 110 20.46 -31.96 23.69
C ARG C 110 21.84 -31.50 23.23
N ALA C 111 22.74 -32.44 22.97
CA ALA C 111 24.06 -32.07 22.50
C ALA C 111 24.45 -32.86 21.25
N VAL C 112 25.55 -32.45 20.63
CA VAL C 112 26.10 -33.10 19.44
C VAL C 112 27.62 -32.85 19.47
N SER C 113 28.02 -31.93 20.36
CA SER C 113 29.43 -31.57 20.55
C SER C 113 30.00 -32.42 21.69
N GLY C 114 29.40 -33.59 21.89
CA GLY C 114 29.85 -34.48 22.96
C GLY C 114 28.87 -35.61 23.17
N LYS C 115 27.77 -35.58 22.43
CA LYS C 115 26.74 -36.61 22.53
C LYS C 115 26.10 -36.72 23.92
N SER C 116 26.34 -35.73 24.78
CA SER C 116 25.73 -35.75 26.11
C SER C 116 25.46 -34.38 26.71
N GLY C 117 24.32 -33.80 26.32
CA GLY C 117 23.93 -32.51 26.85
C GLY C 117 22.95 -32.71 28.00
N SER C 118 22.53 -31.63 28.63
CA SER C 118 21.61 -31.69 29.75
C SER C 118 20.42 -32.57 29.49
N ALA C 119 19.75 -32.33 28.36
CA ALA C 119 18.57 -33.12 28.00
C ALA C 119 18.88 -34.59 27.81
N ASP C 120 20.03 -34.90 27.22
CA ASP C 120 20.41 -36.29 26.98
C ASP C 120 20.59 -37.08 28.26
N VAL C 121 21.32 -36.52 29.23
CA VAL C 121 21.53 -37.25 30.47
C VAL C 121 20.19 -37.45 31.18
N LEU C 122 19.34 -36.42 31.20
CA LEU C 122 18.04 -36.50 31.86
C LEU C 122 17.19 -37.61 31.28
N GLU C 123 17.26 -37.76 29.97
CA GLU C 123 16.51 -38.77 29.25
C GLU C 123 17.05 -40.15 29.65
N ALA C 124 18.38 -40.25 29.75
CA ALA C 124 19.03 -41.49 30.12
C ALA C 124 18.70 -41.89 31.55
N LEU C 125 18.33 -40.93 32.40
CA LEU C 125 17.97 -41.25 33.79
C LEU C 125 16.54 -41.74 33.87
N GLY C 126 15.79 -41.58 32.79
CA GLY C 126 14.40 -42.02 32.78
C GLY C 126 13.42 -40.86 32.80
N TYR C 127 13.95 -39.64 32.86
CA TYR C 127 13.13 -38.43 32.89
C TYR C 127 12.47 -38.20 31.52
N ASN C 128 11.29 -37.60 31.55
CA ASN C 128 10.54 -37.26 30.34
C ASN C 128 10.87 -35.81 29.99
N ILE C 129 11.91 -35.60 29.19
CA ILE C 129 12.33 -34.25 28.86
C ILE C 129 11.27 -33.33 28.24
N ILE C 130 10.28 -33.91 27.55
CA ILE C 130 9.22 -33.07 26.97
C ILE C 130 8.14 -32.80 28.01
N VAL C 131 8.10 -31.59 28.53
CA VAL C 131 7.12 -31.20 29.55
C VAL C 131 6.22 -30.00 29.18
N PRO C 132 4.93 -30.26 28.89
CA PRO C 132 3.99 -29.19 28.53
C PRO C 132 3.91 -28.16 29.66
N PRO C 133 3.86 -26.86 29.31
CA PRO C 133 3.79 -25.78 30.30
C PRO C 133 2.85 -25.99 31.49
N GLU C 134 1.60 -26.35 31.22
CA GLU C 134 0.68 -26.57 32.33
C GLU C 134 1.20 -27.67 33.27
N ARG C 135 1.73 -28.74 32.71
CA ARG C 135 2.26 -29.83 33.53
C ARG C 135 3.54 -29.38 34.23
N ALA C 136 4.35 -28.57 33.54
CA ALA C 136 5.61 -28.10 34.11
C ALA C 136 5.36 -27.44 35.46
N LYS C 137 4.43 -26.49 35.46
CA LYS C 137 4.08 -25.77 36.68
C LYS C 137 3.69 -26.76 37.79
N GLU C 138 2.92 -27.78 37.42
CA GLU C 138 2.51 -28.78 38.39
C GLU C 138 3.72 -29.48 39.02
N LEU C 139 4.62 -29.96 38.17
CA LEU C 139 5.81 -30.67 38.63
C LEU C 139 6.71 -29.87 39.56
N VAL C 140 6.81 -28.56 39.33
CA VAL C 140 7.66 -27.74 40.19
C VAL C 140 7.06 -27.58 41.56
N ASN C 141 5.73 -27.53 41.65
CA ASN C 141 5.08 -27.37 42.95
C ASN C 141 5.12 -28.65 43.75
N LYS C 142 5.08 -29.78 43.04
CA LYS C 142 5.12 -31.06 43.72
C LYS C 142 6.55 -31.45 44.07
N THR C 143 7.42 -31.55 43.07
CA THR C 143 8.80 -31.96 43.32
C THR C 143 9.84 -30.83 43.42
N ASN C 144 9.44 -29.61 43.14
CA ASN C 144 10.36 -28.46 43.21
C ASN C 144 11.42 -28.51 42.10
N PHE C 145 11.10 -29.18 41.01
CA PHE C 145 12.04 -29.30 39.89
C PHE C 145 11.32 -29.56 38.58
N VAL C 146 11.86 -29.01 37.50
CA VAL C 146 11.31 -29.21 36.18
C VAL C 146 12.36 -28.86 35.16
N PHE C 147 12.43 -29.64 34.09
CA PHE C 147 13.40 -29.37 33.04
C PHE C 147 12.61 -28.72 31.91
N LEU C 148 13.15 -27.63 31.37
CA LEU C 148 12.47 -26.92 30.29
C LEU C 148 13.28 -27.10 29.02
N PHE C 149 12.85 -28.08 28.22
CA PHE C 149 13.48 -28.45 26.95
C PHE C 149 13.46 -27.29 25.95
N ALA C 150 14.64 -26.72 25.68
CA ALA C 150 14.74 -25.60 24.74
C ALA C 150 13.99 -25.79 23.43
N GLN C 151 14.21 -26.92 22.76
CA GLN C 151 13.56 -27.19 21.47
C GLN C 151 12.05 -27.15 21.51
N TYR C 152 11.49 -27.36 22.70
CA TYR C 152 10.04 -27.36 22.89
C TYR C 152 9.50 -26.02 23.40
N TYR C 153 10.30 -25.30 24.20
CA TYR C 153 9.83 -24.02 24.72
C TYR C 153 10.18 -22.82 23.84
N HIS C 154 10.92 -23.07 22.76
CA HIS C 154 11.26 -22.02 21.81
C HIS C 154 10.95 -22.63 20.45
N PRO C 155 9.70 -23.02 20.21
CA PRO C 155 9.25 -23.64 18.96
C PRO C 155 9.56 -22.89 17.66
N ALA C 156 9.84 -21.60 17.75
CA ALA C 156 10.15 -20.81 16.57
C ALA C 156 11.60 -20.98 16.17
N MET C 157 12.43 -21.47 17.11
CA MET C 157 13.84 -21.68 16.83
C MET C 157 14.08 -22.78 15.80
N LYS C 158 13.02 -23.48 15.40
CA LYS C 158 13.16 -24.52 14.40
C LYS C 158 13.32 -23.87 13.02
N ASN C 159 13.02 -22.58 12.94
CA ASN C 159 13.14 -21.85 11.68
C ASN C 159 14.60 -21.47 11.40
N VAL C 160 15.50 -21.83 12.31
CA VAL C 160 16.90 -21.51 12.13
C VAL C 160 17.72 -22.77 12.29
N ALA C 161 17.04 -23.88 12.56
CA ALA C 161 17.69 -25.18 12.77
C ALA C 161 18.54 -25.63 11.59
N ASN C 162 17.98 -25.56 10.38
CA ASN C 162 18.72 -26.00 9.22
C ASN C 162 20.00 -25.21 9.01
N VAL C 163 19.89 -23.88 8.99
CA VAL C 163 21.05 -23.05 8.77
C VAL C 163 22.13 -23.33 9.83
N ARG C 164 21.76 -23.38 11.10
CA ARG C 164 22.73 -23.64 12.16
C ARG C 164 23.36 -25.02 12.03
N LYS C 165 22.56 -26.01 11.66
CA LYS C 165 23.08 -27.35 11.51
C LYS C 165 24.02 -27.42 10.32
N THR C 166 23.60 -26.85 9.20
CA THR C 166 24.39 -26.84 7.98
C THR C 166 25.71 -26.11 8.19
N LEU C 167 25.65 -24.96 8.84
CA LEU C 167 26.87 -24.19 9.12
C LEU C 167 27.86 -24.99 9.96
N GLY C 168 27.34 -25.71 10.94
CA GLY C 168 28.18 -26.51 11.81
C GLY C 168 29.24 -25.73 12.56
N ILE C 169 28.97 -24.48 12.91
CA ILE C 169 29.94 -23.68 13.65
C ILE C 169 29.18 -22.92 14.72
N ARG C 170 29.89 -22.37 15.70
CA ARG C 170 29.21 -21.63 16.76
C ARG C 170 28.76 -20.26 16.27
N THR C 171 27.53 -19.89 16.62
CA THR C 171 26.99 -18.60 16.26
C THR C 171 26.52 -17.91 17.53
N ILE C 172 25.93 -16.73 17.38
CA ILE C 172 25.43 -15.97 18.52
C ILE C 172 24.38 -16.77 19.31
N PHE C 173 23.66 -17.66 18.63
CA PHE C 173 22.64 -18.45 19.29
C PHE C 173 23.17 -19.46 20.30
N ASN C 174 24.46 -19.75 20.21
CA ASN C 174 25.06 -20.72 21.11
C ASN C 174 25.46 -20.17 22.46
N ILE C 175 25.12 -18.90 22.71
CA ILE C 175 25.44 -18.29 23.99
C ILE C 175 24.22 -17.54 24.54
N LEU C 176 23.08 -17.76 23.91
CA LEU C 176 21.85 -17.09 24.31
C LEU C 176 20.92 -18.00 25.12
N GLY C 177 21.13 -19.30 25.01
CA GLY C 177 20.28 -20.24 25.73
C GLY C 177 20.09 -19.92 27.21
N PRO C 178 21.19 -19.75 27.96
CA PRO C 178 21.07 -19.45 29.39
C PRO C 178 20.39 -18.13 29.75
N LEU C 179 20.35 -17.21 28.79
CA LEU C 179 19.73 -15.89 29.01
C LEU C 179 18.24 -15.90 28.63
N THR C 180 17.72 -17.05 28.25
CA THR C 180 16.31 -17.13 27.84
C THR C 180 15.48 -18.16 28.59
N ASN C 181 15.73 -18.31 29.89
CA ASN C 181 14.99 -19.28 30.70
C ASN C 181 13.49 -19.05 30.49
N PRO C 182 12.76 -20.10 30.05
CA PRO C 182 11.31 -20.03 29.80
C PRO C 182 10.44 -19.72 31.03
N ALA C 183 11.00 -19.89 32.22
CA ALA C 183 10.27 -19.63 33.45
C ALA C 183 10.65 -18.27 34.01
N ASN C 184 11.50 -17.56 33.28
CA ASN C 184 11.98 -16.26 33.70
C ASN C 184 12.58 -16.32 35.10
N ALA C 185 13.43 -17.32 35.35
CA ALA C 185 14.06 -17.46 36.66
C ALA C 185 14.93 -16.24 36.93
N LYS C 186 14.82 -15.68 38.13
CA LYS C 186 15.59 -14.49 38.47
C LYS C 186 16.94 -14.82 39.09
N TYR C 187 17.11 -16.05 39.55
CA TYR C 187 18.36 -16.48 40.15
C TYR C 187 18.99 -17.46 39.19
N GLN C 188 20.30 -17.32 38.96
CA GLN C 188 20.92 -18.22 38.01
C GLN C 188 22.43 -18.25 38.02
N LEU C 189 22.96 -19.45 37.83
CA LEU C 189 24.40 -19.67 37.75
C LEU C 189 24.61 -19.95 36.26
N MET C 190 25.41 -19.10 35.61
CA MET C 190 25.64 -19.26 34.18
C MET C 190 27.11 -19.42 33.80
N GLY C 191 27.44 -20.57 33.22
CA GLY C 191 28.81 -20.80 32.81
C GLY C 191 29.05 -20.25 31.43
N VAL C 192 30.21 -19.63 31.23
CA VAL C 192 30.58 -19.07 29.94
C VAL C 192 31.87 -19.77 29.54
N PHE C 193 31.96 -20.21 28.29
CA PHE C 193 33.15 -20.94 27.88
C PHE C 193 34.44 -20.14 27.69
N SER C 194 34.38 -18.82 27.60
CA SER C 194 35.61 -18.05 27.45
C SER C 194 35.65 -16.85 28.39
N LYS C 195 36.85 -16.34 28.65
CA LYS C 195 36.96 -15.21 29.55
C LYS C 195 36.53 -13.89 28.89
N ASP C 196 36.62 -13.81 27.57
CA ASP C 196 36.19 -12.59 26.88
C ASP C 196 34.67 -12.49 27.01
N HIS C 197 33.99 -13.62 26.84
CA HIS C 197 32.54 -13.67 26.95
C HIS C 197 32.04 -13.33 28.36
N LEU C 198 32.91 -13.48 29.36
CA LEU C 198 32.55 -13.20 30.74
C LEU C 198 32.18 -11.73 30.92
N ASP C 199 32.95 -10.86 30.29
CA ASP C 199 32.73 -9.42 30.37
C ASP C 199 31.45 -9.09 29.61
N LEU C 200 31.41 -9.50 28.35
CA LEU C 200 30.30 -9.27 27.45
C LEU C 200 28.94 -9.76 27.95
N LEU C 201 28.89 -11.01 28.36
CA LEU C 201 27.64 -11.60 28.83
C LEU C 201 27.20 -11.09 30.18
N SER C 202 28.15 -10.64 31.00
CA SER C 202 27.77 -10.11 32.31
C SER C 202 27.09 -8.76 32.08
N LYS C 203 27.71 -7.88 31.32
CA LYS C 203 27.14 -6.57 31.04
C LYS C 203 25.78 -6.67 30.38
N SER C 204 25.58 -7.72 29.58
CA SER C 204 24.30 -7.94 28.91
C SER C 204 23.27 -8.43 29.90
N ALA C 205 23.69 -9.32 30.80
CA ALA C 205 22.81 -9.86 31.83
C ALA C 205 22.33 -8.70 32.71
N TYR C 206 23.26 -7.80 33.01
CA TYR C 206 22.99 -6.63 33.84
C TYR C 206 21.74 -5.89 33.39
N GLU C 207 21.47 -5.95 32.09
CA GLU C 207 20.32 -5.29 31.48
C GLU C 207 19.22 -6.26 31.11
N LEU C 208 19.26 -7.47 31.64
CA LEU C 208 18.22 -8.45 31.32
C LEU C 208 17.29 -8.78 32.48
N ASP C 209 17.30 -7.91 33.49
CA ASP C 209 16.38 -8.01 34.63
C ASP C 209 16.44 -9.25 35.50
N PHE C 210 17.61 -9.56 36.05
CA PHE C 210 17.76 -10.71 36.95
C PHE C 210 17.86 -10.13 38.36
N ASN C 211 17.58 -10.94 39.38
CA ASN C 211 17.73 -10.46 40.73
C ASN C 211 19.18 -10.72 41.06
N LYS C 212 19.65 -11.91 40.64
CA LYS C 212 21.03 -12.28 40.85
C LYS C 212 21.46 -13.40 39.91
N ILE C 213 22.44 -13.09 39.06
CA ILE C 213 22.97 -14.07 38.13
C ILE C 213 24.48 -14.05 38.26
N ILE C 214 25.07 -15.19 38.54
CA ILE C 214 26.51 -15.29 38.66
C ILE C 214 27.04 -16.00 37.43
N LEU C 215 27.95 -15.35 36.71
CA LEU C 215 28.53 -15.96 35.53
C LEU C 215 29.93 -16.41 35.92
N VAL C 216 30.31 -17.60 35.45
CA VAL C 216 31.62 -18.14 35.78
C VAL C 216 32.33 -18.78 34.59
N TYR C 217 33.66 -18.66 34.61
CA TYR C 217 34.56 -19.20 33.61
C TYR C 217 35.61 -19.94 34.43
N GLY C 218 35.86 -21.20 34.11
CA GLY C 218 36.85 -21.93 34.89
C GLY C 218 38.00 -22.44 34.05
N GLU C 219 39.16 -22.60 34.68
CA GLU C 219 40.34 -23.14 33.99
C GLU C 219 40.08 -24.63 33.89
N PRO C 220 40.59 -25.29 32.84
CA PRO C 220 41.40 -24.72 31.76
C PRO C 220 40.60 -24.27 30.53
N GLY C 221 39.37 -23.81 30.75
CA GLY C 221 38.53 -23.37 29.65
C GLY C 221 37.26 -24.19 29.68
N ILE C 222 36.44 -23.94 30.68
CA ILE C 222 35.21 -24.65 30.87
C ILE C 222 34.21 -23.66 31.47
N ASP C 223 32.95 -23.75 31.07
CA ASP C 223 31.94 -22.85 31.60
C ASP C 223 31.32 -23.43 32.86
N GLU C 224 32.20 -23.69 33.84
CA GLU C 224 31.82 -24.25 35.13
C GLU C 224 32.80 -23.70 36.15
N VAL C 225 32.53 -23.96 37.42
CA VAL C 225 33.47 -23.56 38.46
C VAL C 225 34.62 -24.52 38.15
N SER C 226 35.83 -24.01 38.10
CA SER C 226 37.00 -24.81 37.78
C SER C 226 37.31 -25.91 38.79
N PRO C 227 37.47 -27.14 38.29
CA PRO C 227 37.77 -28.29 39.13
C PRO C 227 39.25 -28.42 39.40
N ILE C 228 40.08 -27.80 38.54
CA ILE C 228 41.53 -27.89 38.70
C ILE C 228 42.21 -26.64 39.25
N GLY C 229 41.62 -25.47 39.03
CA GLY C 229 42.26 -24.27 39.51
C GLY C 229 41.41 -23.03 39.72
N ASN C 230 41.74 -21.97 39.01
CA ASN C 230 41.02 -20.71 39.16
C ASN C 230 39.72 -20.58 38.39
N THR C 231 38.78 -19.89 39.03
CA THR C 231 37.45 -19.63 38.49
C THR C 231 37.27 -18.12 38.51
N PHE C 232 36.79 -17.55 37.41
CA PHE C 232 36.53 -16.11 37.38
C PHE C 232 35.03 -15.94 37.28
N MET C 233 34.47 -15.07 38.12
CA MET C 233 33.03 -14.86 38.09
C MET C 233 32.54 -13.43 38.27
N LYS C 234 31.40 -13.16 37.65
CA LYS C 234 30.77 -11.84 37.71
C LYS C 234 29.46 -12.02 38.45
N ILE C 235 29.29 -11.28 39.53
CA ILE C 235 28.05 -11.36 40.27
C ILE C 235 27.24 -10.16 39.84
N VAL C 236 26.19 -10.43 39.07
CA VAL C 236 25.31 -9.40 38.52
C VAL C 236 23.99 -9.24 39.28
N SER C 237 23.71 -8.02 39.74
CA SER C 237 22.49 -7.73 40.49
C SER C 237 21.96 -6.35 40.11
N LYS C 238 20.91 -5.90 40.79
CA LYS C 238 20.36 -4.58 40.50
C LYS C 238 21.38 -3.51 40.87
N ARG C 239 22.16 -3.77 41.91
CA ARG C 239 23.18 -2.81 42.37
C ARG C 239 24.43 -2.71 41.50
N GLY C 240 24.70 -3.71 40.67
CA GLY C 240 25.89 -3.63 39.81
C GLY C 240 26.49 -4.95 39.38
N ILE C 241 27.79 -4.92 39.06
CA ILE C 241 28.53 -6.09 38.64
C ILE C 241 29.78 -6.27 39.50
N GLU C 242 29.73 -7.25 40.41
CA GLU C 242 30.84 -7.51 41.32
C GLU C 242 31.75 -8.57 40.70
N GLU C 243 33.06 -8.34 40.75
CA GLU C 243 33.99 -9.33 40.22
C GLU C 243 34.54 -10.17 41.35
N VAL C 244 34.82 -11.44 41.07
CA VAL C 244 35.31 -12.34 42.10
C VAL C 244 36.22 -13.42 41.53
N LYS C 245 37.43 -13.50 42.06
CA LYS C 245 38.41 -14.50 41.63
C LYS C 245 38.31 -15.61 42.65
N LEU C 246 38.60 -16.84 42.25
CA LEU C 246 38.47 -17.96 43.16
C LEU C 246 39.31 -19.15 42.71
N ASN C 247 39.90 -19.87 43.66
CA ASN C 247 40.71 -21.04 43.34
C ASN C 247 40.02 -22.25 43.96
N VAL C 248 40.11 -23.41 43.31
CA VAL C 248 39.44 -24.60 43.80
C VAL C 248 39.75 -24.93 45.26
N THR C 249 40.98 -24.64 45.71
CA THR C 249 41.32 -24.94 47.09
C THR C 249 40.50 -24.07 48.05
N ASP C 250 39.95 -22.94 47.59
CA ASP C 250 39.16 -22.11 48.49
C ASP C 250 37.96 -22.90 49.00
N PHE C 251 37.56 -23.93 48.27
CA PHE C 251 36.43 -24.76 48.66
C PHE C 251 36.87 -25.73 49.75
N GLY C 252 38.14 -25.67 50.11
CA GLY C 252 38.65 -26.58 51.14
C GLY C 252 38.95 -27.96 50.60
N ILE C 253 39.19 -28.07 49.31
CA ILE C 253 39.49 -29.37 48.73
C ILE C 253 40.71 -29.26 47.82
N SER C 254 41.22 -30.40 47.36
CA SER C 254 42.39 -30.43 46.49
C SER C 254 41.94 -30.46 45.03
N PRO C 255 42.76 -29.92 44.12
CA PRO C 255 42.40 -29.93 42.71
C PRO C 255 41.94 -31.33 42.29
N ILE C 256 40.94 -31.36 41.42
CA ILE C 256 40.39 -32.60 40.94
C ILE C 256 40.98 -32.90 39.56
N PRO C 257 41.47 -34.12 39.36
CA PRO C 257 42.06 -34.51 38.07
C PRO C 257 40.93 -34.48 37.05
N ILE C 258 41.04 -33.59 36.07
CA ILE C 258 40.02 -33.42 35.06
C ILE C 258 39.71 -34.69 34.26
N GLU C 259 40.67 -35.61 34.20
CA GLU C 259 40.48 -36.87 33.49
C GLU C 259 39.35 -37.69 34.09
N LYS C 260 39.09 -37.51 35.38
CA LYS C 260 38.04 -38.26 36.07
C LYS C 260 36.65 -37.62 35.91
N LEU C 261 36.58 -36.50 35.21
CA LEU C 261 35.30 -35.81 35.01
C LEU C 261 34.80 -35.85 33.58
N ILE C 262 35.53 -36.56 32.72
CA ILE C 262 35.13 -36.66 31.32
C ILE C 262 34.20 -37.87 31.08
N VAL C 263 33.23 -37.68 30.21
CA VAL C 263 32.28 -38.74 29.89
C VAL C 263 32.36 -39.08 28.39
N ASN C 264 31.81 -40.23 28.01
CA ASN C 264 31.83 -40.66 26.61
C ASN C 264 30.44 -40.85 26.00
N SER C 265 29.40 -40.68 26.83
CA SER C 265 28.03 -40.85 26.36
C SER C 265 27.06 -40.39 27.45
N ALA C 266 25.78 -40.31 27.10
CA ALA C 266 24.77 -39.87 28.05
C ALA C 266 24.63 -40.84 29.22
N GLU C 267 24.64 -42.13 28.94
CA GLU C 267 24.50 -43.13 29.99
C GLU C 267 25.71 -43.06 30.92
N ASP C 268 26.90 -43.02 30.34
CA ASP C 268 28.13 -42.94 31.13
C ASP C 268 28.02 -41.76 32.10
N SER C 269 27.55 -40.62 31.57
CA SER C 269 27.36 -39.41 32.38
C SER C 269 26.34 -39.67 33.49
N ALA C 270 25.23 -40.31 33.13
CA ALA C 270 24.20 -40.63 34.11
C ALA C 270 24.77 -41.54 35.22
N ILE C 271 25.63 -42.48 34.84
CA ILE C 271 26.23 -43.40 35.80
C ILE C 271 27.16 -42.61 36.71
N LYS C 272 27.99 -41.76 36.12
CA LYS C 272 28.92 -40.94 36.89
C LYS C 272 28.17 -40.18 37.98
N ILE C 273 27.07 -39.54 37.58
CA ILE C 273 26.26 -38.76 38.51
C ILE C 273 25.67 -39.59 39.63
N VAL C 274 25.05 -40.73 39.28
CA VAL C 274 24.45 -41.59 40.28
C VAL C 274 25.52 -42.14 41.23
N ARG C 275 26.69 -42.49 40.71
CA ARG C 275 27.76 -43.00 41.55
C ARG C 275 28.13 -41.90 42.54
N ALA C 276 28.18 -40.67 42.06
CA ALA C 276 28.51 -39.54 42.90
C ALA C 276 27.47 -39.45 44.00
N PHE C 277 26.21 -39.66 43.63
CA PHE C 277 25.10 -39.61 44.59
C PHE C 277 25.17 -40.77 45.57
N LEU C 278 25.75 -41.88 45.13
CA LEU C 278 25.89 -43.08 45.95
C LEU C 278 27.12 -43.01 46.87
N GLY C 279 27.96 -42.01 46.68
CA GLY C 279 29.15 -41.87 47.49
C GLY C 279 30.24 -42.74 46.92
N LYS C 280 30.01 -43.25 45.71
CA LYS C 280 30.96 -44.13 45.04
C LYS C 280 31.87 -43.43 44.01
N ASP C 281 31.91 -42.10 44.02
CA ASP C 281 32.76 -41.35 43.09
C ASP C 281 32.94 -39.94 43.65
N GLU C 282 33.90 -39.79 44.54
CA GLU C 282 34.15 -38.51 45.17
C GLU C 282 34.65 -37.39 44.27
N HIS C 283 35.31 -37.72 43.16
CA HIS C 283 35.80 -36.67 42.26
C HIS C 283 34.62 -35.99 41.56
N VAL C 284 33.70 -36.79 41.05
CA VAL C 284 32.53 -36.24 40.39
C VAL C 284 31.66 -35.51 41.41
N ALA C 285 31.58 -36.05 42.63
CA ALA C 285 30.78 -35.43 43.68
C ALA C 285 31.34 -34.07 44.06
N GLU C 286 32.66 -33.96 44.10
CA GLU C 286 33.33 -32.71 44.43
C GLU C 286 33.04 -31.67 43.35
N PHE C 287 33.09 -32.09 42.10
CA PHE C 287 32.85 -31.21 40.97
C PHE C 287 31.43 -30.66 41.07
N ILE C 288 30.50 -31.54 41.41
CA ILE C 288 29.10 -31.19 41.56
C ILE C 288 28.93 -30.23 42.74
N LYS C 289 29.62 -30.53 43.84
CA LYS C 289 29.53 -29.72 45.04
C LYS C 289 30.11 -28.32 44.94
N ILE C 290 31.26 -28.16 44.26
CA ILE C 290 31.84 -26.82 44.14
C ILE C 290 30.94 -25.93 43.30
N ASN C 291 30.24 -26.51 42.34
CA ASN C 291 29.31 -25.78 41.48
C ASN C 291 28.05 -25.42 42.25
N THR C 292 27.53 -26.42 42.96
CA THR C 292 26.34 -26.22 43.77
C THR C 292 26.62 -25.11 44.78
N ALA C 293 27.83 -25.12 45.32
CA ALA C 293 28.24 -24.14 46.33
C ALA C 293 28.09 -22.69 45.86
N VAL C 294 28.50 -22.41 44.62
CA VAL C 294 28.38 -21.05 44.10
C VAL C 294 26.90 -20.72 43.92
N ALA C 295 26.12 -21.68 43.40
CA ALA C 295 24.69 -21.48 43.21
C ALA C 295 24.05 -21.13 44.55
N LEU C 296 24.38 -21.92 45.59
CA LEU C 296 23.85 -21.66 46.93
C LEU C 296 24.16 -20.22 47.33
N PHE C 297 25.35 -19.76 46.95
CA PHE C 297 25.77 -18.41 47.26
C PHE C 297 24.91 -17.39 46.51
N ALA C 298 24.48 -17.74 45.30
CA ALA C 298 23.63 -16.84 44.52
C ALA C 298 22.24 -16.71 45.14
N LEU C 299 21.77 -17.79 45.77
CA LEU C 299 20.46 -17.80 46.44
C LEU C 299 20.64 -17.19 47.83
N ASP C 300 21.85 -16.73 48.13
CA ASP C 300 22.16 -16.13 49.42
C ASP C 300 21.85 -17.08 50.59
N ARG C 301 21.98 -18.38 50.34
CA ARG C 301 21.74 -19.39 51.36
C ARG C 301 22.97 -19.60 52.25
N VAL C 302 24.13 -19.11 51.79
CA VAL C 302 25.37 -19.23 52.55
C VAL C 302 26.14 -17.92 52.45
N GLY C 303 27.00 -17.66 53.45
CA GLY C 303 27.76 -16.43 53.45
C GLY C 303 29.03 -16.46 52.60
N ASP C 304 29.53 -17.66 52.33
CA ASP C 304 30.74 -17.80 51.54
C ASP C 304 30.85 -19.18 50.87
N PHE C 305 31.74 -19.26 49.91
CA PHE C 305 31.97 -20.48 49.12
C PHE C 305 32.31 -21.73 49.91
N ARG C 306 33.09 -21.59 50.97
CA ARG C 306 33.46 -22.74 51.77
C ARG C 306 32.21 -23.27 52.47
N GLU C 307 31.39 -22.36 52.95
CA GLU C 307 30.15 -22.72 53.63
C GLU C 307 29.27 -23.39 52.59
N GLY C 308 29.23 -22.82 51.38
CA GLY C 308 28.42 -23.39 50.32
C GLY C 308 28.81 -24.82 50.02
N TYR C 309 30.12 -25.08 50.00
CA TYR C 309 30.59 -26.43 49.70
C TYR C 309 30.18 -27.41 50.81
N GLU C 310 30.26 -26.96 52.06
CA GLU C 310 29.88 -27.83 53.17
C GLU C 310 28.39 -28.10 53.12
N TYR C 311 27.63 -27.05 52.81
CA TYR C 311 26.19 -27.14 52.71
C TYR C 311 25.84 -28.16 51.62
N ALA C 312 26.50 -28.03 50.47
CA ALA C 312 26.25 -28.93 49.34
C ALA C 312 26.50 -30.39 49.67
N ASP C 313 27.36 -30.64 50.65
CA ASP C 313 27.67 -32.01 51.03
C ASP C 313 26.52 -32.74 51.72
N HIS C 314 25.60 -31.99 52.34
CA HIS C 314 24.48 -32.63 52.98
C HIS C 314 23.40 -32.86 51.94
N LEU C 315 23.33 -31.97 50.95
CA LEU C 315 22.35 -32.12 49.89
C LEU C 315 22.64 -33.35 49.01
N ILE C 316 23.90 -33.53 48.63
CA ILE C 316 24.21 -34.67 47.77
C ILE C 316 23.80 -36.01 48.37
N GLU C 317 23.74 -36.06 49.70
CA GLU C 317 23.35 -37.30 50.38
C GLU C 317 21.87 -37.66 50.20
N LYS C 318 21.03 -36.66 49.93
CA LYS C 318 19.60 -36.89 49.73
C LYS C 318 19.24 -36.89 48.25
N SER C 319 20.19 -36.47 47.41
CA SER C 319 19.96 -36.37 45.98
C SER C 319 19.43 -37.58 45.23
N LEU C 320 19.90 -38.78 45.55
CA LEU C 320 19.38 -39.95 44.84
C LEU C 320 17.90 -40.13 45.14
N ASP C 321 17.49 -39.87 46.38
CA ASP C 321 16.08 -39.98 46.74
C ASP C 321 15.29 -38.97 45.92
N LYS C 322 15.75 -37.71 45.95
CA LYS C 322 15.09 -36.64 45.24
C LYS C 322 15.00 -36.96 43.75
N LEU C 323 16.08 -37.50 43.21
CA LEU C 323 16.09 -37.87 41.80
C LEU C 323 15.03 -38.92 41.55
N ASN C 324 14.85 -39.82 42.51
CA ASN C 324 13.86 -40.86 42.36
C ASN C 324 12.46 -40.26 42.35
N GLU C 325 12.17 -39.40 43.31
CA GLU C 325 10.84 -38.81 43.36
C GLU C 325 10.56 -37.96 42.12
N ILE C 326 11.57 -37.24 41.63
CA ILE C 326 11.42 -36.41 40.44
C ILE C 326 11.06 -37.24 39.21
N ILE C 327 11.81 -38.32 38.98
CA ILE C 327 11.57 -39.18 37.84
C ILE C 327 10.26 -39.97 37.92
N SER C 328 9.91 -40.42 39.12
CA SER C 328 8.68 -41.20 39.28
C SER C 328 7.48 -40.35 38.92
N MET C 329 7.57 -39.04 39.15
CA MET C 329 6.44 -38.18 38.83
C MET C 329 6.43 -37.78 37.36
N ASN C 330 7.54 -37.99 36.67
CA ASN C 330 7.63 -37.60 35.27
C ASN C 330 8.66 -38.38 34.49
N GLY C 331 8.37 -39.66 34.25
CA GLY C 331 9.29 -40.51 33.52
C GLY C 331 9.15 -41.98 33.83
N ASP C 332 10.28 -42.68 33.87
CA ASP C 332 10.30 -44.11 34.12
C ASP C 332 11.36 -44.48 35.17
N VAL C 333 10.95 -44.68 36.42
CA VAL C 333 11.90 -45.05 37.47
C VAL C 333 12.60 -46.38 37.24
N THR C 334 12.05 -47.21 36.36
CA THR C 334 12.65 -48.51 36.08
C THR C 334 13.89 -48.30 35.22
N LYS C 335 13.88 -47.23 34.43
CA LYS C 335 15.02 -46.91 33.57
C LYS C 335 16.11 -46.32 34.46
N LEU C 336 15.70 -45.64 35.51
CA LEU C 336 16.63 -45.04 36.45
C LEU C 336 17.33 -46.15 37.21
N LYS C 337 16.53 -47.12 37.69
CA LYS C 337 17.05 -48.22 38.47
C LYS C 337 18.04 -49.12 37.74
N THR C 338 17.98 -49.16 36.42
CA THR C 338 18.95 -49.98 35.70
C THR C 338 20.26 -49.19 35.78
N ILE C 339 20.14 -47.87 35.69
CA ILE C 339 21.30 -46.99 35.77
C ILE C 339 21.93 -47.16 37.14
N VAL C 340 21.08 -47.28 38.16
CA VAL C 340 21.57 -47.47 39.53
C VAL C 340 22.32 -48.80 39.58
N VAL C 341 21.75 -49.81 38.92
CA VAL C 341 22.37 -51.13 38.88
C VAL C 341 23.73 -51.08 38.18
N LYS C 342 23.80 -50.33 37.07
CA LYS C 342 25.06 -50.21 36.36
C LYS C 342 26.03 -49.39 37.18
N SER C 343 25.50 -48.54 38.05
CA SER C 343 26.33 -47.70 38.90
C SER C 343 26.71 -48.49 40.14
N MET D 1 -49.15 28.31 -3.66
CA MET D 1 -48.37 27.06 -3.36
C MET D 1 -48.21 26.18 -4.61
N ASN D 2 -47.12 26.41 -5.35
CA ASN D 2 -46.81 25.67 -6.58
C ASN D 2 -45.51 24.88 -6.44
N ILE D 3 -45.59 23.56 -6.62
CA ILE D 3 -44.43 22.69 -6.47
C ILE D 3 -43.22 23.05 -7.33
N ASN D 4 -43.46 23.39 -8.60
CA ASN D 4 -42.36 23.76 -9.49
C ASN D 4 -41.64 25.01 -8.98
N GLU D 5 -42.40 25.98 -8.50
CA GLU D 5 -41.79 27.18 -7.95
C GLU D 5 -40.96 26.80 -6.72
N ILE D 6 -41.49 25.88 -5.92
CA ILE D 6 -40.76 25.44 -4.73
C ILE D 6 -39.44 24.80 -5.16
N LEU D 7 -39.50 23.90 -6.14
CA LEU D 7 -38.30 23.23 -6.60
C LEU D 7 -37.24 24.19 -7.10
N LYS D 8 -37.62 25.14 -7.97
CA LYS D 8 -36.66 26.13 -8.48
C LYS D 8 -36.08 26.92 -7.32
N LYS D 9 -36.93 27.24 -6.36
CA LYS D 9 -36.49 27.97 -5.18
C LYS D 9 -35.40 27.19 -4.44
N LEU D 10 -35.60 25.89 -4.30
CA LEU D 10 -34.62 25.07 -3.61
C LEU D 10 -33.37 24.83 -4.47
N ILE D 11 -33.55 24.70 -5.79
CA ILE D 11 -32.40 24.50 -6.68
C ILE D 11 -31.52 25.73 -6.54
N ASN D 12 -32.14 26.87 -6.23
CA ASN D 12 -31.38 28.11 -6.05
C ASN D 12 -30.87 28.25 -4.61
N LYS D 13 -31.18 27.26 -3.78
CA LYS D 13 -30.73 27.27 -2.40
C LYS D 13 -31.32 28.39 -1.54
N SER D 14 -32.60 28.66 -1.72
CA SER D 14 -33.28 29.66 -0.93
C SER D 14 -34.18 28.94 0.07
N ASP D 15 -33.99 29.25 1.35
CA ASP D 15 -34.80 28.61 2.40
C ASP D 15 -36.27 28.98 2.21
N LEU D 16 -37.15 28.05 2.55
CA LEU D 16 -38.59 28.27 2.43
C LEU D 16 -39.10 28.99 3.67
N GLU D 17 -40.21 29.70 3.54
CA GLU D 17 -40.81 30.39 4.66
C GLU D 17 -41.48 29.28 5.47
N ILE D 18 -41.72 29.49 6.77
CA ILE D 18 -42.33 28.44 7.57
C ILE D 18 -43.61 27.91 6.92
N ASN D 19 -44.52 28.81 6.59
CA ASN D 19 -45.79 28.43 5.97
C ASN D 19 -45.66 27.77 4.60
N GLU D 20 -44.61 28.09 3.86
CA GLU D 20 -44.41 27.46 2.55
C GLU D 20 -44.06 26.00 2.79
N ALA D 21 -43.15 25.79 3.73
CA ALA D 21 -42.68 24.45 4.07
C ALA D 21 -43.82 23.59 4.57
N GLU D 22 -44.64 24.13 5.48
CA GLU D 22 -45.74 23.38 6.04
C GLU D 22 -46.70 22.95 4.94
N GLU D 23 -47.03 23.87 4.05
CA GLU D 23 -47.93 23.57 2.95
C GLU D 23 -47.31 22.53 2.03
N LEU D 24 -45.99 22.61 1.84
CA LEU D 24 -45.26 21.65 1.00
C LEU D 24 -45.30 20.26 1.63
N ALA D 25 -45.01 20.19 2.92
CA ALA D 25 -45.02 18.94 3.66
C ALA D 25 -46.43 18.36 3.65
N LYS D 26 -47.43 19.22 3.87
CA LYS D 26 -48.81 18.74 3.85
C LYS D 26 -49.19 18.10 2.52
N ALA D 27 -48.76 18.70 1.42
CA ALA D 27 -49.05 18.15 0.10
C ALA D 27 -48.32 16.84 -0.11
N ILE D 28 -47.07 16.77 0.31
CA ILE D 28 -46.30 15.55 0.14
C ILE D 28 -46.89 14.41 0.99
N ILE D 29 -47.10 14.68 2.27
CA ILE D 29 -47.62 13.68 3.19
C ILE D 29 -49.05 13.27 2.83
N ARG D 30 -49.80 14.20 2.23
CA ARG D 30 -51.17 13.88 1.82
C ARG D 30 -51.12 13.03 0.56
N GLY D 31 -49.93 12.91 -0.02
CA GLY D 31 -49.77 12.12 -1.22
C GLY D 31 -50.20 12.78 -2.52
N GLU D 32 -50.24 14.11 -2.55
CA GLU D 32 -50.66 14.80 -3.76
C GLU D 32 -49.53 15.40 -4.62
N VAL D 33 -48.29 14.98 -4.35
CA VAL D 33 -47.14 15.45 -5.10
C VAL D 33 -46.54 14.26 -5.85
N PRO D 34 -46.28 14.41 -7.16
CA PRO D 34 -45.70 13.32 -7.96
C PRO D 34 -44.41 12.79 -7.34
N GLU D 35 -44.23 11.47 -7.35
CA GLU D 35 -43.04 10.86 -6.77
C GLU D 35 -41.73 11.41 -7.28
N ILE D 36 -41.75 11.87 -8.53
CA ILE D 36 -40.55 12.42 -9.15
C ILE D 36 -40.15 13.76 -8.53
N LEU D 37 -41.14 14.59 -8.22
CA LEU D 37 -40.91 15.89 -7.62
C LEU D 37 -40.66 15.73 -6.10
N VAL D 38 -41.39 14.80 -5.47
CA VAL D 38 -41.21 14.56 -4.03
C VAL D 38 -39.75 14.19 -3.84
N SER D 39 -39.25 13.38 -4.77
CA SER D 39 -37.86 12.93 -4.71
C SER D 39 -36.90 14.09 -4.91
N ALA D 40 -37.16 14.88 -5.95
CA ALA D 40 -36.29 16.02 -6.24
C ALA D 40 -36.28 17.01 -5.09
N ILE D 41 -37.46 17.28 -4.51
CA ILE D 41 -37.52 18.22 -3.40
C ILE D 41 -36.78 17.72 -2.15
N LEU D 42 -36.89 16.43 -1.83
CA LEU D 42 -36.17 15.89 -0.67
C LEU D 42 -34.64 15.97 -0.87
N VAL D 43 -34.19 15.73 -2.08
CA VAL D 43 -32.75 15.79 -2.36
C VAL D 43 -32.27 17.25 -2.35
N ALA D 44 -33.02 18.13 -2.99
CA ALA D 44 -32.66 19.54 -3.04
C ALA D 44 -32.66 20.11 -1.63
N LEU D 45 -33.66 19.71 -0.84
CA LEU D 45 -33.78 20.17 0.54
C LEU D 45 -32.54 19.77 1.33
N ARG D 46 -32.10 18.53 1.14
CA ARG D 46 -30.91 18.04 1.84
C ARG D 46 -29.60 18.64 1.35
N MET D 47 -29.47 18.81 0.03
CA MET D 47 -28.24 19.38 -0.48
C MET D 47 -28.11 20.87 -0.23
N LYS D 48 -29.25 21.52 -0.02
CA LYS D 48 -29.25 22.93 0.30
C LYS D 48 -28.94 23.02 1.80
N GLY D 49 -29.40 22.02 2.54
CA GLY D 49 -29.22 21.98 3.99
C GLY D 49 -30.49 22.56 4.57
N GLU D 50 -31.36 21.72 5.13
CA GLU D 50 -32.61 22.22 5.67
C GLU D 50 -32.41 23.29 6.75
N SER D 51 -33.35 24.23 6.82
CA SER D 51 -33.27 25.32 7.77
C SER D 51 -34.27 25.15 8.89
N LYS D 52 -34.13 25.99 9.91
CA LYS D 52 -35.01 25.93 11.06
C LYS D 52 -36.48 26.07 10.66
N ASN D 53 -36.79 26.98 9.74
CA ASN D 53 -38.17 27.17 9.33
C ASN D 53 -38.73 25.96 8.59
N GLU D 54 -37.88 25.25 7.86
CA GLU D 54 -38.35 24.09 7.13
C GLU D 54 -38.62 22.95 8.11
N ILE D 55 -37.71 22.74 9.06
CA ILE D 55 -37.89 21.71 10.07
C ILE D 55 -39.20 21.99 10.81
N VAL D 56 -39.40 23.24 11.20
CA VAL D 56 -40.60 23.63 11.93
C VAL D 56 -41.89 23.45 11.10
N GLY D 57 -41.81 23.78 9.82
CA GLY D 57 -42.97 23.63 8.96
C GLY D 57 -43.39 22.19 8.80
N PHE D 58 -42.40 21.35 8.47
CA PHE D 58 -42.64 19.93 8.29
C PHE D 58 -43.16 19.32 9.59
N ALA D 59 -42.50 19.62 10.71
CA ALA D 59 -42.92 19.09 11.99
C ALA D 59 -44.39 19.41 12.23
N ARG D 60 -44.76 20.67 12.03
CA ARG D 60 -46.14 21.10 12.24
C ARG D 60 -47.15 20.42 11.32
N ALA D 61 -46.75 20.12 10.10
CA ALA D 61 -47.65 19.45 9.18
C ALA D 61 -47.88 18.02 9.67
N MET D 62 -46.80 17.33 10.04
CA MET D 62 -46.91 15.95 10.53
C MET D 62 -47.75 15.84 11.77
N ARG D 63 -47.50 16.72 12.73
CA ARG D 63 -48.27 16.69 13.96
C ARG D 63 -49.76 16.85 13.64
N GLU D 64 -50.06 17.77 12.74
CA GLU D 64 -51.45 18.03 12.37
C GLU D 64 -52.19 16.83 11.80
N LEU D 65 -51.51 16.08 10.94
CA LEU D 65 -52.12 14.90 10.30
C LEU D 65 -51.93 13.62 11.13
N ALA D 66 -51.35 13.74 12.31
CA ALA D 66 -51.13 12.57 13.17
C ALA D 66 -52.33 12.19 14.02
N ILE D 67 -52.31 10.95 14.47
CA ILE D 67 -53.33 10.42 15.36
C ILE D 67 -52.79 10.77 16.75
N LYS D 68 -53.58 11.47 17.55
CA LYS D 68 -53.11 11.89 18.85
C LYS D 68 -53.84 11.30 20.06
N ILE D 69 -53.17 11.37 21.22
CA ILE D 69 -53.70 10.93 22.50
C ILE D 69 -53.25 11.99 23.50
N ASP D 70 -53.96 12.10 24.63
CA ASP D 70 -53.64 13.14 25.60
C ASP D 70 -52.74 12.78 26.78
N VAL D 71 -51.49 13.27 26.76
CA VAL D 71 -50.52 13.02 27.85
C VAL D 71 -49.30 13.98 27.76
N PRO D 72 -49.52 15.31 27.86
CA PRO D 72 -48.41 16.26 27.78
C PRO D 72 -47.39 16.13 28.93
N ASN D 73 -47.87 15.67 30.08
CA ASN D 73 -47.07 15.48 31.29
C ASN D 73 -46.08 14.32 31.09
N ALA D 74 -46.31 13.56 30.02
CA ALA D 74 -45.46 12.44 29.69
C ALA D 74 -44.10 12.93 29.21
N ILE D 75 -43.15 12.00 29.14
CA ILE D 75 -41.82 12.30 28.67
C ILE D 75 -41.46 11.26 27.61
N ASP D 76 -40.70 11.68 26.60
CA ASP D 76 -40.28 10.78 25.54
C ASP D 76 -38.76 10.79 25.54
N THR D 77 -38.16 9.72 25.04
CA THR D 77 -36.72 9.62 25.01
C THR D 77 -36.18 9.33 23.63
N ALA D 78 -37.04 9.31 22.62
CA ALA D 78 -36.60 9.00 21.25
C ALA D 78 -35.58 9.94 20.65
N GLY D 79 -34.69 9.36 19.83
CA GLY D 79 -33.67 10.13 19.14
C GLY D 79 -33.90 10.11 17.64
N THR D 80 -33.11 10.88 16.89
CA THR D 80 -33.26 10.93 15.44
C THR D 80 -32.65 9.71 14.80
N GLY D 81 -31.68 9.11 15.49
CA GLY D 81 -31.02 7.93 14.99
C GLY D 81 -30.06 8.26 13.86
N GLY D 82 -29.74 7.26 13.06
CA GLY D 82 -28.85 7.45 11.92
C GLY D 82 -27.35 7.56 12.17
N ASP D 83 -26.86 7.07 13.33
CA ASP D 83 -25.41 7.15 13.61
C ASP D 83 -24.65 5.91 13.16
N GLY D 84 -25.39 4.89 12.73
CA GLY D 84 -24.80 3.67 12.23
C GLY D 84 -23.93 2.76 13.09
N LEU D 85 -23.74 3.06 14.37
CA LEU D 85 -22.92 2.17 15.19
C LEU D 85 -23.64 0.86 15.51
N GLY D 86 -24.96 0.93 15.59
CA GLY D 86 -25.73 -0.26 15.89
C GLY D 86 -25.60 -0.56 17.38
N THR D 87 -25.82 0.45 18.22
CA THR D 87 -25.73 0.30 19.67
C THR D 87 -27.00 -0.29 20.25
N VAL D 88 -26.91 -0.76 21.49
CA VAL D 88 -28.05 -1.32 22.18
C VAL D 88 -29.09 -0.20 22.32
N ASN D 89 -30.36 -0.58 22.20
CA ASN D 89 -31.47 0.36 22.29
C ASN D 89 -31.58 0.98 23.69
N VAL D 90 -30.63 1.86 24.00
CA VAL D 90 -30.57 2.51 25.30
C VAL D 90 -31.73 3.45 25.68
N SER D 91 -32.33 4.13 24.72
CA SER D 91 -33.43 5.01 25.10
C SER D 91 -34.72 4.28 25.40
N THR D 92 -34.90 3.11 24.80
CA THR D 92 -36.09 2.33 25.05
C THR D 92 -35.94 1.79 26.46
N ALA D 93 -34.79 1.17 26.72
CA ALA D 93 -34.49 0.60 28.02
C ALA D 93 -34.52 1.73 29.04
N SER D 94 -34.03 2.89 28.64
CA SER D 94 -34.04 4.02 29.56
C SER D 94 -35.47 4.49 29.79
N ALA D 95 -36.35 4.22 28.83
CA ALA D 95 -37.75 4.62 28.95
C ALA D 95 -38.44 3.77 30.02
N ILE D 96 -37.99 2.54 30.18
CA ILE D 96 -38.57 1.65 31.18
C ILE D 96 -38.26 2.18 32.58
N LEU D 97 -37.03 2.65 32.78
CA LEU D 97 -36.62 3.19 34.07
C LEU D 97 -37.54 4.36 34.47
N LEU D 98 -37.74 5.30 33.54
CA LEU D 98 -38.55 6.49 33.77
C LEU D 98 -40.03 6.27 34.09
N SER D 99 -40.61 5.19 33.58
CA SER D 99 -42.01 4.92 33.85
C SER D 99 -42.18 4.66 35.34
N LEU D 100 -41.05 4.42 35.99
CA LEU D 100 -41.00 4.15 37.42
C LEU D 100 -41.15 5.45 38.19
N VAL D 101 -41.15 6.59 37.48
CA VAL D 101 -41.26 7.88 38.15
C VAL D 101 -42.17 8.88 37.44
N ASN D 102 -42.49 8.61 36.18
CA ASN D 102 -43.31 9.54 35.39
C ASN D 102 -43.94 8.82 34.19
N PRO D 103 -45.13 9.27 33.76
CA PRO D 103 -45.74 8.60 32.60
C PRO D 103 -44.81 8.78 31.42
N VAL D 104 -44.60 7.70 30.67
CA VAL D 104 -43.72 7.70 29.50
C VAL D 104 -44.45 7.33 28.23
N ALA D 105 -44.41 8.24 27.26
CA ALA D 105 -45.03 8.00 25.96
C ALA D 105 -43.88 7.94 24.96
N LYS D 106 -43.28 6.75 24.83
CA LYS D 106 -42.16 6.52 23.91
C LYS D 106 -42.58 6.46 22.45
N HIS D 107 -42.05 7.37 21.63
CA HIS D 107 -42.35 7.39 20.20
C HIS D 107 -41.23 6.58 19.55
N GLY D 108 -41.56 5.66 18.67
CA GLY D 108 -40.52 4.86 18.04
C GLY D 108 -40.88 4.18 16.74
N ASN D 109 -39.86 3.63 16.08
CA ASN D 109 -40.07 2.96 14.81
C ASN D 109 -39.18 1.73 14.71
N ARG D 110 -39.38 0.95 13.64
CA ARG D 110 -38.58 -0.24 13.39
C ARG D 110 -37.32 0.30 12.74
N ALA D 111 -36.40 -0.58 12.37
CA ALA D 111 -35.18 -0.10 11.74
C ALA D 111 -34.67 -1.07 10.68
N VAL D 112 -33.68 -0.60 9.94
CA VAL D 112 -33.01 -1.38 8.90
C VAL D 112 -31.52 -1.16 9.18
N SER D 113 -31.25 -0.17 10.05
CA SER D 113 -29.89 0.21 10.46
C SER D 113 -29.32 -0.79 11.47
N GLY D 114 -29.31 -2.06 11.09
CA GLY D 114 -28.80 -3.10 11.97
C GLY D 114 -29.85 -4.15 12.28
N LYS D 115 -31.11 -3.79 12.04
CA LYS D 115 -32.24 -4.66 12.31
C LYS D 115 -32.69 -4.63 13.76
N SER D 116 -32.28 -3.60 14.49
CA SER D 116 -32.68 -3.47 15.88
C SER D 116 -32.99 -2.04 16.29
N GLY D 117 -34.21 -1.60 15.97
CA GLY D 117 -34.63 -0.27 16.34
C GLY D 117 -35.53 -0.42 17.56
N SER D 118 -35.90 0.70 18.18
CA SER D 118 -36.75 0.70 19.36
C SER D 118 -37.93 -0.27 19.22
N ALA D 119 -38.67 -0.17 18.13
CA ALA D 119 -39.81 -1.05 17.94
C ALA D 119 -39.40 -2.51 17.81
N ASP D 120 -38.23 -2.76 17.21
CA ASP D 120 -37.75 -4.12 17.02
C ASP D 120 -37.41 -4.79 18.35
N VAL D 121 -36.72 -4.06 19.23
CA VAL D 121 -36.36 -4.65 20.50
C VAL D 121 -37.58 -4.90 21.40
N LEU D 122 -38.56 -3.99 21.37
CA LEU D 122 -39.76 -4.18 22.19
C LEU D 122 -40.50 -5.42 21.73
N GLU D 123 -40.52 -5.63 20.42
CA GLU D 123 -41.18 -6.81 19.86
C GLU D 123 -40.43 -8.08 20.30
N ALA D 124 -39.10 -7.98 20.43
CA ALA D 124 -38.30 -9.13 20.86
C ALA D 124 -38.58 -9.49 22.31
N LEU D 125 -38.86 -8.48 23.13
CA LEU D 125 -39.16 -8.73 24.54
C LEU D 125 -40.58 -9.26 24.70
N GLY D 126 -41.37 -9.21 23.62
CA GLY D 126 -42.73 -9.71 23.69
C GLY D 126 -43.83 -8.66 23.71
N TYR D 127 -43.44 -7.40 23.61
CA TYR D 127 -44.41 -6.29 23.60
C TYR D 127 -45.23 -6.26 22.30
N ASN D 128 -46.46 -5.80 22.40
CA ASN D 128 -47.36 -5.68 21.25
C ASN D 128 -47.20 -4.23 20.80
N ILE D 129 -46.28 -3.97 19.87
CA ILE D 129 -46.00 -2.61 19.41
C ILE D 129 -47.13 -1.78 18.79
N ILE D 130 -48.17 -2.42 18.26
CA ILE D 130 -49.28 -1.67 17.67
C ILE D 130 -50.34 -1.50 18.76
N VAL D 131 -50.36 -0.33 19.39
CA VAL D 131 -51.31 -0.03 20.45
C VAL D 131 -52.31 1.03 20.05
N PRO D 132 -53.59 0.65 19.87
CA PRO D 132 -54.64 1.62 19.47
C PRO D 132 -54.75 2.70 20.55
N PRO D 133 -55.05 3.94 20.13
CA PRO D 133 -55.18 5.10 21.02
C PRO D 133 -55.96 4.88 22.30
N GLU D 134 -57.15 4.28 22.20
CA GLU D 134 -57.95 4.04 23.40
C GLU D 134 -57.19 3.14 24.38
N ARG D 135 -56.57 2.09 23.86
CA ARG D 135 -55.81 1.15 24.69
C ARG D 135 -54.52 1.80 25.20
N ALA D 136 -53.96 2.71 24.40
CA ALA D 136 -52.73 3.37 24.80
C ALA D 136 -52.96 4.19 26.08
N LYS D 137 -54.16 4.74 26.20
CA LYS D 137 -54.54 5.54 27.36
C LYS D 137 -54.60 4.71 28.64
N GLU D 138 -55.18 3.52 28.55
CA GLU D 138 -55.29 2.62 29.70
C GLU D 138 -53.89 2.20 30.16
N LEU D 139 -53.08 1.70 29.23
CA LEU D 139 -51.73 1.25 29.55
C LEU D 139 -50.90 2.31 30.27
N VAL D 140 -51.04 3.57 29.88
CA VAL D 140 -50.27 4.61 30.55
C VAL D 140 -50.74 4.87 31.98
N ASN D 141 -52.04 4.86 32.19
CA ASN D 141 -52.58 5.09 33.52
C ASN D 141 -52.26 3.93 34.43
N LYS D 142 -52.29 2.73 33.89
CA LYS D 142 -51.97 1.56 34.70
C LYS D 142 -50.46 1.47 34.94
N THR D 143 -49.71 1.15 33.89
CA THR D 143 -48.27 0.98 33.99
C THR D 143 -47.36 2.20 33.80
N ASN D 144 -47.94 3.35 33.45
CA ASN D 144 -47.15 4.59 33.26
C ASN D 144 -46.21 4.53 32.04
N PHE D 145 -46.50 3.66 31.09
CA PHE D 145 -45.65 3.53 29.91
C PHE D 145 -46.47 3.04 28.74
N VAL D 146 -46.10 3.49 27.55
CA VAL D 146 -46.77 3.06 26.33
C VAL D 146 -45.93 3.41 25.11
N PHE D 147 -45.83 2.47 24.20
CA PHE D 147 -45.06 2.69 23.00
C PHE D 147 -45.97 3.18 21.88
N LEU D 148 -45.61 4.32 21.27
CA LEU D 148 -46.40 4.90 20.17
C LEU D 148 -45.65 4.61 18.86
N PHE D 149 -46.04 3.52 18.19
CA PHE D 149 -45.41 3.10 16.94
C PHE D 149 -45.61 4.13 15.81
N ALA D 150 -44.52 4.76 15.38
CA ALA D 150 -44.57 5.77 14.32
C ALA D 150 -45.35 5.37 13.07
N GLN D 151 -45.22 4.12 12.63
CA GLN D 151 -45.92 3.68 11.43
C GLN D 151 -47.43 3.54 11.62
N TYR D 152 -47.86 3.52 12.88
CA TYR D 152 -49.28 3.40 13.21
C TYR D 152 -49.90 4.76 13.54
N TYR D 153 -49.19 5.58 14.31
CA TYR D 153 -49.72 6.89 14.67
C TYR D 153 -49.56 7.99 13.62
N HIS D 154 -48.86 7.70 12.53
CA HIS D 154 -48.68 8.67 11.46
C HIS D 154 -49.06 7.94 10.18
N PRO D 155 -50.33 7.53 10.08
CA PRO D 155 -50.74 6.81 8.88
C PRO D 155 -50.48 7.50 7.53
N ALA D 156 -50.66 8.81 7.44
CA ALA D 156 -50.41 9.50 6.16
C ALA D 156 -48.95 9.33 5.71
N MET D 157 -48.05 9.05 6.65
CA MET D 157 -46.65 8.86 6.28
C MET D 157 -46.39 7.73 5.29
N LYS D 158 -47.35 6.83 5.10
CA LYS D 158 -47.12 5.75 4.15
C LYS D 158 -47.14 6.29 2.72
N ASN D 159 -47.58 7.53 2.54
CA ASN D 159 -47.63 8.14 1.21
C ASN D 159 -46.25 8.58 0.71
N VAL D 160 -45.31 8.75 1.62
CA VAL D 160 -43.97 9.19 1.25
C VAL D 160 -42.98 8.01 1.47
N ALA D 161 -43.56 6.85 1.78
CA ALA D 161 -42.81 5.63 2.05
C ALA D 161 -42.06 5.02 0.85
N ASN D 162 -42.73 4.90 -0.29
CA ASN D 162 -42.07 4.32 -1.46
C ASN D 162 -40.85 5.11 -1.91
N VAL D 163 -40.98 6.43 -1.91
CA VAL D 163 -39.89 7.32 -2.30
C VAL D 163 -38.72 7.23 -1.33
N ARG D 164 -39.03 7.28 -0.03
CA ARG D 164 -37.99 7.21 0.99
C ARG D 164 -37.21 5.90 0.93
N LYS D 165 -37.94 4.81 0.74
CA LYS D 165 -37.30 3.49 0.66
C LYS D 165 -36.46 3.42 -0.62
N THR D 166 -37.05 3.79 -1.74
CA THR D 166 -36.36 3.76 -3.02
C THR D 166 -35.10 4.62 -2.97
N LEU D 167 -35.23 5.87 -2.52
CA LEU D 167 -34.05 6.73 -2.44
C LEU D 167 -32.93 6.05 -1.66
N GLY D 168 -33.28 5.48 -0.52
CA GLY D 168 -32.32 4.78 0.31
C GLY D 168 -31.27 5.69 0.92
N ILE D 169 -31.63 6.95 1.16
CA ILE D 169 -30.70 7.90 1.76
C ILE D 169 -31.45 8.67 2.82
N ARG D 170 -30.70 9.37 3.67
CA ARG D 170 -31.28 10.19 4.73
C ARG D 170 -31.92 11.45 4.15
N THR D 171 -33.05 11.85 4.71
CA THR D 171 -33.71 13.06 4.25
C THR D 171 -34.22 13.84 5.45
N ILE D 172 -35.00 14.88 5.21
CA ILE D 172 -35.55 15.70 6.29
C ILE D 172 -36.43 14.87 7.25
N PHE D 173 -37.18 13.93 6.71
CA PHE D 173 -38.03 13.08 7.54
C PHE D 173 -37.22 12.23 8.54
N ASN D 174 -35.94 12.01 8.28
CA ASN D 174 -35.17 11.19 9.21
C ASN D 174 -34.79 11.90 10.50
N ILE D 175 -35.09 13.19 10.61
CA ILE D 175 -34.78 13.90 11.85
C ILE D 175 -36.03 14.55 12.45
N LEU D 176 -37.18 14.19 11.91
CA LEU D 176 -38.46 14.72 12.38
C LEU D 176 -39.15 13.78 13.36
N GLY D 177 -38.70 12.53 13.39
CA GLY D 177 -39.29 11.53 14.27
C GLY D 177 -39.59 11.99 15.68
N PRO D 178 -38.56 12.31 16.46
CA PRO D 178 -38.73 12.75 17.85
C PRO D 178 -39.46 14.07 18.08
N LEU D 179 -39.61 14.88 17.04
CA LEU D 179 -40.30 16.15 17.20
C LEU D 179 -41.77 16.03 16.90
N THR D 180 -42.23 14.79 16.70
CA THR D 180 -43.63 14.55 16.37
C THR D 180 -44.29 13.48 17.23
N ASN D 181 -44.01 13.51 18.53
CA ASN D 181 -44.57 12.57 19.49
C ASN D 181 -46.11 12.66 19.50
N PRO D 182 -46.79 11.54 19.21
CA PRO D 182 -48.26 11.47 19.17
C PRO D 182 -49.01 11.88 20.43
N ALA D 183 -48.35 11.84 21.58
CA ALA D 183 -48.99 12.22 22.83
C ALA D 183 -48.68 13.67 23.18
N ASN D 184 -48.00 14.36 22.27
CA ASN D 184 -47.68 15.76 22.49
C ASN D 184 -46.86 15.95 23.77
N ALA D 185 -45.98 15.01 24.07
CA ALA D 185 -45.18 15.10 25.30
C ALA D 185 -44.39 16.41 25.35
N LYS D 186 -44.47 17.08 26.49
CA LYS D 186 -43.80 18.36 26.71
C LYS D 186 -42.39 18.20 27.29
N TYR D 187 -42.07 17.00 27.75
CA TYR D 187 -40.74 16.74 28.31
C TYR D 187 -40.07 15.67 27.48
N GLN D 188 -38.80 15.86 27.17
CA GLN D 188 -38.09 14.88 26.37
C GLN D 188 -36.57 15.06 26.27
N LEU D 189 -35.87 13.95 26.07
CA LEU D 189 -34.42 13.93 25.89
C LEU D 189 -34.27 13.49 24.45
N MET D 190 -33.95 14.42 23.55
CA MET D 190 -33.82 14.07 22.14
C MET D 190 -32.40 13.93 21.64
N GLY D 191 -32.07 12.74 21.13
CA GLY D 191 -30.74 12.51 20.62
C GLY D 191 -30.56 13.03 19.20
N VAL D 192 -29.32 13.41 18.88
CA VAL D 192 -28.97 13.91 17.56
C VAL D 192 -27.67 13.24 17.09
N PHE D 193 -27.57 12.90 15.82
CA PHE D 193 -26.36 12.22 15.34
C PHE D 193 -25.21 13.13 14.87
N SER D 194 -25.32 14.44 15.11
CA SER D 194 -24.24 15.34 14.71
C SER D 194 -24.35 16.72 15.36
N LYS D 195 -23.21 17.31 15.68
CA LYS D 195 -23.18 18.64 16.30
C LYS D 195 -23.95 19.67 15.48
N ASP D 196 -23.79 19.62 14.16
CA ASP D 196 -24.47 20.57 13.29
C ASP D 196 -25.97 20.53 13.53
N HIS D 197 -26.54 19.34 13.52
CA HIS D 197 -27.97 19.20 13.75
C HIS D 197 -28.36 19.56 15.17
N LEU D 198 -27.41 19.45 16.08
CA LEU D 198 -27.65 19.79 17.49
C LEU D 198 -28.05 21.26 17.55
N ASP D 199 -27.50 22.06 16.65
CA ASP D 199 -27.80 23.48 16.60
C ASP D 199 -29.12 23.73 15.88
N LEU D 200 -29.25 23.14 14.69
CA LEU D 200 -30.44 23.27 13.87
C LEU D 200 -31.70 22.82 14.61
N LEU D 201 -31.65 21.60 15.12
CA LEU D 201 -32.78 21.03 15.83
C LEU D 201 -33.15 21.76 17.11
N SER D 202 -32.16 22.16 17.90
CA SER D 202 -32.46 22.87 19.14
C SER D 202 -33.24 24.16 18.85
N LYS D 203 -32.77 24.92 17.87
CA LYS D 203 -33.45 26.17 17.50
C LYS D 203 -34.87 25.91 16.99
N SER D 204 -35.05 24.80 16.28
CA SER D 204 -36.36 24.42 15.75
C SER D 204 -37.28 24.00 16.89
N ALA D 205 -36.75 23.19 17.80
CA ALA D 205 -37.50 22.71 18.95
C ALA D 205 -38.05 23.89 19.73
N TYR D 206 -37.20 24.90 19.91
CA TYR D 206 -37.58 26.10 20.64
C TYR D 206 -38.91 26.68 20.18
N GLU D 207 -39.31 26.37 18.95
CA GLU D 207 -40.56 26.89 18.42
C GLU D 207 -41.64 25.82 18.29
N LEU D 208 -41.32 24.59 18.67
CA LEU D 208 -42.27 23.49 18.59
C LEU D 208 -43.07 23.30 19.89
N ASP D 209 -43.09 24.33 20.73
CA ASP D 209 -43.87 24.38 21.97
C ASP D 209 -43.65 23.32 23.06
N PHE D 210 -42.41 23.13 23.49
CA PHE D 210 -42.10 22.18 24.55
C PHE D 210 -41.97 22.94 25.88
N ASN D 211 -41.99 22.22 26.98
CA ASN D 211 -41.83 22.82 28.30
C ASN D 211 -40.33 22.77 28.54
N LYS D 212 -39.75 21.63 28.23
CA LYS D 212 -38.32 21.42 28.36
C LYS D 212 -37.93 20.19 27.55
N ILE D 213 -36.94 20.36 26.68
CA ILE D 213 -36.44 19.27 25.86
C ILE D 213 -34.94 19.43 25.77
N ILE D 214 -34.21 18.35 26.00
CA ILE D 214 -32.76 18.39 25.94
C ILE D 214 -32.24 17.59 24.76
N LEU D 215 -31.48 18.24 23.90
CA LEU D 215 -30.91 17.56 22.75
C LEU D 215 -29.46 17.23 23.07
N VAL D 216 -29.03 16.02 22.71
CA VAL D 216 -27.66 15.60 22.99
C VAL D 216 -26.97 14.92 21.81
N TYR D 217 -25.66 15.07 21.73
CA TYR D 217 -24.87 14.42 20.69
C TYR D 217 -23.70 13.74 21.40
N GLY D 218 -23.64 12.41 21.31
CA GLY D 218 -22.59 11.65 21.96
C GLY D 218 -21.24 11.85 21.31
N GLU D 219 -20.16 11.72 22.08
CA GLU D 219 -18.81 11.93 21.56
C GLU D 219 -18.37 10.94 20.47
N PRO D 220 -18.47 9.64 20.75
CA PRO D 220 -18.04 8.69 19.71
C PRO D 220 -18.68 8.99 18.36
N GLY D 221 -19.89 9.55 18.40
CA GLY D 221 -20.62 9.87 17.19
C GLY D 221 -21.99 9.22 17.23
N ILE D 222 -22.66 9.36 18.36
CA ILE D 222 -23.98 8.78 18.54
C ILE D 222 -24.90 9.84 19.13
N ASP D 223 -26.21 9.58 19.07
CA ASP D 223 -27.16 10.54 19.60
C ASP D 223 -27.69 10.05 20.95
N GLU D 224 -26.77 10.01 21.90
CA GLU D 224 -27.03 9.59 23.26
C GLU D 224 -26.06 10.39 24.08
N VAL D 225 -26.18 10.29 25.40
CA VAL D 225 -25.22 10.95 26.25
C VAL D 225 -24.02 10.03 26.02
N SER D 226 -22.90 10.61 25.61
CA SER D 226 -21.70 9.83 25.33
C SER D 226 -21.26 8.88 26.44
N PRO D 227 -21.05 7.60 26.10
CA PRO D 227 -20.62 6.55 27.03
C PRO D 227 -19.08 6.40 27.08
N ILE D 228 -18.36 7.18 26.28
CA ILE D 228 -16.89 7.09 26.27
C ILE D 228 -16.19 8.45 26.37
N GLY D 229 -16.93 9.50 26.70
CA GLY D 229 -16.30 10.81 26.78
C GLY D 229 -17.21 12.01 26.83
N ASN D 230 -17.06 12.92 25.87
CA ASN D 230 -17.86 14.14 25.86
C ASN D 230 -19.29 14.04 25.31
N THR D 231 -20.15 14.87 25.88
CA THR D 231 -21.54 14.93 25.47
C THR D 231 -21.86 16.40 25.28
N PHE D 232 -22.38 16.73 24.11
CA PHE D 232 -22.77 18.12 23.86
C PHE D 232 -24.28 18.14 23.86
N MET D 233 -24.86 19.10 24.58
CA MET D 233 -26.30 19.19 24.65
C MET D 233 -26.82 20.62 24.74
N LYS D 234 -28.10 20.76 24.41
CA LYS D 234 -28.79 22.03 24.47
C LYS D 234 -30.10 21.80 25.19
N ILE D 235 -30.34 22.61 26.22
CA ILE D 235 -31.52 22.51 27.03
C ILE D 235 -32.49 23.60 26.61
N VAL D 236 -33.54 23.20 25.89
CA VAL D 236 -34.53 24.12 25.38
C VAL D 236 -35.78 24.23 26.24
N SER D 237 -36.16 25.47 26.55
CA SER D 237 -37.33 25.74 27.37
C SER D 237 -38.02 27.00 26.88
N LYS D 238 -39.14 27.35 27.49
CA LYS D 238 -39.90 28.53 27.12
C LYS D 238 -39.02 29.78 27.27
N ARG D 239 -38.06 29.72 28.18
CA ARG D 239 -37.18 30.84 28.45
C ARG D 239 -35.92 30.94 27.60
N GLY D 240 -35.64 29.92 26.80
CA GLY D 240 -34.46 29.97 25.97
C GLY D 240 -33.70 28.67 25.80
N ILE D 241 -32.53 28.77 25.19
CA ILE D 241 -31.69 27.61 24.93
C ILE D 241 -30.36 27.70 25.67
N GLU D 242 -30.17 26.80 26.64
CA GLU D 242 -28.94 26.78 27.42
C GLU D 242 -27.98 25.73 26.88
N GLU D 243 -26.70 26.05 26.84
CA GLU D 243 -25.70 25.10 26.35
C GLU D 243 -24.94 24.48 27.49
N VAL D 244 -24.61 23.21 27.34
CA VAL D 244 -23.89 22.48 28.37
C VAL D 244 -23.04 21.38 27.77
N LYS D 245 -21.76 21.35 28.16
CA LYS D 245 -20.89 20.29 27.69
C LYS D 245 -20.85 19.33 28.87
N LEU D 246 -20.35 18.13 28.66
CA LEU D 246 -20.33 17.14 29.73
C LEU D 246 -19.49 15.95 29.34
N ASN D 247 -18.80 15.36 30.32
CA ASN D 247 -17.98 14.19 30.05
C ASN D 247 -18.63 13.01 30.74
N VAL D 248 -18.32 11.80 30.28
CA VAL D 248 -18.92 10.60 30.85
C VAL D 248 -18.46 10.37 32.29
N THR D 249 -17.35 11.01 32.68
CA THR D 249 -16.84 10.84 34.04
C THR D 249 -17.64 11.69 35.02
N ASP D 250 -18.26 12.76 34.52
CA ASP D 250 -19.07 13.64 35.37
C ASP D 250 -20.24 12.88 35.96
N PHE D 251 -20.31 11.58 35.67
CA PHE D 251 -21.38 10.74 36.19
C PHE D 251 -20.77 9.82 37.24
N GLY D 252 -19.59 10.20 37.73
CA GLY D 252 -18.91 9.41 38.73
C GLY D 252 -18.66 7.99 38.25
N ILE D 253 -18.38 7.84 36.96
CA ILE D 253 -18.14 6.52 36.37
C ILE D 253 -16.93 6.57 35.43
N SER D 254 -16.43 5.39 35.05
CA SER D 254 -15.29 5.30 34.14
C SER D 254 -15.77 5.01 32.71
N PRO D 255 -15.09 5.59 31.70
CA PRO D 255 -15.44 5.40 30.28
C PRO D 255 -15.81 3.96 29.96
N ILE D 256 -16.91 3.81 29.23
CA ILE D 256 -17.41 2.49 28.88
C ILE D 256 -16.89 1.99 27.54
N PRO D 257 -16.54 0.70 27.48
CA PRO D 257 -16.03 0.09 26.24
C PRO D 257 -17.16 0.03 25.21
N ILE D 258 -17.14 0.99 24.30
CA ILE D 258 -18.16 1.09 23.27
C ILE D 258 -18.39 -0.19 22.48
N GLU D 259 -17.37 -1.02 22.34
CA GLU D 259 -17.56 -2.25 21.59
C GLU D 259 -18.45 -3.24 22.33
N LYS D 260 -18.69 -2.98 23.62
CA LYS D 260 -19.55 -3.84 24.43
C LYS D 260 -20.96 -3.28 24.57
N LEU D 261 -21.27 -2.27 23.76
CA LEU D 261 -22.58 -1.65 23.77
C LEU D 261 -23.22 -1.82 22.39
N ILE D 262 -22.52 -2.56 21.53
CA ILE D 262 -22.96 -2.79 20.17
C ILE D 262 -23.78 -4.06 20.04
N VAL D 263 -24.92 -3.95 19.36
CA VAL D 263 -25.83 -5.08 19.14
C VAL D 263 -25.80 -5.56 17.69
N ASN D 264 -26.28 -6.76 17.43
CA ASN D 264 -26.27 -7.31 16.08
C ASN D 264 -27.62 -7.87 15.65
N SER D 265 -28.64 -7.65 16.48
CA SER D 265 -29.98 -8.12 16.17
C SER D 265 -30.97 -7.67 17.23
N ALA D 266 -32.25 -7.84 16.94
CA ALA D 266 -33.30 -7.46 17.87
C ALA D 266 -33.11 -8.19 19.19
N GLU D 267 -33.08 -9.51 19.13
CA GLU D 267 -32.93 -10.34 20.33
C GLU D 267 -31.62 -10.07 21.06
N ASP D 268 -30.59 -9.76 20.29
CA ASP D 268 -29.28 -9.47 20.85
C ASP D 268 -29.41 -8.27 21.78
N SER D 269 -30.22 -7.31 21.38
CA SER D 269 -30.45 -6.09 22.14
C SER D 269 -31.32 -6.35 23.36
N ALA D 270 -32.34 -7.18 23.18
CA ALA D 270 -33.24 -7.52 24.27
C ALA D 270 -32.41 -8.22 25.35
N ILE D 271 -31.63 -9.20 24.94
CA ILE D 271 -30.78 -9.94 25.87
C ILE D 271 -29.84 -8.99 26.61
N LYS D 272 -29.20 -8.06 25.91
CA LYS D 272 -28.30 -7.12 26.55
C LYS D 272 -29.05 -6.35 27.64
N ILE D 273 -30.15 -5.72 27.23
CA ILE D 273 -30.96 -4.94 28.14
C ILE D 273 -31.37 -5.73 29.38
N VAL D 274 -31.97 -6.90 29.16
CA VAL D 274 -32.40 -7.75 30.27
C VAL D 274 -31.20 -8.04 31.20
N ARG D 275 -30.08 -8.42 30.62
CA ARG D 275 -28.88 -8.72 31.40
C ARG D 275 -28.52 -7.56 32.32
N ALA D 276 -28.65 -6.34 31.80
CA ALA D 276 -28.33 -5.15 32.59
C ALA D 276 -29.30 -5.05 33.76
N PHE D 277 -30.55 -5.44 33.51
CA PHE D 277 -31.59 -5.41 34.53
C PHE D 277 -31.36 -6.47 35.59
N LEU D 278 -30.74 -7.57 35.17
CA LEU D 278 -30.43 -8.68 36.08
C LEU D 278 -29.12 -8.34 36.77
N GLY D 279 -28.63 -7.12 36.53
CA GLY D 279 -27.38 -6.69 37.14
C GLY D 279 -26.17 -7.48 36.67
N LYS D 280 -26.31 -8.20 35.56
CA LYS D 280 -25.23 -9.02 34.99
C LYS D 280 -24.41 -8.32 33.92
N ASP D 281 -24.73 -7.06 33.65
CA ASP D 281 -23.98 -6.34 32.63
C ASP D 281 -23.82 -4.88 33.01
N GLU D 282 -22.81 -4.61 33.82
CA GLU D 282 -22.51 -3.27 34.29
C GLU D 282 -22.33 -2.24 33.18
N HIS D 283 -21.60 -2.60 32.13
CA HIS D 283 -21.38 -1.66 31.03
C HIS D 283 -22.68 -1.26 30.35
N VAL D 284 -23.45 -2.25 29.90
CA VAL D 284 -24.73 -1.95 29.28
C VAL D 284 -25.61 -1.24 30.30
N ALA D 285 -25.44 -1.56 31.58
CA ALA D 285 -26.23 -0.96 32.65
C ALA D 285 -25.84 0.49 32.89
N GLU D 286 -24.54 0.76 32.85
CA GLU D 286 -24.02 2.12 33.07
C GLU D 286 -24.45 3.06 31.94
N PHE D 287 -24.48 2.52 30.72
CA PHE D 287 -24.88 3.30 29.56
C PHE D 287 -26.34 3.75 29.73
N ILE D 288 -27.19 2.82 30.19
CA ILE D 288 -28.60 3.13 30.39
C ILE D 288 -28.80 4.22 31.43
N LYS D 289 -28.10 4.12 32.55
CA LYS D 289 -28.23 5.10 33.63
C LYS D 289 -27.76 6.54 33.34
N ILE D 290 -26.67 6.71 32.59
CA ILE D 290 -26.23 8.08 32.30
C ILE D 290 -27.27 8.77 31.43
N ASN D 291 -27.89 8.01 30.52
CA ASN D 291 -28.92 8.57 29.65
C ASN D 291 -30.15 8.86 30.52
N THR D 292 -30.58 7.88 31.30
CA THR D 292 -31.73 8.04 32.18
C THR D 292 -31.52 9.25 33.10
N ALA D 293 -30.29 9.39 33.61
CA ALA D 293 -29.94 10.50 34.51
C ALA D 293 -30.22 11.85 33.90
N VAL D 294 -29.89 12.01 32.61
CA VAL D 294 -30.13 13.28 31.93
C VAL D 294 -31.62 13.53 31.72
N ALA D 295 -32.38 12.48 31.45
CA ALA D 295 -33.81 12.62 31.24
C ALA D 295 -34.47 13.03 32.55
N LEU D 296 -33.89 12.56 33.66
CA LEU D 296 -34.39 12.87 34.98
C LEU D 296 -34.16 14.36 35.22
N PHE D 297 -32.98 14.83 34.82
CA PHE D 297 -32.65 16.23 34.99
C PHE D 297 -33.67 17.06 34.20
N ALA D 298 -34.14 16.52 33.08
CA ALA D 298 -35.11 17.20 32.23
C ALA D 298 -36.47 17.29 32.93
N LEU D 299 -36.79 16.28 33.73
CA LEU D 299 -38.05 16.26 34.48
C LEU D 299 -37.87 17.08 35.76
N ASP D 300 -36.66 17.60 35.95
CA ASP D 300 -36.32 18.38 37.13
C ASP D 300 -36.56 17.64 38.43
N ARG D 301 -36.23 16.35 38.43
CA ARG D 301 -36.37 15.50 39.60
C ARG D 301 -35.02 15.39 40.30
N VAL D 302 -34.00 15.99 39.69
CA VAL D 302 -32.65 16.00 40.22
C VAL D 302 -32.07 17.39 39.96
N GLY D 303 -31.08 17.79 40.75
CA GLY D 303 -30.49 19.10 40.57
C GLY D 303 -29.17 19.08 39.83
N ASP D 304 -28.65 17.89 39.59
CA ASP D 304 -27.38 17.72 38.89
C ASP D 304 -27.36 16.33 38.25
N PHE D 305 -26.49 16.15 37.27
CA PHE D 305 -26.40 14.87 36.59
C PHE D 305 -25.83 13.73 37.43
N ARG D 306 -25.17 14.08 38.53
CA ARG D 306 -24.61 13.05 39.40
C ARG D 306 -25.74 12.43 40.22
N GLU D 307 -26.70 13.25 40.62
CA GLU D 307 -27.83 12.76 41.40
C GLU D 307 -28.66 11.85 40.50
N GLY D 308 -28.99 12.36 39.31
CA GLY D 308 -29.76 11.59 38.37
C GLY D 308 -29.17 10.21 38.14
N TYR D 309 -27.84 10.13 38.09
CA TYR D 309 -27.17 8.85 37.90
C TYR D 309 -27.33 8.00 39.16
N GLU D 310 -27.41 8.66 40.31
CA GLU D 310 -27.56 7.96 41.58
C GLU D 310 -29.00 7.46 41.67
N TYR D 311 -29.94 8.37 41.47
CA TYR D 311 -31.36 8.02 41.52
C TYR D 311 -31.66 6.96 40.46
N ALA D 312 -30.97 7.06 39.33
CA ALA D 312 -31.17 6.10 38.25
C ALA D 312 -30.71 4.73 38.71
N ASP D 313 -29.79 4.71 39.66
CA ASP D 313 -29.26 3.46 40.19
C ASP D 313 -30.36 2.70 40.94
N HIS D 314 -31.25 3.46 41.57
CA HIS D 314 -32.36 2.87 42.30
C HIS D 314 -33.34 2.25 41.31
N LEU D 315 -33.74 3.06 40.33
CA LEU D 315 -34.70 2.62 39.33
C LEU D 315 -34.35 1.33 38.60
N ILE D 316 -33.12 1.22 38.12
CA ILE D 316 -32.73 0.03 37.38
C ILE D 316 -32.95 -1.27 38.15
N GLU D 317 -32.83 -1.20 39.47
CA GLU D 317 -33.04 -2.37 40.32
C GLU D 317 -34.47 -2.92 40.18
N LYS D 318 -35.43 -2.02 40.03
CA LYS D 318 -36.84 -2.39 39.90
C LYS D 318 -37.27 -2.46 38.43
N SER D 319 -36.33 -2.26 37.52
CA SER D 319 -36.64 -2.26 36.10
C SER D 319 -37.11 -3.55 35.48
N LEU D 320 -36.49 -4.67 35.82
CA LEU D 320 -36.91 -5.94 35.23
C LEU D 320 -38.36 -6.24 35.60
N ASP D 321 -38.75 -5.91 36.82
CA ASP D 321 -40.11 -6.16 37.26
C ASP D 321 -41.11 -5.24 36.57
N LYS D 322 -40.73 -3.99 36.38
CA LYS D 322 -41.59 -3.04 35.70
C LYS D 322 -41.80 -3.56 34.28
N LEU D 323 -40.72 -4.01 33.67
CA LEU D 323 -40.78 -4.51 32.30
C LEU D 323 -41.72 -5.68 32.21
N ASN D 324 -41.60 -6.59 33.16
CA ASN D 324 -42.46 -7.75 33.18
C ASN D 324 -43.92 -7.29 33.29
N GLU D 325 -44.17 -6.33 34.16
CA GLU D 325 -45.52 -5.81 34.33
C GLU D 325 -46.06 -5.20 33.04
N ILE D 326 -45.23 -4.42 32.35
CA ILE D 326 -45.60 -3.76 31.10
C ILE D 326 -45.98 -4.74 30.01
N ILE D 327 -45.08 -5.68 29.75
CA ILE D 327 -45.29 -6.69 28.74
C ILE D 327 -46.47 -7.60 29.05
N SER D 328 -46.63 -7.97 30.32
CA SER D 328 -47.73 -8.86 30.65
C SER D 328 -49.11 -8.21 30.39
N MET D 329 -49.17 -6.88 30.43
CA MET D 329 -50.43 -6.17 30.18
C MET D 329 -50.71 -5.89 28.68
N ASN D 330 -49.65 -5.78 27.89
CA ASN D 330 -49.80 -5.54 26.45
C ASN D 330 -48.72 -6.32 25.75
N GLY D 331 -48.89 -7.64 25.69
CA GLY D 331 -47.89 -8.47 25.05
C GLY D 331 -47.83 -9.88 25.57
N ASP D 332 -46.80 -10.60 25.14
CA ASP D 332 -46.59 -12.00 25.50
C ASP D 332 -45.43 -12.16 26.49
N VAL D 333 -45.75 -12.27 27.78
CA VAL D 333 -44.71 -12.41 28.80
C VAL D 333 -43.86 -13.66 28.58
N THR D 334 -44.44 -14.64 27.89
CA THR D 334 -43.73 -15.89 27.58
C THR D 334 -42.42 -15.60 26.85
N LYS D 335 -42.49 -14.81 25.78
CA LYS D 335 -41.30 -14.46 25.01
C LYS D 335 -40.29 -13.84 25.95
N LEU D 336 -40.77 -12.89 26.76
CA LEU D 336 -39.90 -12.20 27.69
C LEU D 336 -39.07 -13.16 28.54
N LYS D 337 -39.73 -14.14 29.14
CA LYS D 337 -39.04 -15.10 29.99
C LYS D 337 -38.04 -15.96 29.22
N THR D 338 -38.25 -16.14 27.93
CA THR D 338 -37.31 -16.90 27.12
C THR D 338 -36.03 -16.04 27.03
N ILE D 339 -36.23 -14.74 26.86
CA ILE D 339 -35.13 -13.81 26.77
C ILE D 339 -34.46 -13.75 28.13
N VAL D 340 -35.25 -13.85 29.18
CA VAL D 340 -34.70 -13.82 30.54
C VAL D 340 -33.82 -15.05 30.69
N VAL D 341 -34.36 -16.19 30.27
CA VAL D 341 -33.63 -17.45 30.33
C VAL D 341 -32.34 -17.33 29.53
N LYS D 342 -32.43 -16.79 28.32
CA LYS D 342 -31.25 -16.63 27.46
C LYS D 342 -30.24 -15.69 28.08
N SER D 343 -30.73 -14.65 28.74
CA SER D 343 -29.86 -13.68 29.38
C SER D 343 -29.09 -14.39 30.49
N SER D 344 -29.75 -15.39 31.08
CA SER D 344 -29.25 -16.22 32.17
C SER D 344 -30.18 -16.05 33.37
MG MG E . -27.29 25.97 -32.54
MG MG F . -27.55 30.13 -31.75
C1 PRP G . -27.56 28.09 -33.29
C2 PRP G . -26.11 27.95 -32.76
C3 PRP G . -26.30 28.13 -31.29
C4 PRP G . -27.67 27.54 -31.00
C5 PRP G . -28.47 28.26 -30.01
O1 PRP G . -27.71 27.36 -34.55
O2 PRP G . -25.57 26.68 -33.08
O3 PRP G . -25.21 27.42 -30.67
O4 PRP G . -28.37 27.55 -32.29
O5 PRP G . -28.50 29.68 -30.19
P PRP G . -29.77 30.48 -30.80
O1P PRP G . -31.03 29.88 -30.20
O2P PRP G . -29.58 31.97 -30.48
O3P PRP G . -29.67 30.20 -32.31
PA PRP G . -29.14 26.72 -34.93
O1A PRP G . -30.18 27.74 -34.92
O2A PRP G . -28.99 26.00 -36.20
O3A PRP G . -29.41 25.77 -33.67
PB PRP G . -28.61 24.44 -33.09
O1B PRP G . -29.10 24.39 -31.63
O2B PRP G . -27.14 24.68 -33.21
O3B PRP G . -29.06 23.27 -33.93
C BE2 H . -30.79 19.39 -28.21
O BE2 H . -31.00 20.43 -27.57
OXT BE2 H . -31.59 18.35 -28.09
C1 BE2 H . -29.63 19.22 -29.15
CA BE2 H . -28.69 20.30 -29.36
C3 BE2 H . -27.57 20.14 -30.26
N BE2 H . -28.77 21.50 -28.74
C4 BE2 H . -27.38 18.92 -30.96
C5 BE2 H . -28.26 17.85 -30.79
C6 BE2 H . -29.44 18.00 -29.86
C BE2 I . -33.24 14.39 -27.23
O BE2 I . -34.11 15.04 -26.63
OXT BE2 I . -33.59 13.49 -28.14
C1 BE2 I . -31.78 14.57 -27.01
CA BE2 I . -31.27 15.52 -26.05
C3 BE2 I . -29.86 15.68 -25.84
N BE2 I . -32.08 16.32 -25.30
C4 BE2 I . -28.93 14.91 -26.56
C5 BE2 I . -29.36 13.96 -27.52
C6 BE2 I . -30.83 13.78 -27.75
MG MG J . 36.52 -4.33 -19.43
MG MG K . 36.83 -0.16 -18.55
C1 PRP L . 36.58 -2.16 -20.14
C2 PRP L . 37.98 -2.50 -19.56
C3 PRP L . 37.78 -2.33 -18.10
C4 PRP L . 36.33 -2.75 -17.87
C5 PRP L . 35.61 -1.95 -16.88
O1 PRP L . 36.36 -2.82 -21.41
O2 PRP L . 38.35 -3.83 -19.91
O3 PRP L . 38.75 -3.18 -17.46
O4 PRP L . 35.68 -2.61 -19.19
O5 PRP L . 35.78 -0.53 -17.02
P PRP L . 34.66 0.46 -17.64
O1P PRP L . 33.31 0.04 -17.08
O2P PRP L . 35.04 1.91 -17.27
O3P PRP L . 34.75 0.20 -19.15
PA PRP L . 34.87 -3.25 -21.83
O1A PRP L . 33.99 -2.09 -21.82
O2A PRP L . 34.96 -3.97 -23.12
O3A PRP L . 34.46 -4.19 -20.61
PB PRP L . 35.06 -5.64 -20.07
O1B PRP L . 34.54 -5.69 -18.62
O2B PRP L . 36.56 -5.62 -20.13
O3B PRP L . 34.48 -6.70 -20.96
C BE2 M . 29.35 -15.32 -14.35
O BE2 M . 28.67 -14.44 -13.80
OXT BE2 M . 28.79 -16.25 -15.09
C1 BE2 M . 30.85 -15.39 -14.21
CA BE2 M . 31.58 -14.42 -13.41
C3 BE2 M . 33.01 -14.50 -13.29
N BE2 M . 30.99 -13.40 -12.75
C4 BE2 M . 33.73 -15.52 -13.93
C5 BE2 M . 33.08 -16.50 -14.72
C6 BE2 M . 31.60 -16.43 -14.87
C BE2 N . 32.59 -10.78 -15.25
O BE2 N . 32.53 -9.83 -14.47
OXT BE2 N . 31.70 -11.74 -15.21
C1 BE2 N . 33.67 -10.90 -16.27
CA BE2 N . 34.70 -9.90 -16.40
C3 BE2 N . 35.73 -10.03 -17.38
N BE2 N . 34.75 -8.79 -15.61
C4 BE2 N . 35.77 -11.14 -18.26
C5 BE2 N . 34.79 -12.15 -18.19
C6 BE2 N . 33.71 -12.04 -17.16
MG MG O . 25.38 -26.42 31.39
MG MG P . 29.49 -27.18 32.27
C1 PRP Q . 26.96 -27.58 32.53
C2 PRP Q . 27.01 -26.12 33.03
C3 PRP Q . 27.86 -25.46 31.99
C4 PRP Q . 27.50 -26.20 30.70
C5 PRP Q . 28.62 -26.43 29.79
O1 PRP Q . 25.76 -28.26 33.00
O2 PRP Q . 25.70 -25.58 33.10
O3 PRP Q . 27.46 -24.07 32.00
O4 PRP Q . 26.96 -27.49 31.14
O5 PRP Q . 29.80 -26.90 30.44
P PRP Q . 30.34 -28.43 30.35
O1P PRP Q . 30.15 -28.89 28.92
O2P PRP Q . 31.80 -28.46 30.82
O3P PRP Q . 29.41 -29.16 31.32
PA PRP Q . 25.08 -29.43 32.10
O1A PRP Q . 26.07 -30.48 31.84
O2A PRP Q . 23.86 -29.88 32.80
O3A PRP Q . 24.81 -28.66 30.72
PB PRP Q . 23.82 -27.38 30.35
O1B PRP Q . 24.41 -26.89 29.02
O2B PRP Q . 23.89 -26.35 31.44
O3B PRP Q . 22.44 -27.94 30.22
C BE2 R . 16.87 -24.54 20.22
O BE2 R . 17.63 -25.23 19.51
OXT BE2 R . 15.58 -24.79 20.27
C1 BE2 R . 17.35 -23.41 21.07
CA BE2 R . 18.75 -23.04 21.10
C3 BE2 R . 19.21 -21.95 21.91
N BE2 R . 19.72 -23.68 20.38
C4 BE2 R . 18.31 -21.22 22.70
C5 BE2 R . 16.93 -21.52 22.71
C6 BE2 R . 16.44 -22.66 21.87
C BE2 S . 21.74 -24.58 23.89
O BE2 S . 22.96 -24.73 23.70
OXT BE2 S . 20.88 -24.70 22.90
C1 BE2 S . 21.17 -24.26 25.23
CA BE2 S . 22.02 -24.11 26.39
C3 BE2 S . 21.45 -23.80 27.67
N BE2 S . 23.37 -24.25 26.34
C4 BE2 S . 20.06 -23.63 27.83
C5 BE2 S . 19.19 -23.77 26.73
C6 BE2 S . 19.75 -24.10 25.39
MG MG T . -33.50 6.50 20.25
MG MG U . -29.24 6.15 20.56
C1 PRP V . -31.67 5.51 21.17
C2 PRP V . -31.69 6.98 21.65
C3 PRP V . -31.07 7.71 20.51
C4 PRP V . -31.51 6.92 19.29
C5 PRP V . -30.49 6.80 18.23
O1 PRP V . -32.73 4.74 21.80
O2 PRP V . -33.03 7.40 21.88
O3 PRP V . -31.59 9.06 20.57
O4 PRP V . -31.85 5.59 19.79
O5 PRP V . -29.19 6.45 18.72
P PRP V . -28.55 4.98 18.57
O1P PRP V . -28.86 4.48 17.17
O2P PRP V . -27.04 5.07 18.85
O3P PRP V . -29.28 4.16 19.65
PA PRP V . -33.39 3.49 21.01
O1A PRP V . -32.37 2.53 20.61
O2A PRP V . -34.47 2.95 21.84
O3A PRP V . -33.92 4.22 19.67
PB PRP V . -35.05 5.40 19.40
O1B PRP V . -34.68 5.92 18.02
O2B PRP V . -34.93 6.45 20.47
O3B PRP V . -36.38 4.72 19.44
C BE2 W . -38.00 7.29 12.91
O BE2 W . -36.81 7.29 12.55
OXT BE2 W . -38.93 6.90 12.09
C1 BE2 W . -38.45 7.71 14.26
CA BE2 W . -37.50 8.15 15.25
C3 BE2 W . -37.93 8.56 16.56
N BE2 W . -36.18 8.21 15.01
C4 BE2 W . -39.29 8.54 16.90
C5 BE2 W . -40.27 8.13 15.98
C6 BE2 W . -39.84 7.68 14.62
C BE2 X . -42.54 6.43 9.38
O BE2 X . -41.59 5.85 8.82
OXT BE2 X . -43.76 5.94 9.32
C1 BE2 X . -42.37 7.69 10.14
CA BE2 X . -41.08 8.31 10.27
C3 BE2 X . -40.92 9.53 11.00
N BE2 X . -39.95 7.81 9.72
C4 BE2 X . -42.02 10.14 11.62
C5 BE2 X . -43.31 9.58 11.54
C6 BE2 X . -43.49 8.31 10.78
#